data_1ECM
# 
_entry.id   1ECM 
# 
_audit_conform.dict_name       mmcif_pdbx.dic 
_audit_conform.dict_version    5.385 
_audit_conform.dict_location   http://mmcif.pdb.org/dictionaries/ascii/mmcif_pdbx.dic 
# 
loop_
_database_2.database_id 
_database_2.database_code 
_database_2.pdbx_database_accession 
_database_2.pdbx_DOI 
PDB   1ECM         pdb_00001ecm 10.2210/pdb1ecm/pdb 
WWPDB D_1000173011 ?            ?                   
# 
loop_
_pdbx_audit_revision_history.ordinal 
_pdbx_audit_revision_history.data_content_type 
_pdbx_audit_revision_history.major_revision 
_pdbx_audit_revision_history.minor_revision 
_pdbx_audit_revision_history.revision_date 
1 'Structure model' 1 0 1995-12-01 
2 'Structure model' 1 1 2008-03-24 
3 'Structure model' 1 2 2011-07-13 
4 'Structure model' 1 3 2024-02-07 
# 
_pdbx_audit_revision_details.ordinal             1 
_pdbx_audit_revision_details.revision_ordinal    1 
_pdbx_audit_revision_details.data_content_type   'Structure model' 
_pdbx_audit_revision_details.provider            repository 
_pdbx_audit_revision_details.type                'Initial release' 
_pdbx_audit_revision_details.description         ? 
_pdbx_audit_revision_details.details             ? 
# 
loop_
_pdbx_audit_revision_group.ordinal 
_pdbx_audit_revision_group.revision_ordinal 
_pdbx_audit_revision_group.data_content_type 
_pdbx_audit_revision_group.group 
1 2 'Structure model' 'Version format compliance' 
2 3 'Structure model' 'Derived calculations'      
3 3 'Structure model' 'Version format compliance' 
4 4 'Structure model' 'Data collection'           
5 4 'Structure model' 'Database references'       
6 4 'Structure model' 'Derived calculations'      
7 4 'Structure model' Other                       
# 
loop_
_pdbx_audit_revision_category.ordinal 
_pdbx_audit_revision_category.revision_ordinal 
_pdbx_audit_revision_category.data_content_type 
_pdbx_audit_revision_category.category 
1 4 'Structure model' chem_comp_atom       
2 4 'Structure model' chem_comp_bond       
3 4 'Structure model' database_2           
4 4 'Structure model' pdbx_database_status 
5 4 'Structure model' struct_site          
# 
loop_
_pdbx_audit_revision_item.ordinal 
_pdbx_audit_revision_item.revision_ordinal 
_pdbx_audit_revision_item.data_content_type 
_pdbx_audit_revision_item.item 
1 4 'Structure model' '_database_2.pdbx_DOI'                
2 4 'Structure model' '_database_2.pdbx_database_accession' 
3 4 'Structure model' '_pdbx_database_status.process_site'  
4 4 'Structure model' '_struct_site.pdbx_auth_asym_id'      
5 4 'Structure model' '_struct_site.pdbx_auth_comp_id'      
6 4 'Structure model' '_struct_site.pdbx_auth_seq_id'       
# 
_pdbx_database_status.status_code                     REL 
_pdbx_database_status.entry_id                        1ECM 
_pdbx_database_status.recvd_initial_deposition_date   1994-11-28 
_pdbx_database_status.deposit_site                    ? 
_pdbx_database_status.process_site                    BNL 
_pdbx_database_status.SG_entry                        . 
_pdbx_database_status.pdb_format_compatible           Y 
_pdbx_database_status.status_code_mr                  ? 
_pdbx_database_status.status_code_sf                  ? 
_pdbx_database_status.status_code_cs                  ? 
_pdbx_database_status.status_code_nmr_data            ? 
_pdbx_database_status.methods_development_category    ? 
# 
loop_
_audit_author.name 
_audit_author.pdbx_ordinal 
'Clardy, J.' 1 
'Lee, A.Y.'  2 
# 
_citation.id                        primary 
_citation.title                     'ATOMIC-STRUCTURE OF THE BURIED CATALYTIC POCKET OF ESCHERICHIA-COLI CHORISMATE MUTASE.' 
_citation.journal_abbrev            J.Am.Chem.Soc. 
_citation.journal_volume            117 
_citation.page_first                3627 
_citation.page_last                 3628 
_citation.year                      1995 
_citation.journal_id_ASTM           JACSAT 
_citation.country                   US 
_citation.journal_id_ISSN           0002-7863 
_citation.journal_id_CSD            0004 
_citation.book_publisher            ? 
_citation.pdbx_database_id_PubMed   -1 
_citation.pdbx_database_id_DOI      ? 
# 
loop_
_citation_author.citation_id 
_citation_author.name 
_citation_author.ordinal 
_citation_author.identifier_ORCID 
primary 'Lee, A.Y.'     1 ? 
primary 'Karplus, P.A.' 2 ? 
primary 'Ganem, B.'     3 ? 
primary 'Clardy, J.'    4 ? 
# 
loop_
_entity.id 
_entity.type 
_entity.src_method 
_entity.pdbx_description 
_entity.formula_weight 
_entity.pdbx_number_of_molecules 
_entity.pdbx_ec 
_entity.pdbx_mutation 
_entity.pdbx_fragment 
_entity.details 
1 polymer     man 'ENDO-OXABICYCLIC TRANSITION STATE ANALOGUE'                    12549.651 2  ? ? ? ? 
2 non-polymer syn '8-HYDROXY-2-OXA-BICYCLO[3.3.1]NON-6-ENE-3,5-DICARBOXYLIC ACID' 228.199   2  ? ? ? ? 
3 water       nat water                                                           18.015    77 ? ? ? ? 
# 
_entity_poly.entity_id                      1 
_entity_poly.type                           'polypeptide(L)' 
_entity_poly.nstd_linkage                   no 
_entity_poly.nstd_monomer                   no 
_entity_poly.pdbx_seq_one_letter_code       
;MTSENPLLALREKISALDEKLLALLAERRELAVEVGKAKLLSHRPVRDIDRERDLLERLITLGKAHHLDAHYITRLFQLI
IEDSVLTQQALLQQHLNKINPHSARIAFL
;
_entity_poly.pdbx_seq_one_letter_code_can   
;MTSENPLLALREKISALDEKLLALLAERRELAVEVGKAKLLSHRPVRDIDRERDLLERLITLGKAHHLDAHYITRLFQLI
IEDSVLTQQALLQQHLNKINPHSARIAFL
;
_entity_poly.pdbx_strand_id                 A,B 
_entity_poly.pdbx_target_identifier         ? 
# 
loop_
_pdbx_entity_nonpoly.entity_id 
_pdbx_entity_nonpoly.name 
_pdbx_entity_nonpoly.comp_id 
2 '8-HYDROXY-2-OXA-BICYCLO[3.3.1]NON-6-ENE-3,5-DICARBOXYLIC ACID' TSA 
3 water                                                           HOH 
# 
loop_
_entity_poly_seq.entity_id 
_entity_poly_seq.num 
_entity_poly_seq.mon_id 
_entity_poly_seq.hetero 
1 1   MET n 
1 2   THR n 
1 3   SER n 
1 4   GLU n 
1 5   ASN n 
1 6   PRO n 
1 7   LEU n 
1 8   LEU n 
1 9   ALA n 
1 10  LEU n 
1 11  ARG n 
1 12  GLU n 
1 13  LYS n 
1 14  ILE n 
1 15  SER n 
1 16  ALA n 
1 17  LEU n 
1 18  ASP n 
1 19  GLU n 
1 20  LYS n 
1 21  LEU n 
1 22  LEU n 
1 23  ALA n 
1 24  LEU n 
1 25  LEU n 
1 26  ALA n 
1 27  GLU n 
1 28  ARG n 
1 29  ARG n 
1 30  GLU n 
1 31  LEU n 
1 32  ALA n 
1 33  VAL n 
1 34  GLU n 
1 35  VAL n 
1 36  GLY n 
1 37  LYS n 
1 38  ALA n 
1 39  LYS n 
1 40  LEU n 
1 41  LEU n 
1 42  SER n 
1 43  HIS n 
1 44  ARG n 
1 45  PRO n 
1 46  VAL n 
1 47  ARG n 
1 48  ASP n 
1 49  ILE n 
1 50  ASP n 
1 51  ARG n 
1 52  GLU n 
1 53  ARG n 
1 54  ASP n 
1 55  LEU n 
1 56  LEU n 
1 57  GLU n 
1 58  ARG n 
1 59  LEU n 
1 60  ILE n 
1 61  THR n 
1 62  LEU n 
1 63  GLY n 
1 64  LYS n 
1 65  ALA n 
1 66  HIS n 
1 67  HIS n 
1 68  LEU n 
1 69  ASP n 
1 70  ALA n 
1 71  HIS n 
1 72  TYR n 
1 73  ILE n 
1 74  THR n 
1 75  ARG n 
1 76  LEU n 
1 77  PHE n 
1 78  GLN n 
1 79  LEU n 
1 80  ILE n 
1 81  ILE n 
1 82  GLU n 
1 83  ASP n 
1 84  SER n 
1 85  VAL n 
1 86  LEU n 
1 87  THR n 
1 88  GLN n 
1 89  GLN n 
1 90  ALA n 
1 91  LEU n 
1 92  LEU n 
1 93  GLN n 
1 94  GLN n 
1 95  HIS n 
1 96  LEU n 
1 97  ASN n 
1 98  LYS n 
1 99  ILE n 
1 100 ASN n 
1 101 PRO n 
1 102 HIS n 
1 103 SER n 
1 104 ALA n 
1 105 ARG n 
1 106 ILE n 
1 107 ALA n 
1 108 PHE n 
1 109 LEU n 
# 
_entity_src_gen.entity_id                          1 
_entity_src_gen.pdbx_src_id                        1 
_entity_src_gen.pdbx_alt_source_flag               sample 
_entity_src_gen.pdbx_seq_type                      ? 
_entity_src_gen.pdbx_beg_seq_num                   ? 
_entity_src_gen.pdbx_end_seq_num                   ? 
_entity_src_gen.gene_src_common_name               ? 
_entity_src_gen.gene_src_genus                     Escherichia 
_entity_src_gen.pdbx_gene_src_gene                 ? 
_entity_src_gen.gene_src_species                   ? 
_entity_src_gen.gene_src_strain                    PJS47 
_entity_src_gen.gene_src_tissue                    ? 
_entity_src_gen.gene_src_tissue_fraction           ? 
_entity_src_gen.gene_src_details                   ? 
_entity_src_gen.pdbx_gene_src_fragment             ? 
_entity_src_gen.pdbx_gene_src_scientific_name      'Escherichia coli' 
_entity_src_gen.pdbx_gene_src_ncbi_taxonomy_id     562 
_entity_src_gen.pdbx_gene_src_variant              ? 
_entity_src_gen.pdbx_gene_src_cell_line            NK6024 
_entity_src_gen.pdbx_gene_src_atcc                 ? 
_entity_src_gen.pdbx_gene_src_organ                ? 
_entity_src_gen.pdbx_gene_src_organelle            ? 
_entity_src_gen.pdbx_gene_src_cell                 ? 
_entity_src_gen.pdbx_gene_src_cellular_location    ? 
_entity_src_gen.host_org_common_name               ? 
_entity_src_gen.pdbx_host_org_scientific_name      ? 
_entity_src_gen.pdbx_host_org_ncbi_taxonomy_id     ? 
_entity_src_gen.host_org_genus                     ? 
_entity_src_gen.pdbx_host_org_gene                 ? 
_entity_src_gen.pdbx_host_org_organ                ? 
_entity_src_gen.host_org_species                   ? 
_entity_src_gen.pdbx_host_org_tissue               ? 
_entity_src_gen.pdbx_host_org_tissue_fraction      ? 
_entity_src_gen.pdbx_host_org_strain               ? 
_entity_src_gen.pdbx_host_org_variant              ? 
_entity_src_gen.pdbx_host_org_cell_line            ? 
_entity_src_gen.pdbx_host_org_atcc                 ? 
_entity_src_gen.pdbx_host_org_culture_collection   ? 
_entity_src_gen.pdbx_host_org_cell                 ? 
_entity_src_gen.pdbx_host_org_organelle            ? 
_entity_src_gen.pdbx_host_org_cellular_location    ? 
_entity_src_gen.pdbx_host_org_vector_type          ? 
_entity_src_gen.pdbx_host_org_vector               ? 
_entity_src_gen.host_org_details                   ? 
_entity_src_gen.expression_system_id               ? 
_entity_src_gen.plasmid_name                       ? 
_entity_src_gen.plasmid_details                    ? 
_entity_src_gen.pdbx_description                   ? 
# 
loop_
_chem_comp.id 
_chem_comp.type 
_chem_comp.mon_nstd_flag 
_chem_comp.name 
_chem_comp.pdbx_synonyms 
_chem_comp.formula 
_chem_comp.formula_weight 
ALA 'L-peptide linking' y ALANINE                                                         ? 'C3 H7 N O2'     89.093  
ARG 'L-peptide linking' y ARGININE                                                        ? 'C6 H15 N4 O2 1' 175.209 
ASN 'L-peptide linking' y ASPARAGINE                                                      ? 'C4 H8 N2 O3'    132.118 
ASP 'L-peptide linking' y 'ASPARTIC ACID'                                                 ? 'C4 H7 N O4'     133.103 
GLN 'L-peptide linking' y GLUTAMINE                                                       ? 'C5 H10 N2 O3'   146.144 
GLU 'L-peptide linking' y 'GLUTAMIC ACID'                                                 ? 'C5 H9 N O4'     147.129 
GLY 'peptide linking'   y GLYCINE                                                         ? 'C2 H5 N O2'     75.067  
HIS 'L-peptide linking' y HISTIDINE                                                       ? 'C6 H10 N3 O2 1' 156.162 
HOH non-polymer         . WATER                                                           ? 'H2 O'           18.015  
ILE 'L-peptide linking' y ISOLEUCINE                                                      ? 'C6 H13 N O2'    131.173 
LEU 'L-peptide linking' y LEUCINE                                                         ? 'C6 H13 N O2'    131.173 
LYS 'L-peptide linking' y LYSINE                                                          ? 'C6 H15 N2 O2 1' 147.195 
MET 'L-peptide linking' y METHIONINE                                                      ? 'C5 H11 N O2 S'  149.211 
PHE 'L-peptide linking' y PHENYLALANINE                                                   ? 'C9 H11 N O2'    165.189 
PRO 'L-peptide linking' y PROLINE                                                         ? 'C5 H9 N O2'     115.130 
SER 'L-peptide linking' y SERINE                                                          ? 'C3 H7 N O3'     105.093 
THR 'L-peptide linking' y THREONINE                                                       ? 'C4 H9 N O3'     119.119 
TSA non-polymer         . '8-HYDROXY-2-OXA-BICYCLO[3.3.1]NON-6-ENE-3,5-DICARBOXYLIC ACID' ? 'C10 H12 O6'     228.199 
TYR 'L-peptide linking' y TYROSINE                                                        ? 'C9 H11 N O3'    181.189 
VAL 'L-peptide linking' y VALINE                                                          ? 'C5 H11 N O2'    117.146 
# 
loop_
_pdbx_poly_seq_scheme.asym_id 
_pdbx_poly_seq_scheme.entity_id 
_pdbx_poly_seq_scheme.seq_id 
_pdbx_poly_seq_scheme.mon_id 
_pdbx_poly_seq_scheme.ndb_seq_num 
_pdbx_poly_seq_scheme.pdb_seq_num 
_pdbx_poly_seq_scheme.auth_seq_num 
_pdbx_poly_seq_scheme.pdb_mon_id 
_pdbx_poly_seq_scheme.auth_mon_id 
_pdbx_poly_seq_scheme.pdb_strand_id 
_pdbx_poly_seq_scheme.pdb_ins_code 
_pdbx_poly_seq_scheme.hetero 
A 1 1   MET 1   1   ?   ?   ?   A . n 
A 1 2   THR 2   2   ?   ?   ?   A . n 
A 1 3   SER 3   3   ?   ?   ?   A . n 
A 1 4   GLU 4   4   ?   ?   ?   A . n 
A 1 5   ASN 5   5   5   ASN ASN A . n 
A 1 6   PRO 6   6   6   PRO PRO A . n 
A 1 7   LEU 7   7   7   LEU LEU A . n 
A 1 8   LEU 8   8   8   LEU LEU A . n 
A 1 9   ALA 9   9   9   ALA ALA A . n 
A 1 10  LEU 10  10  10  LEU LEU A . n 
A 1 11  ARG 11  11  11  ARG ARG A . n 
A 1 12  GLU 12  12  12  GLU GLU A . n 
A 1 13  LYS 13  13  13  LYS LYS A . n 
A 1 14  ILE 14  14  14  ILE ILE A . n 
A 1 15  SER 15  15  15  SER SER A . n 
A 1 16  ALA 16  16  16  ALA ALA A . n 
A 1 17  LEU 17  17  17  LEU LEU A . n 
A 1 18  ASP 18  18  18  ASP ASP A . n 
A 1 19  GLU 19  19  19  GLU GLU A . n 
A 1 20  LYS 20  20  20  LYS LYS A . n 
A 1 21  LEU 21  21  21  LEU LEU A . n 
A 1 22  LEU 22  22  22  LEU LEU A . n 
A 1 23  ALA 23  23  23  ALA ALA A . n 
A 1 24  LEU 24  24  24  LEU LEU A . n 
A 1 25  LEU 25  25  25  LEU LEU A . n 
A 1 26  ALA 26  26  26  ALA ALA A . n 
A 1 27  GLU 27  27  27  GLU GLU A . n 
A 1 28  ARG 28  28  28  ARG ARG A . n 
A 1 29  ARG 29  29  29  ARG ARG A . n 
A 1 30  GLU 30  30  30  GLU GLU A . n 
A 1 31  LEU 31  31  31  LEU LEU A . n 
A 1 32  ALA 32  32  32  ALA ALA A . n 
A 1 33  VAL 33  33  33  VAL VAL A . n 
A 1 34  GLU 34  34  34  GLU GLU A . n 
A 1 35  VAL 35  35  35  VAL VAL A . n 
A 1 36  GLY 36  36  36  GLY GLY A . n 
A 1 37  LYS 37  37  37  LYS LYS A . n 
A 1 38  ALA 38  38  38  ALA ALA A . n 
A 1 39  LYS 39  39  39  LYS LYS A . n 
A 1 40  LEU 40  40  40  LEU LEU A . n 
A 1 41  LEU 41  41  41  LEU LEU A . n 
A 1 42  SER 42  42  42  SER SER A . n 
A 1 43  HIS 43  43  43  HIS HIS A . n 
A 1 44  ARG 44  44  44  ARG ARG A . n 
A 1 45  PRO 45  45  45  PRO PRO A . n 
A 1 46  VAL 46  46  46  VAL VAL A . n 
A 1 47  ARG 47  47  47  ARG ARG A . n 
A 1 48  ASP 48  48  48  ASP ASP A . n 
A 1 49  ILE 49  49  49  ILE ILE A . n 
A 1 50  ASP 50  50  50  ASP ASP A . n 
A 1 51  ARG 51  51  51  ARG ARG A . n 
A 1 52  GLU 52  52  52  GLU GLU A . n 
A 1 53  ARG 53  53  53  ARG ARG A . n 
A 1 54  ASP 54  54  54  ASP ASP A . n 
A 1 55  LEU 55  55  55  LEU LEU A . n 
A 1 56  LEU 56  56  56  LEU LEU A . n 
A 1 57  GLU 57  57  57  GLU GLU A . n 
A 1 58  ARG 58  58  58  ARG ARG A . n 
A 1 59  LEU 59  59  59  LEU LEU A . n 
A 1 60  ILE 60  60  60  ILE ILE A . n 
A 1 61  THR 61  61  61  THR THR A . n 
A 1 62  LEU 62  62  62  LEU LEU A . n 
A 1 63  GLY 63  63  63  GLY GLY A . n 
A 1 64  LYS 64  64  64  LYS LYS A . n 
A 1 65  ALA 65  65  65  ALA ALA A . n 
A 1 66  HIS 66  66  66  HIS HIS A . n 
A 1 67  HIS 67  67  67  HIS HIS A . n 
A 1 68  LEU 68  68  68  LEU LEU A . n 
A 1 69  ASP 69  69  69  ASP ASP A . n 
A 1 70  ALA 70  70  70  ALA ALA A . n 
A 1 71  HIS 71  71  71  HIS HIS A . n 
A 1 72  TYR 72  72  72  TYR TYR A . n 
A 1 73  ILE 73  73  73  ILE ILE A . n 
A 1 74  THR 74  74  74  THR THR A . n 
A 1 75  ARG 75  75  75  ARG ARG A . n 
A 1 76  LEU 76  76  76  LEU LEU A . n 
A 1 77  PHE 77  77  77  PHE PHE A . n 
A 1 78  GLN 78  78  78  GLN GLN A . n 
A 1 79  LEU 79  79  79  LEU LEU A . n 
A 1 80  ILE 80  80  80  ILE ILE A . n 
A 1 81  ILE 81  81  81  ILE ILE A . n 
A 1 82  GLU 82  82  82  GLU GLU A . n 
A 1 83  ASP 83  83  83  ASP ASP A . n 
A 1 84  SER 84  84  84  SER SER A . n 
A 1 85  VAL 85  85  85  VAL VAL A . n 
A 1 86  LEU 86  86  86  LEU LEU A . n 
A 1 87  THR 87  87  87  THR THR A . n 
A 1 88  GLN 88  88  88  GLN GLN A . n 
A 1 89  GLN 89  89  89  GLN GLN A . n 
A 1 90  ALA 90  90  90  ALA ALA A . n 
A 1 91  LEU 91  91  91  LEU LEU A . n 
A 1 92  LEU 92  92  92  LEU LEU A . n 
A 1 93  GLN 93  93  93  GLN GLN A . n 
A 1 94  GLN 94  94  94  GLN GLN A . n 
A 1 95  HIS 95  95  95  HIS HIS A . n 
A 1 96  LEU 96  96  ?   ?   ?   A . n 
A 1 97  ASN 97  97  ?   ?   ?   A . n 
A 1 98  LYS 98  98  ?   ?   ?   A . n 
A 1 99  ILE 99  99  ?   ?   ?   A . n 
A 1 100 ASN 100 100 ?   ?   ?   A . n 
A 1 101 PRO 101 101 ?   ?   ?   A . n 
A 1 102 HIS 102 102 ?   ?   ?   A . n 
A 1 103 SER 103 103 ?   ?   ?   A . n 
A 1 104 ALA 104 104 ?   ?   ?   A . n 
A 1 105 ARG 105 105 ?   ?   ?   A . n 
A 1 106 ILE 106 106 ?   ?   ?   A . n 
A 1 107 ALA 107 107 ?   ?   ?   A . n 
A 1 108 PHE 108 108 ?   ?   ?   A . n 
A 1 109 LEU 109 109 ?   ?   ?   A . n 
B 1 1   MET 1   1   ?   ?   ?   B . n 
B 1 2   THR 2   2   ?   ?   ?   B . n 
B 1 3   SER 3   3   ?   ?   ?   B . n 
B 1 4   GLU 4   4   ?   ?   ?   B . n 
B 1 5   ASN 5   5   ?   ?   ?   B . n 
B 1 6   PRO 6   6   6   PRO PRO B . n 
B 1 7   LEU 7   7   7   LEU LEU B . n 
B 1 8   LEU 8   8   8   LEU LEU B . n 
B 1 9   ALA 9   9   9   ALA ALA B . n 
B 1 10  LEU 10  10  10  LEU LEU B . n 
B 1 11  ARG 11  11  11  ARG ARG B . n 
B 1 12  GLU 12  12  12  GLU GLU B . n 
B 1 13  LYS 13  13  13  LYS LYS B . n 
B 1 14  ILE 14  14  14  ILE ILE B . n 
B 1 15  SER 15  15  15  SER SER B . n 
B 1 16  ALA 16  16  16  ALA ALA B . n 
B 1 17  LEU 17  17  17  LEU LEU B . n 
B 1 18  ASP 18  18  18  ASP ASP B . n 
B 1 19  GLU 19  19  19  GLU GLU B . n 
B 1 20  LYS 20  20  20  LYS LYS B . n 
B 1 21  LEU 21  21  21  LEU LEU B . n 
B 1 22  LEU 22  22  22  LEU LEU B . n 
B 1 23  ALA 23  23  23  ALA ALA B . n 
B 1 24  LEU 24  24  24  LEU LEU B . n 
B 1 25  LEU 25  25  25  LEU LEU B . n 
B 1 26  ALA 26  26  26  ALA ALA B . n 
B 1 27  GLU 27  27  27  GLU GLU B . n 
B 1 28  ARG 28  28  28  ARG ARG B . n 
B 1 29  ARG 29  29  29  ARG ARG B . n 
B 1 30  GLU 30  30  30  GLU GLU B . n 
B 1 31  LEU 31  31  31  LEU LEU B . n 
B 1 32  ALA 32  32  32  ALA ALA B . n 
B 1 33  VAL 33  33  33  VAL VAL B . n 
B 1 34  GLU 34  34  34  GLU GLU B . n 
B 1 35  VAL 35  35  35  VAL VAL B . n 
B 1 36  GLY 36  36  36  GLY GLY B . n 
B 1 37  LYS 37  37  37  LYS LYS B . n 
B 1 38  ALA 38  38  38  ALA ALA B . n 
B 1 39  LYS 39  39  39  LYS LYS B . n 
B 1 40  LEU 40  40  40  LEU LEU B . n 
B 1 41  LEU 41  41  41  LEU LEU B . n 
B 1 42  SER 42  42  42  SER SER B . n 
B 1 43  HIS 43  43  43  HIS HIS B . n 
B 1 44  ARG 44  44  44  ARG ARG B . n 
B 1 45  PRO 45  45  45  PRO PRO B . n 
B 1 46  VAL 46  46  46  VAL VAL B . n 
B 1 47  ARG 47  47  47  ARG ARG B . n 
B 1 48  ASP 48  48  48  ASP ASP B . n 
B 1 49  ILE 49  49  49  ILE ILE B . n 
B 1 50  ASP 50  50  50  ASP ASP B . n 
B 1 51  ARG 51  51  51  ARG ARG B . n 
B 1 52  GLU 52  52  52  GLU GLU B . n 
B 1 53  ARG 53  53  53  ARG ARG B . n 
B 1 54  ASP 54  54  54  ASP ASP B . n 
B 1 55  LEU 55  55  55  LEU LEU B . n 
B 1 56  LEU 56  56  56  LEU LEU B . n 
B 1 57  GLU 57  57  57  GLU GLU B . n 
B 1 58  ARG 58  58  58  ARG ARG B . n 
B 1 59  LEU 59  59  59  LEU LEU B . n 
B 1 60  ILE 60  60  60  ILE ILE B . n 
B 1 61  THR 61  61  61  THR THR B . n 
B 1 62  LEU 62  62  62  LEU LEU B . n 
B 1 63  GLY 63  63  63  GLY GLY B . n 
B 1 64  LYS 64  64  64  LYS LYS B . n 
B 1 65  ALA 65  65  65  ALA ALA B . n 
B 1 66  HIS 66  66  66  HIS HIS B . n 
B 1 67  HIS 67  67  67  HIS HIS B . n 
B 1 68  LEU 68  68  68  LEU LEU B . n 
B 1 69  ASP 69  69  69  ASP ASP B . n 
B 1 70  ALA 70  70  70  ALA ALA B . n 
B 1 71  HIS 71  71  71  HIS HIS B . n 
B 1 72  TYR 72  72  72  TYR TYR B . n 
B 1 73  ILE 73  73  73  ILE ILE B . n 
B 1 74  THR 74  74  74  THR THR B . n 
B 1 75  ARG 75  75  75  ARG ARG B . n 
B 1 76  LEU 76  76  76  LEU LEU B . n 
B 1 77  PHE 77  77  77  PHE PHE B . n 
B 1 78  GLN 78  78  78  GLN GLN B . n 
B 1 79  LEU 79  79  79  LEU LEU B . n 
B 1 80  ILE 80  80  80  ILE ILE B . n 
B 1 81  ILE 81  81  81  ILE ILE B . n 
B 1 82  GLU 82  82  82  GLU GLU B . n 
B 1 83  ASP 83  83  83  ASP ASP B . n 
B 1 84  SER 84  84  84  SER SER B . n 
B 1 85  VAL 85  85  85  VAL VAL B . n 
B 1 86  LEU 86  86  86  LEU LEU B . n 
B 1 87  THR 87  87  87  THR THR B . n 
B 1 88  GLN 88  88  88  GLN GLN B . n 
B 1 89  GLN 89  89  89  GLN GLN B . n 
B 1 90  ALA 90  90  90  ALA ALA B . n 
B 1 91  LEU 91  91  91  LEU LEU B . n 
B 1 92  LEU 92  92  92  LEU LEU B . n 
B 1 93  GLN 93  93  93  GLN GLN B . n 
B 1 94  GLN 94  94  94  GLN GLN B . n 
B 1 95  HIS 95  95  95  HIS HIS B . n 
B 1 96  LEU 96  96  96  LEU LEU B . n 
B 1 97  ASN 97  97  97  ASN ASN B . n 
B 1 98  LYS 98  98  98  LYS LYS B . n 
B 1 99  ILE 99  99  99  ILE ILE B . n 
B 1 100 ASN 100 100 100 ASN ASN B . n 
B 1 101 PRO 101 101 ?   ?   ?   B . n 
B 1 102 HIS 102 102 ?   ?   ?   B . n 
B 1 103 SER 103 103 ?   ?   ?   B . n 
B 1 104 ALA 104 104 ?   ?   ?   B . n 
B 1 105 ARG 105 105 ?   ?   ?   B . n 
B 1 106 ILE 106 106 ?   ?   ?   B . n 
B 1 107 ALA 107 107 ?   ?   ?   B . n 
B 1 108 PHE 108 108 ?   ?   ?   B . n 
B 1 109 LEU 109 109 ?   ?   ?   B . n 
# 
loop_
_pdbx_nonpoly_scheme.asym_id 
_pdbx_nonpoly_scheme.entity_id 
_pdbx_nonpoly_scheme.mon_id 
_pdbx_nonpoly_scheme.ndb_seq_num 
_pdbx_nonpoly_scheme.pdb_seq_num 
_pdbx_nonpoly_scheme.auth_seq_num 
_pdbx_nonpoly_scheme.pdb_mon_id 
_pdbx_nonpoly_scheme.auth_mon_id 
_pdbx_nonpoly_scheme.pdb_strand_id 
_pdbx_nonpoly_scheme.pdb_ins_code 
C 2 TSA 1  500 500 TSA TSA A . 
D 2 TSA 1  501 501 TSA TSA B . 
E 3 HOH 1  401 401 HOH HOH A . 
E 3 HOH 2  402 402 HOH HOH A . 
E 3 HOH 3  403 403 HOH HOH A . 
E 3 HOH 4  404 404 HOH HOH A . 
E 3 HOH 5  406 406 HOH HOH A . 
E 3 HOH 6  408 408 HOH HOH A . 
E 3 HOH 7  410 410 HOH HOH A . 
E 3 HOH 8  413 413 HOH HOH A . 
E 3 HOH 9  414 414 HOH HOH A . 
E 3 HOH 10 416 416 HOH HOH A . 
E 3 HOH 11 417 417 HOH HOH A . 
E 3 HOH 12 421 421 HOH HOH A . 
E 3 HOH 13 422 422 HOH HOH A . 
E 3 HOH 14 425 425 HOH HOH A . 
E 3 HOH 15 426 426 HOH HOH A . 
E 3 HOH 16 428 428 HOH HOH A . 
E 3 HOH 17 431 431 HOH HOH A . 
E 3 HOH 18 432 432 HOH HOH A . 
E 3 HOH 19 433 433 HOH HOH A . 
E 3 HOH 20 436 436 HOH HOH A . 
E 3 HOH 21 437 437 HOH HOH A . 
E 3 HOH 22 438 438 HOH HOH A . 
E 3 HOH 23 439 439 HOH HOH A . 
E 3 HOH 24 441 441 HOH HOH A . 
E 3 HOH 25 442 442 HOH HOH A . 
E 3 HOH 26 449 449 HOH HOH A . 
E 3 HOH 27 450 450 HOH HOH A . 
E 3 HOH 28 451 451 HOH HOH A . 
E 3 HOH 29 453 453 HOH HOH A . 
E 3 HOH 30 457 457 HOH HOH A . 
E 3 HOH 31 458 458 HOH HOH A . 
E 3 HOH 32 459 459 HOH HOH A . 
E 3 HOH 33 460 460 HOH HOH A . 
E 3 HOH 34 461 461 HOH HOH A . 
E 3 HOH 35 463 463 HOH HOH A . 
E 3 HOH 36 465 465 HOH HOH A . 
E 3 HOH 37 466 466 HOH HOH A . 
E 3 HOH 38 467 467 HOH HOH A . 
E 3 HOH 39 468 468 HOH HOH A . 
E 3 HOH 40 471 471 HOH HOH A . 
E 3 HOH 41 472 472 HOH HOH A . 
E 3 HOH 42 473 473 HOH HOH A . 
F 3 HOH 1  405 405 HOH HOH B . 
F 3 HOH 2  409 409 HOH HOH B . 
F 3 HOH 3  411 411 HOH HOH B . 
F 3 HOH 4  412 412 HOH HOH B . 
F 3 HOH 5  415 415 HOH HOH B . 
F 3 HOH 6  418 418 HOH HOH B . 
F 3 HOH 7  419 419 HOH HOH B . 
F 3 HOH 8  420 420 HOH HOH B . 
F 3 HOH 9  423 423 HOH HOH B . 
F 3 HOH 10 424 424 HOH HOH B . 
F 3 HOH 11 427 427 HOH HOH B . 
F 3 HOH 12 429 429 HOH HOH B . 
F 3 HOH 13 430 430 HOH HOH B . 
F 3 HOH 14 434 434 HOH HOH B . 
F 3 HOH 15 435 435 HOH HOH B . 
F 3 HOH 16 443 443 HOH HOH B . 
F 3 HOH 17 444 444 HOH HOH B . 
F 3 HOH 18 445 445 HOH HOH B . 
F 3 HOH 19 446 446 HOH HOH B . 
F 3 HOH 20 447 447 HOH HOH B . 
F 3 HOH 21 448 448 HOH HOH B . 
F 3 HOH 22 452 452 HOH HOH B . 
F 3 HOH 23 454 454 HOH HOH B . 
F 3 HOH 24 455 455 HOH HOH B . 
F 3 HOH 25 456 456 HOH HOH B . 
F 3 HOH 26 462 462 HOH HOH B . 
F 3 HOH 27 464 464 HOH HOH B . 
F 3 HOH 28 469 469 HOH HOH B . 
F 3 HOH 29 470 470 HOH HOH B . 
F 3 HOH 30 474 474 HOH HOH B . 
F 3 HOH 31 475 475 HOH HOH B . 
F 3 HOH 32 476 476 HOH HOH B . 
F 3 HOH 33 477 477 HOH HOH B . 
F 3 HOH 34 478 478 HOH HOH B . 
F 3 HOH 35 479 479 HOH HOH B . 
# 
loop_
_software.name 
_software.classification 
_software.version 
_software.citation_id 
_software.pdbx_ordinal 
X-PLOR 'model building' . ? 1 
X-PLOR refinement       . ? 2 
X-PLOR phasing          . ? 3 
# 
_cell.entry_id           1ECM 
_cell.length_a           80.830 
_cell.length_b           80.830 
_cell.length_c           83.320 
_cell.angle_alpha        90.00 
_cell.angle_beta         90.00 
_cell.angle_gamma        120.00 
_cell.Z_PDB              12 
_cell.pdbx_unique_axis   ? 
# 
_symmetry.entry_id                         1ECM 
_symmetry.space_group_name_H-M             'P 32 2 1' 
_symmetry.pdbx_full_space_group_name_H-M   ? 
_symmetry.cell_setting                     ? 
_symmetry.Int_Tables_number                154 
# 
_exptl.entry_id          1ECM 
_exptl.method            'X-RAY DIFFRACTION' 
_exptl.crystals_number   ? 
# 
_exptl_crystal.id                    1 
_exptl_crystal.density_meas          ? 
_exptl_crystal.density_Matthews      3.13 
_exptl_crystal.density_percent_sol   60.70 
_exptl_crystal.description           ? 
# 
_diffrn.id                     1 
_diffrn.ambient_temp           ? 
_diffrn.ambient_temp_details   ? 
_diffrn.crystal_id             1 
# 
_diffrn_detector.diffrn_id              1 
_diffrn_detector.detector               'IMAGE PLATE' 
_diffrn_detector.type                   'RIGAKU RAXIS IIC' 
_diffrn_detector.pdbx_collection_date   1994-02-01 
_diffrn_detector.details                ? 
# 
_diffrn_radiation.diffrn_id                        1 
_diffrn_radiation.wavelength_id                    1 
_diffrn_radiation.pdbx_monochromatic_or_laue_m_l   M 
_diffrn_radiation.monochromator                    ? 
_diffrn_radiation.pdbx_diffrn_protocol             ? 
_diffrn_radiation.pdbx_scattering_type             x-ray 
# 
_diffrn_radiation_wavelength.id           1 
_diffrn_radiation_wavelength.wavelength   1.5418 
_diffrn_radiation_wavelength.wt           1.0 
# 
_diffrn_source.diffrn_id                   1 
_diffrn_source.source                      ? 
_diffrn_source.type                        ? 
_diffrn_source.pdbx_synchrotron_site       ? 
_diffrn_source.pdbx_synchrotron_beamline   ? 
_diffrn_source.pdbx_wavelength             1.5418 
_diffrn_source.pdbx_wavelength_list        ? 
# 
_reflns.entry_id                     1ECM 
_reflns.observed_criterion_sigma_I   2.0 
_reflns.observed_criterion_sigma_F   ? 
_reflns.d_resolution_low             ? 
_reflns.d_resolution_high            ? 
_reflns.number_obs                   23622 
_reflns.number_all                   ? 
_reflns.percent_possible_obs         98.1 
_reflns.pdbx_Rmerge_I_obs            0.05 
_reflns.pdbx_Rsym_value              ? 
_reflns.pdbx_netI_over_sigmaI        ? 
_reflns.B_iso_Wilson_estimate        ? 
_reflns.pdbx_redundancy              ? 
_reflns.pdbx_ordinal                 1 
_reflns.pdbx_diffrn_id               1 
# 
_refine.entry_id                                 1ECM 
_refine.ls_number_reflns_obs                     15182 
_refine.ls_number_reflns_all                     ? 
_refine.pdbx_ls_sigma_I                          ? 
_refine.pdbx_ls_sigma_F                          2.0 
_refine.pdbx_data_cutoff_high_absF               ? 
_refine.pdbx_data_cutoff_low_absF                ? 
_refine.pdbx_data_cutoff_high_rms_absF           ? 
_refine.ls_d_res_low                             8. 
_refine.ls_d_res_high                            2.2 
_refine.ls_percent_reflns_obs                    94.8 
_refine.ls_R_factor_obs                          0.192 
_refine.ls_R_factor_all                          ? 
_refine.ls_R_factor_R_work                       0.192 
_refine.ls_R_factor_R_free                       0.231 
_refine.ls_R_factor_R_free_error                 ? 
_refine.ls_R_factor_R_free_error_details         ? 
_refine.ls_percent_reflns_R_free                 ? 
_refine.ls_number_reflns_R_free                  ? 
_refine.ls_number_parameters                     ? 
_refine.ls_number_restraints                     ? 
_refine.occupancy_min                            ? 
_refine.occupancy_max                            ? 
_refine.B_iso_mean                               44.9 
_refine.aniso_B[1][1]                            ? 
_refine.aniso_B[2][2]                            ? 
_refine.aniso_B[3][3]                            ? 
_refine.aniso_B[1][2]                            ? 
_refine.aniso_B[1][3]                            ? 
_refine.aniso_B[2][3]                            ? 
_refine.solvent_model_details                    ? 
_refine.solvent_model_param_ksol                 ? 
_refine.solvent_model_param_bsol                 ? 
_refine.pdbx_ls_cross_valid_method               ? 
_refine.details                                  ? 
_refine.pdbx_starting_model                      ? 
_refine.pdbx_method_to_determine_struct          ? 
_refine.pdbx_isotropic_thermal_model             ? 
_refine.pdbx_stereochemistry_target_values       ? 
_refine.pdbx_stereochem_target_val_spec_case     ? 
_refine.pdbx_R_Free_selection_details            ? 
_refine.pdbx_overall_ESU_R                       ? 
_refine.pdbx_overall_ESU_R_Free                  ? 
_refine.overall_SU_ML                            ? 
_refine.overall_SU_B                             ? 
_refine.pdbx_refine_id                           'X-RAY DIFFRACTION' 
_refine.pdbx_diffrn_id                           1 
_refine.pdbx_TLS_residual_ADP_flag               ? 
_refine.correlation_coeff_Fo_to_Fc               ? 
_refine.correlation_coeff_Fo_to_Fc_free          ? 
_refine.pdbx_solvent_vdw_probe_radii             ? 
_refine.pdbx_solvent_ion_probe_radii             ? 
_refine.pdbx_solvent_shrinkage_radii             ? 
_refine.pdbx_overall_phase_error                 ? 
_refine.overall_SU_R_Cruickshank_DPI             ? 
_refine.pdbx_overall_SU_R_free_Cruickshank_DPI   ? 
_refine.pdbx_overall_SU_R_Blow_DPI               ? 
_refine.pdbx_overall_SU_R_free_Blow_DPI          ? 
# 
_refine_analyze.entry_id                        1ECM 
_refine_analyze.Luzzati_coordinate_error_obs    0.26 
_refine_analyze.Luzzati_sigma_a_obs             ? 
_refine_analyze.Luzzati_d_res_low_obs           ? 
_refine_analyze.Luzzati_coordinate_error_free   ? 
_refine_analyze.Luzzati_sigma_a_free            ? 
_refine_analyze.Luzzati_d_res_low_free          ? 
_refine_analyze.number_disordered_residues      ? 
_refine_analyze.occupancy_sum_hydrogen          ? 
_refine_analyze.occupancy_sum_non_hydrogen      ? 
_refine_analyze.pdbx_refine_id                  'X-RAY DIFFRACTION' 
# 
_refine_hist.pdbx_refine_id                   'X-RAY DIFFRACTION' 
_refine_hist.cycle_id                         LAST 
_refine_hist.pdbx_number_atoms_protein        1513 
_refine_hist.pdbx_number_atoms_nucleic_acid   0 
_refine_hist.pdbx_number_atoms_ligand         32 
_refine_hist.number_atoms_solvent             77 
_refine_hist.number_atoms_total               1622 
_refine_hist.d_res_high                       2.2 
_refine_hist.d_res_low                        8. 
# 
loop_
_refine_ls_restr.type 
_refine_ls_restr.dev_ideal 
_refine_ls_restr.dev_ideal_target 
_refine_ls_restr.weight 
_refine_ls_restr.number 
_refine_ls_restr.pdbx_refine_id 
_refine_ls_restr.pdbx_restraint_function 
x_bond_d                0.011 ? ? ? 'X-RAY DIFFRACTION' ? 
x_bond_d_na             ?     ? ? ? 'X-RAY DIFFRACTION' ? 
x_bond_d_prot           ?     ? ? ? 'X-RAY DIFFRACTION' ? 
x_angle_d               ?     ? ? ? 'X-RAY DIFFRACTION' ? 
x_angle_d_na            ?     ? ? ? 'X-RAY DIFFRACTION' ? 
x_angle_d_prot          ?     ? ? ? 'X-RAY DIFFRACTION' ? 
x_angle_deg             1.6   ? ? ? 'X-RAY DIFFRACTION' ? 
x_angle_deg_na          ?     ? ? ? 'X-RAY DIFFRACTION' ? 
x_angle_deg_prot        ?     ? ? ? 'X-RAY DIFFRACTION' ? 
x_dihedral_angle_d      17.2  ? ? ? 'X-RAY DIFFRACTION' ? 
x_dihedral_angle_d_na   ?     ? ? ? 'X-RAY DIFFRACTION' ? 
x_dihedral_angle_d_prot ?     ? ? ? 'X-RAY DIFFRACTION' ? 
x_improper_angle_d      1.3   ? ? ? 'X-RAY DIFFRACTION' ? 
x_improper_angle_d_na   ?     ? ? ? 'X-RAY DIFFRACTION' ? 
x_improper_angle_d_prot ?     ? ? ? 'X-RAY DIFFRACTION' ? 
x_mcbond_it             ?     ? ? ? 'X-RAY DIFFRACTION' ? 
x_mcangle_it            ?     ? ? ? 'X-RAY DIFFRACTION' ? 
x_scbond_it             ?     ? ? ? 'X-RAY DIFFRACTION' ? 
x_scangle_it            ?     ? ? ? 'X-RAY DIFFRACTION' ? 
# 
_struct.entry_id                  1ECM 
_struct.title                     'ATOMIC STRUCTURE OF THE BURIED CATALYTIC POCKET OF ESCHERICHIA COLI CHORISMATE MUTASE' 
_struct.pdbx_model_details        ? 
_struct.pdbx_CASP_flag            ? 
_struct.pdbx_model_type_details   ? 
# 
_struct_keywords.entry_id        1ECM 
_struct_keywords.pdbx_keywords   'CHORISMATE MUTASE' 
_struct_keywords.text            'P-PROTEIN, CHORISMATE MUTASE DOMAIN, CHORISMATE MUTASE' 
# 
loop_
_struct_asym.id 
_struct_asym.pdbx_blank_PDB_chainid_flag 
_struct_asym.pdbx_modified 
_struct_asym.entity_id 
_struct_asym.details 
A N N 1 ? 
B N N 1 ? 
C N N 2 ? 
D N N 2 ? 
E N N 3 ? 
F N N 3 ? 
# 
_struct_ref.id                         1 
_struct_ref.db_name                    UNP 
_struct_ref.db_code                    PHEA_ECOLI 
_struct_ref.entity_id                  1 
_struct_ref.pdbx_db_accession          P07022 
_struct_ref.pdbx_align_begin           1 
_struct_ref.pdbx_seq_one_letter_code   
;MTSENPLLALREKISALDEKLLALLAERRELAVEVGKAKLLSHRPVRDIDRERDLLERLITLGKAHHLDAHYITRLFQLI
IEDSVLTQQALLQQHLNKINPHSARIAFLGPKGSYSHLAARQYAARHFEQFIESGCAKFADIFNQVETGQADYAVVPIEN
TSSGAINDVYDLLQHTSLSIVGEMTLTIDHCLLVSGTTDLSTINTVYSHPQPFQQCSKFLNRYPHWKIEYTESTSAAMEK
VAQAKSPHVAALGSEAGGTLYGLQVLERIEANQRQNFTRFVVLARKAINVSDQVPAKTTLLMATGQQAGALVEALLVLRN
HNLIMTRLESRPIHGNPWEEMFYLDIQANLESAEMQKALKELGEITRSMKVLGCYPSENVVPVDPT
;
_struct_ref.pdbx_db_isoform            ? 
# 
loop_
_struct_ref_seq.align_id 
_struct_ref_seq.ref_id 
_struct_ref_seq.pdbx_PDB_id_code 
_struct_ref_seq.pdbx_strand_id 
_struct_ref_seq.seq_align_beg 
_struct_ref_seq.pdbx_seq_align_beg_ins_code 
_struct_ref_seq.seq_align_end 
_struct_ref_seq.pdbx_seq_align_end_ins_code 
_struct_ref_seq.pdbx_db_accession 
_struct_ref_seq.db_align_beg 
_struct_ref_seq.pdbx_db_align_beg_ins_code 
_struct_ref_seq.db_align_end 
_struct_ref_seq.pdbx_db_align_end_ins_code 
_struct_ref_seq.pdbx_auth_seq_align_beg 
_struct_ref_seq.pdbx_auth_seq_align_end 
1 1 1ECM A 1 ? 109 ? P07022 1 ? 109 ? 1 109 
2 1 1ECM B 1 ? 109 ? P07022 1 ? 109 ? 1 109 
# 
loop_
_pdbx_struct_assembly.id 
_pdbx_struct_assembly.details 
_pdbx_struct_assembly.method_details 
_pdbx_struct_assembly.oligomeric_details 
_pdbx_struct_assembly.oligomeric_count 
1 author_and_software_defined_assembly PQS  tetrameric 4 
2 software_defined_assembly            PISA dimeric    2 
# 
loop_
_pdbx_struct_assembly_prop.biol_id 
_pdbx_struct_assembly_prop.type 
_pdbx_struct_assembly_prop.value 
_pdbx_struct_assembly_prop.details 
2 'ABSA (A^2)' 6010  ? 
2 MORE         -26   ? 
2 'SSA (A^2)'  10300 ? 
# 
loop_
_pdbx_struct_assembly_gen.assembly_id 
_pdbx_struct_assembly_gen.oper_expression 
_pdbx_struct_assembly_gen.asym_id_list 
1 1,2 A,B,C,D,E,F 
2 1   A,B,C,D,E,F 
# 
loop_
_pdbx_struct_oper_list.id 
_pdbx_struct_oper_list.type 
_pdbx_struct_oper_list.name 
_pdbx_struct_oper_list.symmetry_operation 
_pdbx_struct_oper_list.matrix[1][1] 
_pdbx_struct_oper_list.matrix[1][2] 
_pdbx_struct_oper_list.matrix[1][3] 
_pdbx_struct_oper_list.vector[1] 
_pdbx_struct_oper_list.matrix[2][1] 
_pdbx_struct_oper_list.matrix[2][2] 
_pdbx_struct_oper_list.matrix[2][3] 
_pdbx_struct_oper_list.vector[2] 
_pdbx_struct_oper_list.matrix[3][1] 
_pdbx_struct_oper_list.matrix[3][2] 
_pdbx_struct_oper_list.matrix[3][3] 
_pdbx_struct_oper_list.vector[3] 
1 'identity operation'         1_555 x,y,z         1.0000000000  0.0000000000 0.0000000000  0.0000000000  0.0000000000 1.0000000000 0.0000000000  0.0000000000  0.0000000000  0.0000000000  1.0000000000  0.0000000000  
2 'crystal symmetry operation' 5_556 x-y,-y,-z+4/3 -0.4559026412 0.8322577856 -0.3154358256 31.0735555960 0.8322577856 0.2730313986 -0.4824943872 -1.0954630874 -0.3154358256 -0.4824943872 -0.8171287574 50.7086720878 
# 
_struct_biol.id   1 
# 
loop_
_struct_conf.conf_type_id 
_struct_conf.id 
_struct_conf.pdbx_PDB_helix_id 
_struct_conf.beg_label_comp_id 
_struct_conf.beg_label_asym_id 
_struct_conf.beg_label_seq_id 
_struct_conf.pdbx_beg_PDB_ins_code 
_struct_conf.end_label_comp_id 
_struct_conf.end_label_asym_id 
_struct_conf.end_label_seq_id 
_struct_conf.pdbx_end_PDB_ins_code 
_struct_conf.beg_auth_comp_id 
_struct_conf.beg_auth_asym_id 
_struct_conf.beg_auth_seq_id 
_struct_conf.end_auth_comp_id 
_struct_conf.end_auth_asym_id 
_struct_conf.end_auth_seq_id 
_struct_conf.pdbx_PDB_helix_class 
_struct_conf.details 
_struct_conf.pdbx_PDB_helix_length 
HELX_P HELX_P1 1 PRO A 6  ? LEU A 41 ? PRO A 6  LEU A 41 1 ? 36 
HELX_P HELX_P2 2 ILE A 49 ? HIS A 66 ? ILE A 49 HIS A 66 1 ? 18 
HELX_P HELX_P3 3 ALA A 70 ? GLN A 94 ? ALA A 70 GLN A 94 1 ? 25 
HELX_P HELX_P4 4 LEU B 7  ? SER B 42 ? LEU B 7  SER B 42 1 ? 36 
HELX_P HELX_P5 5 ILE B 49 ? HIS B 66 ? ILE B 49 HIS B 66 1 ? 18 
HELX_P HELX_P6 6 ALA B 70 ? LYS B 98 ? ALA B 70 LYS B 98 1 ? 29 
# 
_struct_conf_type.id          HELX_P 
_struct_conf_type.criteria    ? 
_struct_conf_type.reference   ? 
# 
loop_
_struct_site.id 
_struct_site.pdbx_evidence_code 
_struct_site.pdbx_auth_asym_id 
_struct_site.pdbx_auth_comp_id 
_struct_site.pdbx_auth_seq_id 
_struct_site.pdbx_auth_ins_code 
_struct_site.pdbx_num_residues 
_struct_site.details 
AC1 Software A TSA 500 ? 11 'BINDING SITE FOR RESIDUE TSA A 500' 
AC2 Software B TSA 501 ? 12 'BINDING SITE FOR RESIDUE TSA B 501' 
# 
loop_
_struct_site_gen.id 
_struct_site_gen.site_id 
_struct_site_gen.pdbx_num_res 
_struct_site_gen.label_comp_id 
_struct_site_gen.label_asym_id 
_struct_site_gen.label_seq_id 
_struct_site_gen.pdbx_auth_ins_code 
_struct_site_gen.auth_comp_id 
_struct_site_gen.auth_asym_id 
_struct_site_gen.auth_seq_id 
_struct_site_gen.label_atom_id 
_struct_site_gen.label_alt_id 
_struct_site_gen.symmetry 
_struct_site_gen.details 
1  AC1 11 ARG A 28 ? ARG A 28  . ? 1_555 ? 
2  AC1 11 LYS A 39 ? LYS A 39  . ? 1_555 ? 
3  AC1 11 VAL A 46 ? VAL A 46  . ? 1_555 ? 
4  AC1 11 ARG A 47 ? ARG A 47  . ? 1_555 ? 
5  AC1 11 ASP A 48 ? ASP A 48  . ? 1_555 ? 
6  AC1 11 GLU A 52 ? GLU A 52  . ? 1_555 ? 
7  AC1 11 LEU A 55 ? LEU A 55  . ? 1_555 ? 
8  AC1 11 SER A 84 ? SER A 84  . ? 1_555 ? 
9  AC1 11 GLN A 88 ? GLN A 88  . ? 1_555 ? 
10 AC1 11 HOH E .  ? HOH A 416 . ? 1_555 ? 
11 AC1 11 ARG B 11 ? ARG B 11  . ? 1_555 ? 
12 AC2 12 ARG A 11 ? ARG A 11  . ? 1_555 ? 
13 AC2 12 ARG B 28 ? ARG B 28  . ? 1_555 ? 
14 AC2 12 LYS B 39 ? LYS B 39  . ? 1_555 ? 
15 AC2 12 VAL B 46 ? VAL B 46  . ? 1_555 ? 
16 AC2 12 ARG B 47 ? ARG B 47  . ? 1_555 ? 
17 AC2 12 ASP B 48 ? ASP B 48  . ? 1_555 ? 
18 AC2 12 GLU B 52 ? GLU B 52  . ? 1_555 ? 
19 AC2 12 LEU B 55 ? LEU B 55  . ? 1_555 ? 
20 AC2 12 ILE B 81 ? ILE B 81  . ? 1_555 ? 
21 AC2 12 SER B 84 ? SER B 84  . ? 1_555 ? 
22 AC2 12 GLN B 88 ? GLN B 88  . ? 1_555 ? 
23 AC2 12 HOH F .  ? HOH B 405 . ? 1_555 ? 
# 
_pdbx_validate_close_contact.id               1 
_pdbx_validate_close_contact.PDB_model_num    1 
_pdbx_validate_close_contact.auth_atom_id_1   O 
_pdbx_validate_close_contact.auth_asym_id_1   B 
_pdbx_validate_close_contact.auth_comp_id_1   HOH 
_pdbx_validate_close_contact.auth_seq_id_1    424 
_pdbx_validate_close_contact.PDB_ins_code_1   ? 
_pdbx_validate_close_contact.label_alt_id_1   ? 
_pdbx_validate_close_contact.auth_atom_id_2   O 
_pdbx_validate_close_contact.auth_asym_id_2   B 
_pdbx_validate_close_contact.auth_comp_id_2   HOH 
_pdbx_validate_close_contact.auth_seq_id_2    445 
_pdbx_validate_close_contact.PDB_ins_code_2   ? 
_pdbx_validate_close_contact.label_alt_id_2   ? 
_pdbx_validate_close_contact.dist             2.17 
# 
loop_
_pdbx_validate_rmsd_angle.id 
_pdbx_validate_rmsd_angle.PDB_model_num 
_pdbx_validate_rmsd_angle.auth_atom_id_1 
_pdbx_validate_rmsd_angle.auth_asym_id_1 
_pdbx_validate_rmsd_angle.auth_comp_id_1 
_pdbx_validate_rmsd_angle.auth_seq_id_1 
_pdbx_validate_rmsd_angle.PDB_ins_code_1 
_pdbx_validate_rmsd_angle.label_alt_id_1 
_pdbx_validate_rmsd_angle.auth_atom_id_2 
_pdbx_validate_rmsd_angle.auth_asym_id_2 
_pdbx_validate_rmsd_angle.auth_comp_id_2 
_pdbx_validate_rmsd_angle.auth_seq_id_2 
_pdbx_validate_rmsd_angle.PDB_ins_code_2 
_pdbx_validate_rmsd_angle.label_alt_id_2 
_pdbx_validate_rmsd_angle.auth_atom_id_3 
_pdbx_validate_rmsd_angle.auth_asym_id_3 
_pdbx_validate_rmsd_angle.auth_comp_id_3 
_pdbx_validate_rmsd_angle.auth_seq_id_3 
_pdbx_validate_rmsd_angle.PDB_ins_code_3 
_pdbx_validate_rmsd_angle.label_alt_id_3 
_pdbx_validate_rmsd_angle.angle_value 
_pdbx_validate_rmsd_angle.angle_target_value 
_pdbx_validate_rmsd_angle.angle_deviation 
_pdbx_validate_rmsd_angle.angle_standard_deviation 
_pdbx_validate_rmsd_angle.linker_flag 
1 1 CA A LEU 55 ? ? CB A LEU 55 ? ? CG A LEU 55 ? ? 131.04 115.30 15.74 2.30 N 
2 1 CA B LEU 55 ? ? CB B LEU 55 ? ? CG B LEU 55 ? ? 135.31 115.30 20.01 2.30 N 
# 
_pdbx_validate_torsion.id              1 
_pdbx_validate_torsion.PDB_model_num   1 
_pdbx_validate_torsion.auth_comp_id    HIS 
_pdbx_validate_torsion.auth_asym_id    A 
_pdbx_validate_torsion.auth_seq_id     67 
_pdbx_validate_torsion.PDB_ins_code    ? 
_pdbx_validate_torsion.label_alt_id    ? 
_pdbx_validate_torsion.phi             71.94 
_pdbx_validate_torsion.psi             30.43 
# 
_pdbx_entry_details.entry_id                 1ECM 
_pdbx_entry_details.compound_details         ? 
_pdbx_entry_details.source_details           
;THE PROTEIN:  THE N-TERMINAL 109 AMINO ACIDS OF P-PROTEIN
  (P FOR PHENYLALANINE) SEE REFERENCE: STEWART, J.; WILSON,
  D. B.; GANEM, B. J. AM. CHEM. SOC., 1990 112, 4582.
;
_pdbx_entry_details.nonpolymer_details       
;SEE REFERENCE JACKSON, J.Y.; JACOBS, J.W.;
  SUGASAWARA, R.; REICH, S.H.; BARTLETT, P.A.; SCHULTZ, P.
  G. J.AM.CHEM.SOC., 1988, 110, 4841.  THE INHIBITOR IS THE
  SAME AS THAT IN THE PDB ENTRY 2CHS AND 1FIG.
;
_pdbx_entry_details.sequence_details         ? 
_pdbx_entry_details.has_ligand_of_interest   ? 
# 
loop_
_pdbx_unobs_or_zero_occ_residues.id 
_pdbx_unobs_or_zero_occ_residues.PDB_model_num 
_pdbx_unobs_or_zero_occ_residues.polymer_flag 
_pdbx_unobs_or_zero_occ_residues.occupancy_flag 
_pdbx_unobs_or_zero_occ_residues.auth_asym_id 
_pdbx_unobs_or_zero_occ_residues.auth_comp_id 
_pdbx_unobs_or_zero_occ_residues.auth_seq_id 
_pdbx_unobs_or_zero_occ_residues.PDB_ins_code 
_pdbx_unobs_or_zero_occ_residues.label_asym_id 
_pdbx_unobs_or_zero_occ_residues.label_comp_id 
_pdbx_unobs_or_zero_occ_residues.label_seq_id 
1  1 Y 1 A MET 1   ? A MET 1   
2  1 Y 1 A THR 2   ? A THR 2   
3  1 Y 1 A SER 3   ? A SER 3   
4  1 Y 1 A GLU 4   ? A GLU 4   
5  1 Y 1 A LEU 96  ? A LEU 96  
6  1 Y 1 A ASN 97  ? A ASN 97  
7  1 Y 1 A LYS 98  ? A LYS 98  
8  1 Y 1 A ILE 99  ? A ILE 99  
9  1 Y 1 A ASN 100 ? A ASN 100 
10 1 Y 1 A PRO 101 ? A PRO 101 
11 1 Y 1 A HIS 102 ? A HIS 102 
12 1 Y 1 A SER 103 ? A SER 103 
13 1 Y 1 A ALA 104 ? A ALA 104 
14 1 Y 1 A ARG 105 ? A ARG 105 
15 1 Y 1 A ILE 106 ? A ILE 106 
16 1 Y 1 A ALA 107 ? A ALA 107 
17 1 Y 1 A PHE 108 ? A PHE 108 
18 1 Y 1 A LEU 109 ? A LEU 109 
19 1 Y 1 B MET 1   ? B MET 1   
20 1 Y 1 B THR 2   ? B THR 2   
21 1 Y 1 B SER 3   ? B SER 3   
22 1 Y 1 B GLU 4   ? B GLU 4   
23 1 Y 1 B ASN 5   ? B ASN 5   
24 1 Y 1 B PRO 101 ? B PRO 101 
25 1 Y 1 B HIS 102 ? B HIS 102 
26 1 Y 1 B SER 103 ? B SER 103 
27 1 Y 1 B ALA 104 ? B ALA 104 
28 1 Y 1 B ARG 105 ? B ARG 105 
29 1 Y 1 B ILE 106 ? B ILE 106 
30 1 Y 1 B ALA 107 ? B ALA 107 
31 1 Y 1 B PHE 108 ? B PHE 108 
32 1 Y 1 B LEU 109 ? B LEU 109 
# 
loop_
_chem_comp_atom.comp_id 
_chem_comp_atom.atom_id 
_chem_comp_atom.type_symbol 
_chem_comp_atom.pdbx_aromatic_flag 
_chem_comp_atom.pdbx_stereo_config 
_chem_comp_atom.pdbx_ordinal 
ALA N    N N N 1   
ALA CA   C N S 2   
ALA C    C N N 3   
ALA O    O N N 4   
ALA CB   C N N 5   
ALA OXT  O N N 6   
ALA H    H N N 7   
ALA H2   H N N 8   
ALA HA   H N N 9   
ALA HB1  H N N 10  
ALA HB2  H N N 11  
ALA HB3  H N N 12  
ALA HXT  H N N 13  
ARG N    N N N 14  
ARG CA   C N S 15  
ARG C    C N N 16  
ARG O    O N N 17  
ARG CB   C N N 18  
ARG CG   C N N 19  
ARG CD   C N N 20  
ARG NE   N N N 21  
ARG CZ   C N N 22  
ARG NH1  N N N 23  
ARG NH2  N N N 24  
ARG OXT  O N N 25  
ARG H    H N N 26  
ARG H2   H N N 27  
ARG HA   H N N 28  
ARG HB2  H N N 29  
ARG HB3  H N N 30  
ARG HG2  H N N 31  
ARG HG3  H N N 32  
ARG HD2  H N N 33  
ARG HD3  H N N 34  
ARG HE   H N N 35  
ARG HH11 H N N 36  
ARG HH12 H N N 37  
ARG HH21 H N N 38  
ARG HH22 H N N 39  
ARG HXT  H N N 40  
ASN N    N N N 41  
ASN CA   C N S 42  
ASN C    C N N 43  
ASN O    O N N 44  
ASN CB   C N N 45  
ASN CG   C N N 46  
ASN OD1  O N N 47  
ASN ND2  N N N 48  
ASN OXT  O N N 49  
ASN H    H N N 50  
ASN H2   H N N 51  
ASN HA   H N N 52  
ASN HB2  H N N 53  
ASN HB3  H N N 54  
ASN HD21 H N N 55  
ASN HD22 H N N 56  
ASN HXT  H N N 57  
ASP N    N N N 58  
ASP CA   C N S 59  
ASP C    C N N 60  
ASP O    O N N 61  
ASP CB   C N N 62  
ASP CG   C N N 63  
ASP OD1  O N N 64  
ASP OD2  O N N 65  
ASP OXT  O N N 66  
ASP H    H N N 67  
ASP H2   H N N 68  
ASP HA   H N N 69  
ASP HB2  H N N 70  
ASP HB3  H N N 71  
ASP HD2  H N N 72  
ASP HXT  H N N 73  
GLN N    N N N 74  
GLN CA   C N S 75  
GLN C    C N N 76  
GLN O    O N N 77  
GLN CB   C N N 78  
GLN CG   C N N 79  
GLN CD   C N N 80  
GLN OE1  O N N 81  
GLN NE2  N N N 82  
GLN OXT  O N N 83  
GLN H    H N N 84  
GLN H2   H N N 85  
GLN HA   H N N 86  
GLN HB2  H N N 87  
GLN HB3  H N N 88  
GLN HG2  H N N 89  
GLN HG3  H N N 90  
GLN HE21 H N N 91  
GLN HE22 H N N 92  
GLN HXT  H N N 93  
GLU N    N N N 94  
GLU CA   C N S 95  
GLU C    C N N 96  
GLU O    O N N 97  
GLU CB   C N N 98  
GLU CG   C N N 99  
GLU CD   C N N 100 
GLU OE1  O N N 101 
GLU OE2  O N N 102 
GLU OXT  O N N 103 
GLU H    H N N 104 
GLU H2   H N N 105 
GLU HA   H N N 106 
GLU HB2  H N N 107 
GLU HB3  H N N 108 
GLU HG2  H N N 109 
GLU HG3  H N N 110 
GLU HE2  H N N 111 
GLU HXT  H N N 112 
GLY N    N N N 113 
GLY CA   C N N 114 
GLY C    C N N 115 
GLY O    O N N 116 
GLY OXT  O N N 117 
GLY H    H N N 118 
GLY H2   H N N 119 
GLY HA2  H N N 120 
GLY HA3  H N N 121 
GLY HXT  H N N 122 
HIS N    N N N 123 
HIS CA   C N S 124 
HIS C    C N N 125 
HIS O    O N N 126 
HIS CB   C N N 127 
HIS CG   C Y N 128 
HIS ND1  N Y N 129 
HIS CD2  C Y N 130 
HIS CE1  C Y N 131 
HIS NE2  N Y N 132 
HIS OXT  O N N 133 
HIS H    H N N 134 
HIS H2   H N N 135 
HIS HA   H N N 136 
HIS HB2  H N N 137 
HIS HB3  H N N 138 
HIS HD1  H N N 139 
HIS HD2  H N N 140 
HIS HE1  H N N 141 
HIS HE2  H N N 142 
HIS HXT  H N N 143 
HOH O    O N N 144 
HOH H1   H N N 145 
HOH H2   H N N 146 
ILE N    N N N 147 
ILE CA   C N S 148 
ILE C    C N N 149 
ILE O    O N N 150 
ILE CB   C N S 151 
ILE CG1  C N N 152 
ILE CG2  C N N 153 
ILE CD1  C N N 154 
ILE OXT  O N N 155 
ILE H    H N N 156 
ILE H2   H N N 157 
ILE HA   H N N 158 
ILE HB   H N N 159 
ILE HG12 H N N 160 
ILE HG13 H N N 161 
ILE HG21 H N N 162 
ILE HG22 H N N 163 
ILE HG23 H N N 164 
ILE HD11 H N N 165 
ILE HD12 H N N 166 
ILE HD13 H N N 167 
ILE HXT  H N N 168 
LEU N    N N N 169 
LEU CA   C N S 170 
LEU C    C N N 171 
LEU O    O N N 172 
LEU CB   C N N 173 
LEU CG   C N N 174 
LEU CD1  C N N 175 
LEU CD2  C N N 176 
LEU OXT  O N N 177 
LEU H    H N N 178 
LEU H2   H N N 179 
LEU HA   H N N 180 
LEU HB2  H N N 181 
LEU HB3  H N N 182 
LEU HG   H N N 183 
LEU HD11 H N N 184 
LEU HD12 H N N 185 
LEU HD13 H N N 186 
LEU HD21 H N N 187 
LEU HD22 H N N 188 
LEU HD23 H N N 189 
LEU HXT  H N N 190 
LYS N    N N N 191 
LYS CA   C N S 192 
LYS C    C N N 193 
LYS O    O N N 194 
LYS CB   C N N 195 
LYS CG   C N N 196 
LYS CD   C N N 197 
LYS CE   C N N 198 
LYS NZ   N N N 199 
LYS OXT  O N N 200 
LYS H    H N N 201 
LYS H2   H N N 202 
LYS HA   H N N 203 
LYS HB2  H N N 204 
LYS HB3  H N N 205 
LYS HG2  H N N 206 
LYS HG3  H N N 207 
LYS HD2  H N N 208 
LYS HD3  H N N 209 
LYS HE2  H N N 210 
LYS HE3  H N N 211 
LYS HZ1  H N N 212 
LYS HZ2  H N N 213 
LYS HZ3  H N N 214 
LYS HXT  H N N 215 
MET N    N N N 216 
MET CA   C N S 217 
MET C    C N N 218 
MET O    O N N 219 
MET CB   C N N 220 
MET CG   C N N 221 
MET SD   S N N 222 
MET CE   C N N 223 
MET OXT  O N N 224 
MET H    H N N 225 
MET H2   H N N 226 
MET HA   H N N 227 
MET HB2  H N N 228 
MET HB3  H N N 229 
MET HG2  H N N 230 
MET HG3  H N N 231 
MET HE1  H N N 232 
MET HE2  H N N 233 
MET HE3  H N N 234 
MET HXT  H N N 235 
PHE N    N N N 236 
PHE CA   C N S 237 
PHE C    C N N 238 
PHE O    O N N 239 
PHE CB   C N N 240 
PHE CG   C Y N 241 
PHE CD1  C Y N 242 
PHE CD2  C Y N 243 
PHE CE1  C Y N 244 
PHE CE2  C Y N 245 
PHE CZ   C Y N 246 
PHE OXT  O N N 247 
PHE H    H N N 248 
PHE H2   H N N 249 
PHE HA   H N N 250 
PHE HB2  H N N 251 
PHE HB3  H N N 252 
PHE HD1  H N N 253 
PHE HD2  H N N 254 
PHE HE1  H N N 255 
PHE HE2  H N N 256 
PHE HZ   H N N 257 
PHE HXT  H N N 258 
PRO N    N N N 259 
PRO CA   C N S 260 
PRO C    C N N 261 
PRO O    O N N 262 
PRO CB   C N N 263 
PRO CG   C N N 264 
PRO CD   C N N 265 
PRO OXT  O N N 266 
PRO H    H N N 267 
PRO HA   H N N 268 
PRO HB2  H N N 269 
PRO HB3  H N N 270 
PRO HG2  H N N 271 
PRO HG3  H N N 272 
PRO HD2  H N N 273 
PRO HD3  H N N 274 
PRO HXT  H N N 275 
SER N    N N N 276 
SER CA   C N S 277 
SER C    C N N 278 
SER O    O N N 279 
SER CB   C N N 280 
SER OG   O N N 281 
SER OXT  O N N 282 
SER H    H N N 283 
SER H2   H N N 284 
SER HA   H N N 285 
SER HB2  H N N 286 
SER HB3  H N N 287 
SER HG   H N N 288 
SER HXT  H N N 289 
THR N    N N N 290 
THR CA   C N S 291 
THR C    C N N 292 
THR O    O N N 293 
THR CB   C N R 294 
THR OG1  O N N 295 
THR CG2  C N N 296 
THR OXT  O N N 297 
THR H    H N N 298 
THR H2   H N N 299 
THR HA   H N N 300 
THR HB   H N N 301 
THR HG1  H N N 302 
THR HG21 H N N 303 
THR HG22 H N N 304 
THR HG23 H N N 305 
THR HXT  H N N 306 
TSA C1   C N S 307 
TSA C2   C N N 308 
TSA C3   C N N 309 
TSA C4   C N R 310 
TSA O5   O N N 311 
TSA C5   C N R 312 
TSA C6   C N N 313 
TSA O7   O N N 314 
TSA C8   C N S 315 
TSA C9   C N N 316 
TSA C10  C N N 317 
TSA O1   O N N 318 
TSA O2   O N N 319 
TSA C11  C N N 320 
TSA O3   O N N 321 
TSA O4   O N N 322 
TSA H2   H N N 323 
TSA H3   H N N 324 
TSA H4   H N N 325 
TSA HO5  H N N 326 
TSA H5   H N N 327 
TSA H61  H N N 328 
TSA H62  H N N 329 
TSA H8   H N N 330 
TSA H91  H N N 331 
TSA H92  H N N 332 
TSA HO2  H N N 333 
TSA HO4  H N N 334 
TYR N    N N N 335 
TYR CA   C N S 336 
TYR C    C N N 337 
TYR O    O N N 338 
TYR CB   C N N 339 
TYR CG   C Y N 340 
TYR CD1  C Y N 341 
TYR CD2  C Y N 342 
TYR CE1  C Y N 343 
TYR CE2  C Y N 344 
TYR CZ   C Y N 345 
TYR OH   O N N 346 
TYR OXT  O N N 347 
TYR H    H N N 348 
TYR H2   H N N 349 
TYR HA   H N N 350 
TYR HB2  H N N 351 
TYR HB3  H N N 352 
TYR HD1  H N N 353 
TYR HD2  H N N 354 
TYR HE1  H N N 355 
TYR HE2  H N N 356 
TYR HH   H N N 357 
TYR HXT  H N N 358 
VAL N    N N N 359 
VAL CA   C N S 360 
VAL C    C N N 361 
VAL O    O N N 362 
VAL CB   C N N 363 
VAL CG1  C N N 364 
VAL CG2  C N N 365 
VAL OXT  O N N 366 
VAL H    H N N 367 
VAL H2   H N N 368 
VAL HA   H N N 369 
VAL HB   H N N 370 
VAL HG11 H N N 371 
VAL HG12 H N N 372 
VAL HG13 H N N 373 
VAL HG21 H N N 374 
VAL HG22 H N N 375 
VAL HG23 H N N 376 
VAL HXT  H N N 377 
# 
loop_
_chem_comp_bond.comp_id 
_chem_comp_bond.atom_id_1 
_chem_comp_bond.atom_id_2 
_chem_comp_bond.value_order 
_chem_comp_bond.pdbx_aromatic_flag 
_chem_comp_bond.pdbx_stereo_config 
_chem_comp_bond.pdbx_ordinal 
ALA N   CA   sing N N 1   
ALA N   H    sing N N 2   
ALA N   H2   sing N N 3   
ALA CA  C    sing N N 4   
ALA CA  CB   sing N N 5   
ALA CA  HA   sing N N 6   
ALA C   O    doub N N 7   
ALA C   OXT  sing N N 8   
ALA CB  HB1  sing N N 9   
ALA CB  HB2  sing N N 10  
ALA CB  HB3  sing N N 11  
ALA OXT HXT  sing N N 12  
ARG N   CA   sing N N 13  
ARG N   H    sing N N 14  
ARG N   H2   sing N N 15  
ARG CA  C    sing N N 16  
ARG CA  CB   sing N N 17  
ARG CA  HA   sing N N 18  
ARG C   O    doub N N 19  
ARG C   OXT  sing N N 20  
ARG CB  CG   sing N N 21  
ARG CB  HB2  sing N N 22  
ARG CB  HB3  sing N N 23  
ARG CG  CD   sing N N 24  
ARG CG  HG2  sing N N 25  
ARG CG  HG3  sing N N 26  
ARG CD  NE   sing N N 27  
ARG CD  HD2  sing N N 28  
ARG CD  HD3  sing N N 29  
ARG NE  CZ   sing N N 30  
ARG NE  HE   sing N N 31  
ARG CZ  NH1  sing N N 32  
ARG CZ  NH2  doub N N 33  
ARG NH1 HH11 sing N N 34  
ARG NH1 HH12 sing N N 35  
ARG NH2 HH21 sing N N 36  
ARG NH2 HH22 sing N N 37  
ARG OXT HXT  sing N N 38  
ASN N   CA   sing N N 39  
ASN N   H    sing N N 40  
ASN N   H2   sing N N 41  
ASN CA  C    sing N N 42  
ASN CA  CB   sing N N 43  
ASN CA  HA   sing N N 44  
ASN C   O    doub N N 45  
ASN C   OXT  sing N N 46  
ASN CB  CG   sing N N 47  
ASN CB  HB2  sing N N 48  
ASN CB  HB3  sing N N 49  
ASN CG  OD1  doub N N 50  
ASN CG  ND2  sing N N 51  
ASN ND2 HD21 sing N N 52  
ASN ND2 HD22 sing N N 53  
ASN OXT HXT  sing N N 54  
ASP N   CA   sing N N 55  
ASP N   H    sing N N 56  
ASP N   H2   sing N N 57  
ASP CA  C    sing N N 58  
ASP CA  CB   sing N N 59  
ASP CA  HA   sing N N 60  
ASP C   O    doub N N 61  
ASP C   OXT  sing N N 62  
ASP CB  CG   sing N N 63  
ASP CB  HB2  sing N N 64  
ASP CB  HB3  sing N N 65  
ASP CG  OD1  doub N N 66  
ASP CG  OD2  sing N N 67  
ASP OD2 HD2  sing N N 68  
ASP OXT HXT  sing N N 69  
GLN N   CA   sing N N 70  
GLN N   H    sing N N 71  
GLN N   H2   sing N N 72  
GLN CA  C    sing N N 73  
GLN CA  CB   sing N N 74  
GLN CA  HA   sing N N 75  
GLN C   O    doub N N 76  
GLN C   OXT  sing N N 77  
GLN CB  CG   sing N N 78  
GLN CB  HB2  sing N N 79  
GLN CB  HB3  sing N N 80  
GLN CG  CD   sing N N 81  
GLN CG  HG2  sing N N 82  
GLN CG  HG3  sing N N 83  
GLN CD  OE1  doub N N 84  
GLN CD  NE2  sing N N 85  
GLN NE2 HE21 sing N N 86  
GLN NE2 HE22 sing N N 87  
GLN OXT HXT  sing N N 88  
GLU N   CA   sing N N 89  
GLU N   H    sing N N 90  
GLU N   H2   sing N N 91  
GLU CA  C    sing N N 92  
GLU CA  CB   sing N N 93  
GLU CA  HA   sing N N 94  
GLU C   O    doub N N 95  
GLU C   OXT  sing N N 96  
GLU CB  CG   sing N N 97  
GLU CB  HB2  sing N N 98  
GLU CB  HB3  sing N N 99  
GLU CG  CD   sing N N 100 
GLU CG  HG2  sing N N 101 
GLU CG  HG3  sing N N 102 
GLU CD  OE1  doub N N 103 
GLU CD  OE2  sing N N 104 
GLU OE2 HE2  sing N N 105 
GLU OXT HXT  sing N N 106 
GLY N   CA   sing N N 107 
GLY N   H    sing N N 108 
GLY N   H2   sing N N 109 
GLY CA  C    sing N N 110 
GLY CA  HA2  sing N N 111 
GLY CA  HA3  sing N N 112 
GLY C   O    doub N N 113 
GLY C   OXT  sing N N 114 
GLY OXT HXT  sing N N 115 
HIS N   CA   sing N N 116 
HIS N   H    sing N N 117 
HIS N   H2   sing N N 118 
HIS CA  C    sing N N 119 
HIS CA  CB   sing N N 120 
HIS CA  HA   sing N N 121 
HIS C   O    doub N N 122 
HIS C   OXT  sing N N 123 
HIS CB  CG   sing N N 124 
HIS CB  HB2  sing N N 125 
HIS CB  HB3  sing N N 126 
HIS CG  ND1  sing Y N 127 
HIS CG  CD2  doub Y N 128 
HIS ND1 CE1  doub Y N 129 
HIS ND1 HD1  sing N N 130 
HIS CD2 NE2  sing Y N 131 
HIS CD2 HD2  sing N N 132 
HIS CE1 NE2  sing Y N 133 
HIS CE1 HE1  sing N N 134 
HIS NE2 HE2  sing N N 135 
HIS OXT HXT  sing N N 136 
HOH O   H1   sing N N 137 
HOH O   H2   sing N N 138 
ILE N   CA   sing N N 139 
ILE N   H    sing N N 140 
ILE N   H2   sing N N 141 
ILE CA  C    sing N N 142 
ILE CA  CB   sing N N 143 
ILE CA  HA   sing N N 144 
ILE C   O    doub N N 145 
ILE C   OXT  sing N N 146 
ILE CB  CG1  sing N N 147 
ILE CB  CG2  sing N N 148 
ILE CB  HB   sing N N 149 
ILE CG1 CD1  sing N N 150 
ILE CG1 HG12 sing N N 151 
ILE CG1 HG13 sing N N 152 
ILE CG2 HG21 sing N N 153 
ILE CG2 HG22 sing N N 154 
ILE CG2 HG23 sing N N 155 
ILE CD1 HD11 sing N N 156 
ILE CD1 HD12 sing N N 157 
ILE CD1 HD13 sing N N 158 
ILE OXT HXT  sing N N 159 
LEU N   CA   sing N N 160 
LEU N   H    sing N N 161 
LEU N   H2   sing N N 162 
LEU CA  C    sing N N 163 
LEU CA  CB   sing N N 164 
LEU CA  HA   sing N N 165 
LEU C   O    doub N N 166 
LEU C   OXT  sing N N 167 
LEU CB  CG   sing N N 168 
LEU CB  HB2  sing N N 169 
LEU CB  HB3  sing N N 170 
LEU CG  CD1  sing N N 171 
LEU CG  CD2  sing N N 172 
LEU CG  HG   sing N N 173 
LEU CD1 HD11 sing N N 174 
LEU CD1 HD12 sing N N 175 
LEU CD1 HD13 sing N N 176 
LEU CD2 HD21 sing N N 177 
LEU CD2 HD22 sing N N 178 
LEU CD2 HD23 sing N N 179 
LEU OXT HXT  sing N N 180 
LYS N   CA   sing N N 181 
LYS N   H    sing N N 182 
LYS N   H2   sing N N 183 
LYS CA  C    sing N N 184 
LYS CA  CB   sing N N 185 
LYS CA  HA   sing N N 186 
LYS C   O    doub N N 187 
LYS C   OXT  sing N N 188 
LYS CB  CG   sing N N 189 
LYS CB  HB2  sing N N 190 
LYS CB  HB3  sing N N 191 
LYS CG  CD   sing N N 192 
LYS CG  HG2  sing N N 193 
LYS CG  HG3  sing N N 194 
LYS CD  CE   sing N N 195 
LYS CD  HD2  sing N N 196 
LYS CD  HD3  sing N N 197 
LYS CE  NZ   sing N N 198 
LYS CE  HE2  sing N N 199 
LYS CE  HE3  sing N N 200 
LYS NZ  HZ1  sing N N 201 
LYS NZ  HZ2  sing N N 202 
LYS NZ  HZ3  sing N N 203 
LYS OXT HXT  sing N N 204 
MET N   CA   sing N N 205 
MET N   H    sing N N 206 
MET N   H2   sing N N 207 
MET CA  C    sing N N 208 
MET CA  CB   sing N N 209 
MET CA  HA   sing N N 210 
MET C   O    doub N N 211 
MET C   OXT  sing N N 212 
MET CB  CG   sing N N 213 
MET CB  HB2  sing N N 214 
MET CB  HB3  sing N N 215 
MET CG  SD   sing N N 216 
MET CG  HG2  sing N N 217 
MET CG  HG3  sing N N 218 
MET SD  CE   sing N N 219 
MET CE  HE1  sing N N 220 
MET CE  HE2  sing N N 221 
MET CE  HE3  sing N N 222 
MET OXT HXT  sing N N 223 
PHE N   CA   sing N N 224 
PHE N   H    sing N N 225 
PHE N   H2   sing N N 226 
PHE CA  C    sing N N 227 
PHE CA  CB   sing N N 228 
PHE CA  HA   sing N N 229 
PHE C   O    doub N N 230 
PHE C   OXT  sing N N 231 
PHE CB  CG   sing N N 232 
PHE CB  HB2  sing N N 233 
PHE CB  HB3  sing N N 234 
PHE CG  CD1  doub Y N 235 
PHE CG  CD2  sing Y N 236 
PHE CD1 CE1  sing Y N 237 
PHE CD1 HD1  sing N N 238 
PHE CD2 CE2  doub Y N 239 
PHE CD2 HD2  sing N N 240 
PHE CE1 CZ   doub Y N 241 
PHE CE1 HE1  sing N N 242 
PHE CE2 CZ   sing Y N 243 
PHE CE2 HE2  sing N N 244 
PHE CZ  HZ   sing N N 245 
PHE OXT HXT  sing N N 246 
PRO N   CA   sing N N 247 
PRO N   CD   sing N N 248 
PRO N   H    sing N N 249 
PRO CA  C    sing N N 250 
PRO CA  CB   sing N N 251 
PRO CA  HA   sing N N 252 
PRO C   O    doub N N 253 
PRO C   OXT  sing N N 254 
PRO CB  CG   sing N N 255 
PRO CB  HB2  sing N N 256 
PRO CB  HB3  sing N N 257 
PRO CG  CD   sing N N 258 
PRO CG  HG2  sing N N 259 
PRO CG  HG3  sing N N 260 
PRO CD  HD2  sing N N 261 
PRO CD  HD3  sing N N 262 
PRO OXT HXT  sing N N 263 
SER N   CA   sing N N 264 
SER N   H    sing N N 265 
SER N   H2   sing N N 266 
SER CA  C    sing N N 267 
SER CA  CB   sing N N 268 
SER CA  HA   sing N N 269 
SER C   O    doub N N 270 
SER C   OXT  sing N N 271 
SER CB  OG   sing N N 272 
SER CB  HB2  sing N N 273 
SER CB  HB3  sing N N 274 
SER OG  HG   sing N N 275 
SER OXT HXT  sing N N 276 
THR N   CA   sing N N 277 
THR N   H    sing N N 278 
THR N   H2   sing N N 279 
THR CA  C    sing N N 280 
THR CA  CB   sing N N 281 
THR CA  HA   sing N N 282 
THR C   O    doub N N 283 
THR C   OXT  sing N N 284 
THR CB  OG1  sing N N 285 
THR CB  CG2  sing N N 286 
THR CB  HB   sing N N 287 
THR OG1 HG1  sing N N 288 
THR CG2 HG21 sing N N 289 
THR CG2 HG22 sing N N 290 
THR CG2 HG23 sing N N 291 
THR OXT HXT  sing N N 292 
TSA C1  C2   sing N N 293 
TSA C1  C6   sing N N 294 
TSA C1  C9   sing N N 295 
TSA C1  C10  sing N N 296 
TSA C2  C3   doub N N 297 
TSA C2  H2   sing N N 298 
TSA C3  C4   sing N N 299 
TSA C3  H3   sing N N 300 
TSA C4  O5   sing N N 301 
TSA C4  C5   sing N N 302 
TSA C4  H4   sing N N 303 
TSA O5  HO5  sing N N 304 
TSA C5  C6   sing N N 305 
TSA C5  O7   sing N N 306 
TSA C5  H5   sing N N 307 
TSA C6  H61  sing N N 308 
TSA C6  H62  sing N N 309 
TSA O7  C8   sing N N 310 
TSA C8  C9   sing N N 311 
TSA C8  C11  sing N N 312 
TSA C8  H8   sing N N 313 
TSA C9  H91  sing N N 314 
TSA C9  H92  sing N N 315 
TSA C10 O1   doub N N 316 
TSA C10 O2   sing N N 317 
TSA O2  HO2  sing N N 318 
TSA C11 O3   doub N N 319 
TSA C11 O4   sing N N 320 
TSA O4  HO4  sing N N 321 
TYR N   CA   sing N N 322 
TYR N   H    sing N N 323 
TYR N   H2   sing N N 324 
TYR CA  C    sing N N 325 
TYR CA  CB   sing N N 326 
TYR CA  HA   sing N N 327 
TYR C   O    doub N N 328 
TYR C   OXT  sing N N 329 
TYR CB  CG   sing N N 330 
TYR CB  HB2  sing N N 331 
TYR CB  HB3  sing N N 332 
TYR CG  CD1  doub Y N 333 
TYR CG  CD2  sing Y N 334 
TYR CD1 CE1  sing Y N 335 
TYR CD1 HD1  sing N N 336 
TYR CD2 CE2  doub Y N 337 
TYR CD2 HD2  sing N N 338 
TYR CE1 CZ   doub Y N 339 
TYR CE1 HE1  sing N N 340 
TYR CE2 CZ   sing Y N 341 
TYR CE2 HE2  sing N N 342 
TYR CZ  OH   sing N N 343 
TYR OH  HH   sing N N 344 
TYR OXT HXT  sing N N 345 
VAL N   CA   sing N N 346 
VAL N   H    sing N N 347 
VAL N   H2   sing N N 348 
VAL CA  C    sing N N 349 
VAL CA  CB   sing N N 350 
VAL CA  HA   sing N N 351 
VAL C   O    doub N N 352 
VAL C   OXT  sing N N 353 
VAL CB  CG1  sing N N 354 
VAL CB  CG2  sing N N 355 
VAL CB  HB   sing N N 356 
VAL CG1 HG11 sing N N 357 
VAL CG1 HG12 sing N N 358 
VAL CG1 HG13 sing N N 359 
VAL CG2 HG21 sing N N 360 
VAL CG2 HG22 sing N N 361 
VAL CG2 HG23 sing N N 362 
VAL OXT HXT  sing N N 363 
# 
_atom_sites.entry_id                    1ECM 
_atom_sites.fract_transf_matrix[1][1]   -0.00656738 
_atom_sites.fract_transf_matrix[1][2]   -0.01233636 
_atom_sites.fract_transf_matrix[1][3]   -0.00296186 
_atom_sites.fract_transf_matrix[2][1]   -0.00022872 
_atom_sites.fract_transf_matrix[2][2]   -0.00493147 
_atom_sites.fract_transf_matrix[2][3]   -0.01340590 
_atom_sites.fract_transf_matrix[3][1]   0.01023831 
_atom_sites.fract_transf_matrix[3][2]   -0.00593248 
_atom_sites.fract_transf_matrix[3][3]   0.00200764 
_atom_sites.fract_transf_vector[1]      0.527293 
_atom_sites.fract_transf_vector[2]      0.340750 
_atom_sites.fract_transf_vector[3]      0.453449 
# 
loop_
_atom_type.symbol 
C 
H 
N 
O 
# 
loop_
_atom_site.group_PDB 
_atom_site.id 
_atom_site.type_symbol 
_atom_site.label_atom_id 
_atom_site.label_alt_id 
_atom_site.label_comp_id 
_atom_site.label_asym_id 
_atom_site.label_entity_id 
_atom_site.label_seq_id 
_atom_site.pdbx_PDB_ins_code 
_atom_site.Cartn_x 
_atom_site.Cartn_y 
_atom_site.Cartn_z 
_atom_site.occupancy 
_atom_site.B_iso_or_equiv 
_atom_site.pdbx_formal_charge 
_atom_site.auth_seq_id 
_atom_site.auth_comp_id 
_atom_site.auth_asym_id 
_atom_site.auth_atom_id 
_atom_site.pdbx_PDB_model_num 
ATOM   1    N N   . ASN A 1 5   ? 13.078  -16.221 17.701  1.00 90.46  ? 5   ASN A N   1 
ATOM   2    C CA  . ASN A 1 5   ? 13.755  -14.889 17.802  1.00 87.53  ? 5   ASN A CA  1 
ATOM   3    C C   . ASN A 1 5   ? 12.668  -13.821 17.762  1.00 83.63  ? 5   ASN A C   1 
ATOM   4    O O   . ASN A 1 5   ? 11.660  -13.979 17.052  1.00 82.55  ? 5   ASN A O   1 
ATOM   5    C CB  . ASN A 1 5   ? 14.740  -14.690 16.631  1.00 89.59  ? 5   ASN A CB  1 
ATOM   6    C CG  . ASN A 1 5   ? 15.587  -13.431 16.771  1.00 91.62  ? 5   ASN A CG  1 
ATOM   7    O OD1 . ASN A 1 5   ? 15.177  -12.343 16.365  1.00 92.39  ? 5   ASN A OD1 1 
ATOM   8    N ND2 . ASN A 1 5   ? 16.775  -13.578 17.348  1.00 93.02  ? 5   ASN A ND2 1 
ATOM   9    N N   . PRO A 1 6   ? 12.816  -12.763 18.579  1.00 79.60  ? 6   PRO A N   1 
ATOM   10   C CA  . PRO A 1 6   ? 11.817  -11.694 18.595  1.00 75.03  ? 6   PRO A CA  1 
ATOM   11   C C   . PRO A 1 6   ? 11.699  -11.088 17.199  1.00 68.71  ? 6   PRO A C   1 
ATOM   12   O O   . PRO A 1 6   ? 10.662  -11.220 16.553  1.00 69.17  ? 6   PRO A O   1 
ATOM   13   C CB  . PRO A 1 6   ? 12.401  -10.698 19.608  1.00 77.76  ? 6   PRO A CB  1 
ATOM   14   C CG  . PRO A 1 6   ? 13.890  -10.933 19.520  1.00 78.70  ? 6   PRO A CG  1 
ATOM   15   C CD  . PRO A 1 6   ? 13.931  -12.442 19.489  1.00 80.35  ? 6   PRO A CD  1 
ATOM   16   N N   . LEU A 1 7   ? 12.805  -10.547 16.695  1.00 60.20  ? 7   LEU A N   1 
ATOM   17   C CA  . LEU A 1 7   ? 12.827  -9.922  15.393  1.00 53.43  ? 7   LEU A CA  1 
ATOM   18   C C   . LEU A 1 7   ? 12.275  -10.802 14.279  1.00 52.76  ? 7   LEU A C   1 
ATOM   19   O O   . LEU A 1 7   ? 11.505  -10.338 13.449  1.00 52.80  ? 7   LEU A O   1 
ATOM   20   C CB  . LEU A 1 7   ? 14.244  -9.491  15.052  1.00 48.94  ? 7   LEU A CB  1 
ATOM   21   C CG  . LEU A 1 7   ? 14.185  -8.300  14.108  1.00 48.44  ? 7   LEU A CG  1 
ATOM   22   C CD1 . LEU A 1 7   ? 13.392  -7.199  14.795  1.00 50.54  ? 7   LEU A CD1 1 
ATOM   23   C CD2 . LEU A 1 7   ? 15.568  -7.818  13.744  1.00 46.01  ? 7   LEU A CD2 1 
ATOM   24   N N   . LEU A 1 8   ? 12.626  -12.082 14.294  1.00 53.42  ? 8   LEU A N   1 
ATOM   25   C CA  . LEU A 1 8   ? 12.186  -13.017 13.256  1.00 53.27  ? 8   LEU A CA  1 
ATOM   26   C C   . LEU A 1 8   ? 10.711  -13.343 13.180  1.00 49.97  ? 8   LEU A C   1 
ATOM   27   O O   . LEU A 1 8   ? 10.142  -13.407 12.086  1.00 50.57  ? 8   LEU A O   1 
ATOM   28   C CB  . LEU A 1 8   ? 12.980  -14.317 13.307  1.00 60.04  ? 8   LEU A CB  1 
ATOM   29   C CG  . LEU A 1 8   ? 14.471  -14.222 12.965  1.00 67.33  ? 8   LEU A CG  1 
ATOM   30   C CD1 . LEU A 1 8   ? 15.017  -15.632 12.938  1.00 72.14  ? 8   LEU A CD1 1 
ATOM   31   C CD2 . LEU A 1 8   ? 14.712  -13.536 11.612  1.00 69.64  ? 8   LEU A CD2 1 
ATOM   32   N N   . ALA A 1 9   ? 10.089  -13.572 14.323  1.00 46.08  ? 9   ALA A N   1 
ATOM   33   C CA  . ALA A 1 9   ? 8.673   -13.896 14.335  1.00 42.98  ? 9   ALA A CA  1 
ATOM   34   C C   . ALA A 1 9   ? 7.800   -12.759 13.752  1.00 40.71  ? 9   ALA A C   1 
ATOM   35   O O   . ALA A 1 9   ? 6.798   -13.018 13.080  1.00 41.02  ? 9   ALA A O   1 
ATOM   36   C CB  . ALA A 1 9   ? 8.249   -14.238 15.729  1.00 44.58  ? 9   ALA A CB  1 
ATOM   37   N N   . LEU A 1 10  ? 8.196   -11.510 13.988  1.00 37.52  ? 10  LEU A N   1 
ATOM   38   C CA  . LEU A 1 10  ? 7.467   -10.343 13.487  1.00 36.76  ? 10  LEU A CA  1 
ATOM   39   C C   . LEU A 1 10  ? 7.623   -10.207 11.978  1.00 35.80  ? 10  LEU A C   1 
ATOM   40   O O   . LEU A 1 10  ? 6.647   -9.963  11.253  1.00 34.80  ? 10  LEU A O   1 
ATOM   41   C CB  . LEU A 1 10  ? 7.966   -9.073  14.168  1.00 33.66  ? 10  LEU A CB  1 
ATOM   42   C CG  . LEU A 1 10  ? 7.684   -9.070  15.666  1.00 32.54  ? 10  LEU A CG  1 
ATOM   43   C CD1 . LEU A 1 10  ? 8.271   -7.830  16.289  1.00 34.53  ? 10  LEU A CD1 1 
ATOM   44   C CD2 . LEU A 1 10  ? 6.195   -9.139  15.919  1.00 34.14  ? 10  LEU A CD2 1 
ATOM   45   N N   . ARG A 1 11  ? 8.856   -10.370 11.512  1.00 32.51  ? 11  ARG A N   1 
ATOM   46   C CA  . ARG A 1 11  ? 9.136   -10.291 10.095  1.00 30.20  ? 11  ARG A CA  1 
ATOM   47   C C   . ARG A 1 11  ? 8.334   -11.300 9.306   1.00 29.31  ? 11  ARG A C   1 
ATOM   48   O O   . ARG A 1 11  ? 7.893   -11.004 8.208   1.00 32.80  ? 11  ARG A O   1 
ATOM   49   C CB  . ARG A 1 11  ? 10.614  -10.441 9.830   1.00 25.44  ? 11  ARG A CB  1 
ATOM   50   C CG  . ARG A 1 11  ? 11.354  -9.192  10.185  1.00 23.77  ? 11  ARG A CG  1 
ATOM   51   C CD  . ARG A 1 11  ? 12.820  -9.350  9.943   1.00 25.34  ? 11  ARG A CD  1 
ATOM   52   N NE  . ARG A 1 11  ? 13.509  -8.082  10.116  1.00 27.82  ? 11  ARG A NE  1 
ATOM   53   C CZ  . ARG A 1 11  ? 14.810  -7.921  9.926   1.00 32.56  ? 11  ARG A CZ  1 
ATOM   54   N NH1 . ARG A 1 11  ? 15.560  -8.967  9.615   1.00 38.46  ? 11  ARG A NH1 1 
ATOM   55   N NH2 . ARG A 1 11  ? 15.368  -6.726  10.085  1.00 31.15  ? 11  ARG A NH2 1 
ATOM   56   N N   . GLU A 1 12  ? 8.105   -12.478 9.862   1.00 31.46  ? 12  GLU A N   1 
ATOM   57   C CA  . GLU A 1 12  ? 7.309   -13.468 9.152   1.00 31.60  ? 12  GLU A CA  1 
ATOM   58   C C   . GLU A 1 12  ? 5.900   -12.967 9.033   1.00 27.64  ? 12  GLU A C   1 
ATOM   59   O O   . GLU A 1 12  ? 5.216   -13.265 8.072   1.00 29.42  ? 12  GLU A O   1 
ATOM   60   C CB  . GLU A 1 12  ? 7.309   -14.809 9.869   1.00 37.84  ? 12  GLU A CB  1 
ATOM   61   C CG  . GLU A 1 12  ? 8.666   -15.496 9.858   1.00 50.77  ? 12  GLU A CG  1 
ATOM   62   C CD  . GLU A 1 12  ? 8.625   -16.963 10.323  1.00 52.54  ? 12  GLU A CD  1 
ATOM   63   O OE1 . GLU A 1 12  ? 7.589   -17.420 10.890  1.00 53.79  ? 12  GLU A OE1 1 
ATOM   64   O OE2 . GLU A 1 12  ? 9.645   -17.665 10.108  1.00 55.34  ? 12  GLU A OE2 1 
ATOM   65   N N   . LYS A 1 13  ? 5.473   -12.199 10.021  1.00 30.13  ? 13  LYS A N   1 
ATOM   66   C CA  . LYS A 1 13  ? 4.144   -11.637 10.009  1.00 32.84  ? 13  LYS A CA  1 
ATOM   67   C C   . LYS A 1 13  ? 4.079   -10.535 8.968   1.00 32.37  ? 13  LYS A C   1 
ATOM   68   O O   . LYS A 1 13  ? 3.086   -10.396 8.249   1.00 32.89  ? 13  LYS A O   1 
ATOM   69   C CB  . LYS A 1 13  ? 3.809   -11.085 11.378  1.00 40.21  ? 13  LYS A CB  1 
ATOM   70   C CG  . LYS A 1 13  ? 3.357   -12.126 12.391  1.00 49.36  ? 13  LYS A CG  1 
ATOM   71   C CD  . LYS A 1 13  ? 2.958   -11.394 13.666  1.00 62.05  ? 13  LYS A CD  1 
ATOM   72   C CE  . LYS A 1 13  ? 2.422   -12.292 14.777  1.00 68.35  ? 13  LYS A CE  1 
ATOM   73   N NZ  . LYS A 1 13  ? 2.106   -11.456 15.998  1.00 72.44  ? 13  LYS A NZ  1 
ATOM   74   N N   . ILE A 1 14  ? 5.150   -9.754  8.886   1.00 31.02  ? 14  ILE A N   1 
ATOM   75   C CA  . ILE A 1 14  ? 5.229   -8.679  7.908   1.00 28.16  ? 14  ILE A CA  1 
ATOM   76   C C   . ILE A 1 14  ? 5.218   -9.268  6.491   1.00 29.40  ? 14  ILE A C   1 
ATOM   77   O O   . ILE A 1 14  ? 4.432   -8.837  5.647   1.00 29.82  ? 14  ILE A O   1 
ATOM   78   C CB  . ILE A 1 14  ? 6.483   -7.810  8.128   1.00 24.60  ? 14  ILE A CB  1 
ATOM   79   C CG1 . ILE A 1 14  ? 6.318   -6.949  9.376   1.00 20.20  ? 14  ILE A CG1 1 
ATOM   80   C CG2 . ILE A 1 14  ? 6.708   -6.907  6.960   1.00 23.84  ? 14  ILE A CG2 1 
ATOM   81   C CD1 . ILE A 1 14  ? 7.527   -6.060  9.658   1.00 21.44  ? 14  ILE A CD1 1 
ATOM   82   N N   . SER A 1 15  ? 6.023   -10.304 6.258   1.00 29.13  ? 15  SER A N   1 
ATOM   83   C CA  . SER A 1 15  ? 6.112   -10.954 4.950   1.00 26.95  ? 15  SER A CA  1 
ATOM   84   C C   . SER A 1 15  ? 4.798   -11.543 4.498   1.00 27.91  ? 15  SER A C   1 
ATOM   85   O O   . SER A 1 15  ? 4.502   -11.534 3.302   1.00 28.85  ? 15  SER A O   1 
ATOM   86   C CB  . SER A 1 15  ? 7.192   -12.041 4.938   1.00 26.39  ? 15  SER A CB  1 
ATOM   87   O OG  . SER A 1 15  ? 8.474   -11.492 5.223   1.00 30.49  ? 15  SER A OG  1 
ATOM   88   N N   . ALA A 1 16  ? 4.012   -12.058 5.447   1.00 29.70  ? 16  ALA A N   1 
ATOM   89   C CA  . ALA A 1 16  ? 2.697   -12.639 5.141   1.00 31.88  ? 16  ALA A CA  1 
ATOM   90   C C   . ALA A 1 16  ? 1.703   -11.541 4.802   1.00 30.91  ? 16  ALA A C   1 
ATOM   91   O O   . ALA A 1 16  ? 0.843   -11.719 3.940   1.00 31.08  ? 16  ALA A O   1 
ATOM   92   C CB  . ALA A 1 16  ? 2.181   -13.438 6.315   1.00 31.93  ? 16  ALA A CB  1 
ATOM   93   N N   . LEU A 1 17  ? 1.805   -10.430 5.526   1.00 26.81  ? 17  LEU A N   1 
ATOM   94   C CA  . LEU A 1 17  ? 0.952   -9.279  5.309   1.00 26.23  ? 17  LEU A CA  1 
ATOM   95   C C   . LEU A 1 17  ? 1.233   -8.678  3.926   1.00 26.28  ? 17  LEU A C   1 
ATOM   96   O O   . LEU A 1 17  ? 0.303   -8.415  3.162   1.00 28.71  ? 17  LEU A O   1 
ATOM   97   C CB  . LEU A 1 17  ? 1.186   -8.250  6.416   1.00 25.54  ? 17  LEU A CB  1 
ATOM   98   C CG  . LEU A 1 17  ? 0.312   -7.001  6.475   1.00 26.78  ? 17  LEU A CG  1 
ATOM   99   C CD1 . LEU A 1 17  ? 0.358   -6.487  7.868   1.00 24.62  ? 17  LEU A CD1 1 
ATOM   100  C CD2 . LEU A 1 17  ? 0.797   -5.943  5.490   1.00 27.90  ? 17  LEU A CD2 1 
ATOM   101  N N   . ASP A 1 18  ? 2.508   -8.523  3.579   1.00 25.21  ? 18  ASP A N   1 
ATOM   102  C CA  . ASP A 1 18  ? 2.886   -7.976  2.279   1.00 23.37  ? 18  ASP A CA  1 
ATOM   103  C C   . ASP A 1 18  ? 2.364   -8.791  1.135   1.00 25.63  ? 18  ASP A C   1 
ATOM   104  O O   . ASP A 1 18  ? 2.088   -8.238  0.070   1.00 26.00  ? 18  ASP A O   1 
ATOM   105  C CB  . ASP A 1 18  ? 4.390   -7.809  2.170   1.00 22.76  ? 18  ASP A CB  1 
ATOM   106  C CG  . ASP A 1 18  ? 4.885   -6.661  2.999   1.00 25.59  ? 18  ASP A CG  1 
ATOM   107  O OD1 . ASP A 1 18  ? 4.035   -5.850  3.415   1.00 25.72  ? 18  ASP A OD1 1 
ATOM   108  O OD2 . ASP A 1 18  ? 6.102   -6.543  3.234   1.00 28.48  ? 18  ASP A OD2 1 
ATOM   109  N N   . GLU A 1 19  ? 2.219   -10.098 1.371   1.00 28.09  ? 19  GLU A N   1 
ATOM   110  C CA  . GLU A 1 19  ? 1.683   -11.060 0.398   1.00 29.43  ? 19  GLU A CA  1 
ATOM   111  C C   . GLU A 1 19  ? 0.194   -10.820 0.169   1.00 30.19  ? 19  GLU A C   1 
ATOM   112  O O   . GLU A 1 19  ? -0.318  -11.035 -0.937  1.00 30.38  ? 19  GLU A O   1 
ATOM   113  C CB  . GLU A 1 19  ? 1.872   -12.496 0.890   1.00 31.67  ? 19  GLU A CB  1 
ATOM   114  C CG  . GLU A 1 19  ? 2.827   -13.277 0.036   1.00 35.42  ? 19  GLU A CG  1 
ATOM   115  C CD  . GLU A 1 19  ? 2.881   -14.734 0.385   1.00 36.32  ? 19  GLU A CD  1 
ATOM   116  O OE1 . GLU A 1 19  ? 3.578   -15.099 1.356   1.00 37.61  ? 19  GLU A OE1 1 
ATOM   117  O OE2 . GLU A 1 19  ? 2.238   -15.514 -0.343  1.00 37.86  ? 19  GLU A OE2 1 
ATOM   118  N N   . LYS A 1 20  ? -0.514  -10.443 1.232   1.00 28.07  ? 20  LYS A N   1 
ATOM   119  C CA  . LYS A 1 20  ? -1.931  -10.137 1.119   1.00 28.35  ? 20  LYS A CA  1 
ATOM   120  C C   . LYS A 1 20  ? -2.113  -8.827  0.348   1.00 26.29  ? 20  LYS A C   1 
ATOM   121  O O   . LYS A 1 20  ? -3.050  -8.713  -0.430  1.00 31.13  ? 20  LYS A O   1 
ATOM   122  C CB  . LYS A 1 20  ? -2.563  -10.026 2.492   1.00 31.20  ? 20  LYS A CB  1 
ATOM   123  C CG  . LYS A 1 20  ? -2.615  -11.330 3.252   1.00 39.70  ? 20  LYS A CG  1 
ATOM   124  C CD  . LYS A 1 20  ? -3.202  -11.110 4.644   1.00 51.21  ? 20  LYS A CD  1 
ATOM   125  C CE  . LYS A 1 20  ? -2.984  -12.311 5.560   1.00 56.94  ? 20  LYS A CE  1 
ATOM   126  N NZ  . LYS A 1 20  ? -3.793  -13.503 5.136   1.00 66.05  ? 20  LYS A NZ  1 
ATOM   127  N N   . LEU A 1 21  ? -1.221  -7.851  0.558   1.00 27.31  ? 21  LEU A N   1 
ATOM   128  C CA  . LEU A 1 21  ? -1.276  -6.559  -0.152  1.00 25.00  ? 21  LEU A CA  1 
ATOM   129  C C   . LEU A 1 21  ? -1.163  -6.769  -1.641  1.00 25.77  ? 21  LEU A C   1 
ATOM   130  O O   . LEU A 1 21  ? -1.889  -6.152  -2.391  1.00 30.63  ? 21  LEU A O   1 
ATOM   131  C CB  . LEU A 1 21  ? -0.164  -5.607  0.286   1.00 25.71  ? 21  LEU A CB  1 
ATOM   132  C CG  . LEU A 1 21  ? -0.358  -4.910  1.625   1.00 28.94  ? 21  LEU A CG  1 
ATOM   133  C CD1 . LEU A 1 21  ? 0.845   -4.088  2.002   1.00 29.49  ? 21  LEU A CD1 1 
ATOM   134  C CD2 . LEU A 1 21  ? -1.559  -4.026  1.508   1.00 33.14  ? 21  LEU A CD2 1 
ATOM   135  N N   . LEU A 1 22  ? -0.246  -7.632  -2.072  1.00 26.29  ? 22  LEU A N   1 
ATOM   136  C CA  . LEU A 1 22  ? -0.077  -7.924  -3.498  1.00 25.20  ? 22  LEU A CA  1 
ATOM   137  C C   . LEU A 1 22  ? -1.340  -8.463  -4.129  1.00 23.67  ? 22  LEU A C   1 
ATOM   138  O O   . LEU A 1 22  ? -1.644  -8.138  -5.264  1.00 29.53  ? 22  LEU A O   1 
ATOM   139  C CB  . LEU A 1 22  ? 1.032   -8.955  -3.752  1.00 27.73  ? 22  LEU A CB  1 
ATOM   140  C CG  . LEU A 1 22  ? 2.514   -8.678  -3.526  1.00 27.37  ? 22  LEU A CG  1 
ATOM   141  C CD1 . LEU A 1 22  ? 3.271   -9.870  -4.058  1.00 23.65  ? 22  LEU A CD1 1 
ATOM   142  C CD2 . LEU A 1 22  ? 2.951   -7.412  -4.245  1.00 27.31  ? 22  LEU A CD2 1 
ATOM   143  N N   . ALA A 1 23  ? -2.041  -9.340  -3.424  1.00 23.91  ? 23  ALA A N   1 
ATOM   144  C CA  . ALA A 1 23  ? -3.274  -9.922  -3.938  1.00 23.36  ? 23  ALA A CA  1 
ATOM   145  C C   . ALA A 1 23  ? -4.348  -8.852  -4.165  1.00 25.78  ? 23  ALA A C   1 
ATOM   146  O O   . ALA A 1 23  ? -4.994  -8.834  -5.205  1.00 30.17  ? 23  ALA A O   1 
ATOM   147  C CB  . ALA A 1 23  ? -3.773  -10.995 -2.989  1.00 22.56  ? 23  ALA A CB  1 
ATOM   148  N N   . LEU A 1 24  ? -4.503  -7.941  -3.210  1.00 27.53  ? 24  LEU A N   1 
ATOM   149  C CA  . LEU A 1 24  ? -5.470  -6.840  -3.297  1.00 24.37  ? 24  LEU A CA  1 
ATOM   150  C C   . LEU A 1 24  ? -5.154  -5.812  -4.393  1.00 23.66  ? 24  LEU A C   1 
ATOM   151  O O   . LEU A 1 24  ? -6.060  -5.231  -4.984  1.00 25.85  ? 24  LEU A O   1 
ATOM   152  C CB  . LEU A 1 24  ? -5.567  -6.123  -1.948  1.00 25.03  ? 24  LEU A CB  1 
ATOM   153  C CG  . LEU A 1 24  ? -6.085  -6.918  -0.752  1.00 24.47  ? 24  LEU A CG  1 
ATOM   154  C CD1 . LEU A 1 24  ? -6.062  -6.064  0.496   1.00 25.03  ? 24  LEU A CD1 1 
ATOM   155  C CD2 . LEU A 1 24  ? -7.478  -7.367  -1.044  1.00 25.34  ? 24  LEU A CD2 1 
ATOM   156  N N   . LEU A 1 25  ? -3.868  -5.564  -4.639  1.00 24.76  ? 25  LEU A N   1 
ATOM   157  C CA  . LEU A 1 25  ? -3.421  -4.612  -5.666  1.00 23.67  ? 25  LEU A CA  1 
ATOM   158  C C   . LEU A 1 25  ? -3.692  -5.147  -7.053  1.00 23.28  ? 25  LEU A C   1 
ATOM   159  O O   . LEU A 1 25  ? -4.008  -4.407  -7.980  1.00 27.31  ? 25  LEU A O   1 
ATOM   160  C CB  . LEU A 1 25  ? -1.927  -4.337  -5.531  1.00 24.87  ? 25  LEU A CB  1 
ATOM   161  C CG  . LEU A 1 25  ? -1.439  -3.623  -4.266  1.00 23.85  ? 25  LEU A CG  1 
ATOM   162  C CD1 . LEU A 1 25  ? 0.102   -3.646  -4.169  1.00 24.91  ? 25  LEU A CD1 1 
ATOM   163  C CD2 . LEU A 1 25  ? -1.972  -2.202  -4.296  1.00 21.41  ? 25  LEU A CD2 1 
ATOM   164  N N   . ALA A 1 26  ? -3.546  -6.452  -7.193  1.00 25.42  ? 26  ALA A N   1 
ATOM   165  C CA  . ALA A 1 26  ? -3.794  -7.111  -8.470  1.00 28.19  ? 26  ALA A CA  1 
ATOM   166  C C   . ALA A 1 26  ? -5.300  -7.164  -8.704  1.00 28.86  ? 26  ALA A C   1 
ATOM   167  O O   . ALA A 1 26  ? -5.801  -6.901  -9.795  1.00 31.07  ? 26  ALA A O   1 
ATOM   168  C CB  . ALA A 1 26  ? -3.202  -8.531  -8.462  1.00 26.71  ? 26  ALA A CB  1 
ATOM   169  N N   . GLU A 1 27  ? -6.034  -7.509  -7.661  1.00 30.89  ? 27  GLU A N   1 
ATOM   170  C CA  . GLU A 1 27  ? -7.460  -7.565  -7.782  1.00 29.18  ? 27  GLU A CA  1 
ATOM   171  C C   . GLU A 1 27  ? -7.946  -6.171  -8.130  1.00 29.50  ? 27  GLU A C   1 
ATOM   172  O O   . GLU A 1 27  ? -8.786  -6.030  -9.007  1.00 34.06  ? 27  GLU A O   1 
ATOM   173  C CB  . GLU A 1 27  ? -8.083  -8.029  -6.490  1.00 35.30  ? 27  GLU A CB  1 
ATOM   174  C CG  . GLU A 1 27  ? -9.549  -8.338  -6.633  1.00 50.44  ? 27  GLU A CG  1 
ATOM   175  C CD  . GLU A 1 27  ? -10.207 -8.618  -5.297  1.00 58.49  ? 27  GLU A CD  1 
ATOM   176  O OE1 . GLU A 1 27  ? -9.481  -8.830  -4.292  1.00 63.23  ? 27  GLU A OE1 1 
ATOM   177  O OE2 . GLU A 1 27  ? -11.459 -8.624  -5.249  1.00 64.99  ? 27  GLU A OE2 1 
ATOM   178  N N   . ARG A 1 28  ? -7.384  -5.136  -7.503  1.00 26.88  ? 28  ARG A N   1 
ATOM   179  C CA  . ARG A 1 28  ? -7.817  -3.777  -7.805  1.00 26.64  ? 28  ARG A CA  1 
ATOM   180  C C   . ARG A 1 28  ? -7.562  -3.421  -9.255  1.00 31.01  ? 28  ARG A C   1 
ATOM   181  O O   . ARG A 1 28  ? -8.322  -2.647  -9.869  1.00 31.54  ? 28  ARG A O   1 
ATOM   182  C CB  . ARG A 1 28  ? -7.156  -2.738  -6.912  1.00 24.68  ? 28  ARG A CB  1 
ATOM   183  C CG  . ARG A 1 28  ? -7.907  -1.387  -6.926  1.00 24.30  ? 28  ARG A CG  1 
ATOM   184  C CD  . ARG A 1 28  ? -7.129  -0.345  -6.171  1.00 23.56  ? 28  ARG A CD  1 
ATOM   185  N NE  . ARG A 1 28  ? -7.873  0.853   -5.784  1.00 25.97  ? 28  ARG A NE  1 
ATOM   186  C CZ  . ARG A 1 28  ? -8.136  1.884   -6.584  1.00 26.26  ? 28  ARG A CZ  1 
ATOM   187  N NH1 . ARG A 1 28  ? -7.746  1.882   -7.850  1.00 25.92  ? 28  ARG A NH1 1 
ATOM   188  N NH2 . ARG A 1 28  ? -8.700  2.970   -6.083  1.00 21.91  ? 28  ARG A NH2 1 
ATOM   189  N N   . ARG A 1 29  ? -6.494  -3.970  -9.817  1.00 30.25  ? 29  ARG A N   1 
ATOM   190  C CA  . ARG A 1 29  ? -6.203  -3.697  -11.203 1.00 30.87  ? 29  ARG A CA  1 
ATOM   191  C C   . ARG A 1 29  ? -7.266  -4.337  -12.079 1.00 33.75  ? 29  ARG A C   1 
ATOM   192  O O   . ARG A 1 29  ? -7.675  -3.758  -13.083 1.00 35.87  ? 29  ARG A O   1 
ATOM   193  C CB  . ARG A 1 29  ? -4.845  -4.230  -11.579 1.00 30.52  ? 29  ARG A CB  1 
ATOM   194  C CG  . ARG A 1 29  ? -3.714  -3.302  -11.340 1.00 28.28  ? 29  ARG A CG  1 
ATOM   195  C CD  . ARG A 1 29  ? -2.555  -3.849  -12.130 1.00 30.62  ? 29  ARG A CD  1 
ATOM   196  N NE  . ARG A 1 29  ? -1.389  -2.988  -12.095 1.00 33.25  ? 29  ARG A NE  1 
ATOM   197  C CZ  . ARG A 1 29  ? -0.258  -3.269  -12.724 1.00 33.33  ? 29  ARG A CZ  1 
ATOM   198  N NH1 . ARG A 1 29  ? -0.166  -4.383  -13.424 1.00 34.72  ? 29  ARG A NH1 1 
ATOM   199  N NH2 . ARG A 1 29  ? 0.777   -2.449  -12.637 1.00 34.19  ? 29  ARG A NH2 1 
ATOM   200  N N   . GLU A 1 30  ? -7.716  -5.526  -11.693 1.00 37.32  ? 30  GLU A N   1 
ATOM   201  C CA  . GLU A 1 30  ? -8.756  -6.230  -12.445 1.00 42.76  ? 30  GLU A CA  1 
ATOM   202  C C   . GLU A 1 30  ? -10.008 -5.353  -12.535 1.00 41.36  ? 30  GLU A C   1 
ATOM   203  O O   . GLU A 1 30  ? -10.565 -5.152  -13.617 1.00 42.02  ? 30  GLU A O   1 
ATOM   204  C CB  . GLU A 1 30  ? -9.129  -7.535  -11.746 1.00 48.08  ? 30  GLU A CB  1 
ATOM   205  C CG  . GLU A 1 30  ? -8.206  -8.711  -11.981 1.00 63.62  ? 30  GLU A CG  1 
ATOM   206  C CD  . GLU A 1 30  ? -8.604  -9.929  -11.129 1.00 75.67  ? 30  GLU A CD  1 
ATOM   207  O OE1 . GLU A 1 30  ? -9.819  -10.247 -11.050 1.00 80.90  ? 30  GLU A OE1 1 
ATOM   208  O OE2 . GLU A 1 30  ? -7.705  -10.565 -10.518 1.00 81.78  ? 30  GLU A OE2 1 
ATOM   209  N N   . LEU A 1 31  ? -10.441 -4.848  -11.381 1.00 38.86  ? 31  LEU A N   1 
ATOM   210  C CA  . LEU A 1 31  ? -11.614 -4.000  -11.293 1.00 34.88  ? 31  LEU A CA  1 
ATOM   211  C C   . LEU A 1 31  ? -11.423 -2.753  -12.139 1.00 36.71  ? 31  LEU A C   1 
ATOM   212  O O   . LEU A 1 31  ? -12.369 -2.298  -12.774 1.00 38.21  ? 31  LEU A O   1 
ATOM   213  C CB  . LEU A 1 31  ? -11.899 -3.626  -9.844  1.00 32.60  ? 31  LEU A CB  1 
ATOM   214  C CG  . LEU A 1 31  ? -12.338 -4.759  -8.924  1.00 33.95  ? 31  LEU A CG  1 
ATOM   215  C CD1 . LEU A 1 31  ? -12.446 -4.272  -7.480  1.00 33.78  ? 31  LEU A CD1 1 
ATOM   216  C CD2 . LEU A 1 31  ? -13.655 -5.297  -9.403  1.00 36.78  ? 31  LEU A CD2 1 
ATOM   217  N N   . ALA A 1 32  ? -10.210 -2.204  -12.169 1.00 35.54  ? 32  ALA A N   1 
ATOM   218  C CA  . ALA A 1 32  ? -9.956  -1.014  -12.980 1.00 38.50  ? 32  ALA A CA  1 
ATOM   219  C C   . ALA A 1 32  ? -10.166 -1.346  -14.459 1.00 41.19  ? 32  ALA A C   1 
ATOM   220  O O   . ALA A 1 32  ? -10.608 -0.499  -15.237 1.00 41.65  ? 32  ALA A O   1 
ATOM   221  C CB  . ALA A 1 32  ? -8.553  -0.502  -12.756 1.00 37.43  ? 32  ALA A CB  1 
ATOM   222  N N   . VAL A 1 33  ? -9.828  -2.576  -14.845 1.00 41.84  ? 33  VAL A N   1 
ATOM   223  C CA  . VAL A 1 33  ? -10.004 -3.035  -16.222 1.00 42.12  ? 33  VAL A CA  1 
ATOM   224  C C   . VAL A 1 33  ? -11.482 -3.103  -16.543 1.00 44.11  ? 33  VAL A C   1 
ATOM   225  O O   . VAL A 1 33  ? -11.906 -2.695  -17.614 1.00 44.78  ? 33  VAL A O   1 
ATOM   226  C CB  . VAL A 1 33  ? -9.431  -4.427  -16.430 1.00 39.54  ? 33  VAL A CB  1 
ATOM   227  C CG1 . VAL A 1 33  ? -9.973  -5.020  -17.713 1.00 38.97  ? 33  VAL A CG1 1 
ATOM   228  C CG2 . VAL A 1 33  ? -7.933  -4.346  -16.499 1.00 40.26  ? 33  VAL A CG2 1 
ATOM   229  N N   . GLU A 1 34  ? -12.252 -3.675  -15.626 1.00 47.63  ? 34  GLU A N   1 
ATOM   230  C CA  . GLU A 1 34  ? -13.693 -3.778  -15.787 1.00 48.38  ? 34  GLU A CA  1 
ATOM   231  C C   . GLU A 1 34  ? -14.234 -2.375  -15.976 1.00 48.42  ? 34  GLU A C   1 
ATOM   232  O O   . GLU A 1 34  ? -14.933 -2.107  -16.944 1.00 52.65  ? 34  GLU A O   1 
ATOM   233  C CB  . GLU A 1 34  ? -14.326 -4.417  -14.558 1.00 52.83  ? 34  GLU A CB  1 
ATOM   234  C CG  . GLU A 1 34  ? -14.022 -5.892  -14.392 1.00 62.90  ? 34  GLU A CG  1 
ATOM   235  C CD  . GLU A 1 34  ? -14.644 -6.734  -15.487 1.00 71.40  ? 34  GLU A CD  1 
ATOM   236  O OE1 . GLU A 1 34  ? -15.861 -7.029  -15.402 1.00 77.49  ? 34  GLU A OE1 1 
ATOM   237  O OE2 . GLU A 1 34  ? -13.916 -7.099  -16.435 1.00 76.63  ? 34  GLU A OE2 1 
ATOM   238  N N   . VAL A 1 35  ? -13.873 -1.462  -15.084 1.00 47.37  ? 35  VAL A N   1 
ATOM   239  C CA  . VAL A 1 35  ? -14.328 -0.087  -15.205 1.00 48.42  ? 35  VAL A CA  1 
ATOM   240  C C   . VAL A 1 35  ? -13.831 0.463   -16.534 1.00 50.45  ? 35  VAL A C   1 
ATOM   241  O O   . VAL A 1 35  ? -14.426 1.385   -17.082 1.00 54.03  ? 35  VAL A O   1 
ATOM   242  C CB  . VAL A 1 35  ? -13.816 0.792   -14.046 1.00 48.55  ? 35  VAL A CB  1 
ATOM   243  C CG1 . VAL A 1 35  ? -14.267 2.236   -14.224 1.00 44.73  ? 35  VAL A CG1 1 
ATOM   244  C CG2 . VAL A 1 35  ? -14.317 0.243   -12.720 1.00 46.54  ? 35  VAL A CG2 1 
ATOM   245  N N   . GLY A 1 36  ? -12.756 -0.123  -17.055 1.00 52.05  ? 36  GLY A N   1 
ATOM   246  C CA  . GLY A 1 36  ? -12.203 0.301   -18.331 1.00 52.56  ? 36  GLY A CA  1 
ATOM   247  C C   . GLY A 1 36  ? -13.128 -0.099  -19.459 1.00 53.75  ? 36  GLY A C   1 
ATOM   248  O O   . GLY A 1 36  ? -13.309 0.652   -20.409 1.00 55.60  ? 36  GLY A O   1 
ATOM   249  N N   . LYS A 1 37  ? -13.704 -1.292  -19.365 1.00 56.33  ? 37  LYS A N   1 
ATOM   250  C CA  . LYS A 1 37  ? -14.647 -1.790  -20.364 1.00 59.31  ? 37  LYS A CA  1 
ATOM   251  C C   . LYS A 1 37  ? -15.933 -0.954  -20.353 1.00 61.56  ? 37  LYS A C   1 
ATOM   252  O O   . LYS A 1 37  ? -16.424 -0.563  -21.405 1.00 62.96  ? 37  LYS A O   1 
ATOM   253  C CB  . LYS A 1 37  ? -14.977 -3.257  -20.093 1.00 59.76  ? 37  LYS A CB  1 
ATOM   254  C CG  . LYS A 1 37  ? -13.805 -4.179  -20.317 1.00 63.57  ? 37  LYS A CG  1 
ATOM   255  C CD  . LYS A 1 37  ? -14.045 -5.564  -19.736 1.00 69.73  ? 37  LYS A CD  1 
ATOM   256  C CE  . LYS A 1 37  ? -12.806 -6.453  -19.943 1.00 75.85  ? 37  LYS A CE  1 
ATOM   257  N NZ  . LYS A 1 37  ? -12.889 -7.794  -19.272 1.00 79.32  ? 37  LYS A NZ  1 
ATOM   258  N N   . ALA A 1 38  ? -16.459 -0.673  -19.163 1.00 62.96  ? 38  ALA A N   1 
ATOM   259  C CA  . ALA A 1 38  ? -17.673 0.128   -19.001 1.00 63.33  ? 38  ALA A CA  1 
ATOM   260  C C   . ALA A 1 38  ? -17.554 1.525   -19.607 1.00 65.72  ? 38  ALA A C   1 
ATOM   261  O O   . ALA A 1 38  ? -18.493 2.015   -20.221 1.00 71.64  ? 38  ALA A O   1 
ATOM   262  C CB  . ALA A 1 38  ? -18.051 0.239   -17.530 1.00 61.42  ? 38  ALA A CB  1 
ATOM   263  N N   . LYS A 1 39  ? -16.418 2.187   -19.416 1.00 66.28  ? 39  LYS A N   1 
ATOM   264  C CA  . LYS A 1 39  ? -16.226 3.523   -19.978 1.00 65.20  ? 39  LYS A CA  1 
ATOM   265  C C   . LYS A 1 39  ? -16.086 3.427   -21.482 1.00 68.41  ? 39  LYS A C   1 
ATOM   266  O O   . LYS A 1 39  ? -16.264 4.399   -22.194 1.00 68.03  ? 39  LYS A O   1 
ATOM   267  C CB  . LYS A 1 39  ? -14.989 4.197   -19.393 1.00 60.50  ? 39  LYS A CB  1 
ATOM   268  C CG  . LYS A 1 39  ? -15.124 4.520   -17.929 1.00 55.69  ? 39  LYS A CG  1 
ATOM   269  C CD  . LYS A 1 39  ? -13.900 5.213   -17.380 1.00 51.28  ? 39  LYS A CD  1 
ATOM   270  C CE  . LYS A 1 39  ? -14.077 5.477   -15.894 1.00 49.33  ? 39  LYS A CE  1 
ATOM   271  N NZ  . LYS A 1 39  ? -12.885 6.082   -15.301 1.00 40.18  ? 39  LYS A NZ  1 
ATOM   272  N N   . LEU A 1 40  ? -15.744 2.245   -21.962 1.00 74.64  ? 40  LEU A N   1 
ATOM   273  C CA  . LEU A 1 40  ? -15.586 2.039   -23.386 1.00 82.34  ? 40  LEU A CA  1 
ATOM   274  C C   . LEU A 1 40  ? -16.969 2.089   -24.039 1.00 85.61  ? 40  LEU A C   1 
ATOM   275  O O   . LEU A 1 40  ? -17.241 2.960   -24.861 1.00 87.52  ? 40  LEU A O   1 
ATOM   276  C CB  . LEU A 1 40  ? -14.911 0.686   -23.642 1.00 85.60  ? 40  LEU A CB  1 
ATOM   277  C CG  . LEU A 1 40  ? -14.279 0.380   -25.004 1.00 89.39  ? 40  LEU A CG  1 
ATOM   278  C CD1 . LEU A 1 40  ? -13.043 1.261   -25.226 1.00 89.47  ? 40  LEU A CD1 1 
ATOM   279  C CD2 . LEU A 1 40  ? -13.903 -1.104  -25.072 1.00 90.90  ? 40  LEU A CD2 1 
ATOM   280  N N   . LEU A 1 41  ? -17.856 1.189   -23.623 1.00 88.77  ? 41  LEU A N   1 
ATOM   281  C CA  . LEU A 1 41  ? -19.207 1.110   -24.176 1.00 90.68  ? 41  LEU A CA  1 
ATOM   282  C C   . LEU A 1 41  ? -19.967 2.369   -23.843 1.00 90.86  ? 41  LEU A C   1 
ATOM   283  O O   . LEU A 1 41  ? -20.509 3.020   -24.729 1.00 93.21  ? 41  LEU A O   1 
ATOM   284  C CB  . LEU A 1 41  ? -19.961 -0.091  -23.605 1.00 93.52  ? 41  LEU A CB  1 
ATOM   285  C CG  . LEU A 1 41  ? -19.136 -1.360  -23.372 1.00 97.49  ? 41  LEU A CG  1 
ATOM   286  C CD1 . LEU A 1 41  ? -20.039 -2.447  -22.803 1.00 98.88  ? 41  LEU A CD1 1 
ATOM   287  C CD2 . LEU A 1 41  ? -18.442 -1.817  -24.660 1.00 98.22  ? 41  LEU A CD2 1 
ATOM   288  N N   . SER A 1 42  ? -19.986 2.720   -22.565 1.00 91.28  ? 42  SER A N   1 
ATOM   289  C CA  . SER A 1 42  ? -20.674 3.915   -22.117 1.00 94.40  ? 42  SER A CA  1 
ATOM   290  C C   . SER A 1 42  ? -19.976 5.138   -22.692 1.00 96.54  ? 42  SER A C   1 
ATOM   291  O O   . SER A 1 42  ? -20.520 6.244   -22.670 1.00 97.18  ? 42  SER A O   1 
ATOM   292  C CB  . SER A 1 42  ? -20.687 3.974   -20.590 1.00 94.72  ? 42  SER A CB  1 
ATOM   293  O OG  . SER A 1 42  ? -21.268 2.797   -20.046 1.00 97.50  ? 42  SER A OG  1 
ATOM   294  N N   . HIS A 1 43  ? -18.770 4.924   -23.210 1.00 100.00 ? 43  HIS A N   1 
ATOM   295  C CA  . HIS A 1 43  ? -17.954 5.974   -23.818 1.00 103.75 ? 43  HIS A CA  1 
ATOM   296  C C   . HIS A 1 43  ? -17.702 7.178   -22.902 1.00 103.55 ? 43  HIS A C   1 
ATOM   297  O O   . HIS A 1 43  ? -17.919 8.331   -23.283 1.00 104.68 ? 43  HIS A O   1 
ATOM   298  C CB  . HIS A 1 43  ? -18.532 6.401   -25.179 1.00 108.54 ? 43  HIS A CB  1 
ATOM   299  C CG  . HIS A 1 43  ? -18.371 5.367   -26.258 1.00 112.72 ? 43  HIS A CG  1 
ATOM   300  N ND1 . HIS A 1 43  ? -19.414 4.586   -26.708 1.00 113.49 ? 43  HIS A ND1 1 
ATOM   301  C CD2 . HIS A 1 43  ? -17.282 4.984   -26.969 1.00 113.50 ? 43  HIS A CD2 1 
ATOM   302  C CE1 . HIS A 1 43  ? -18.980 3.763   -27.643 1.00 113.42 ? 43  HIS A CE1 1 
ATOM   303  N NE2 . HIS A 1 43  ? -17.687 3.984   -27.822 1.00 114.15 ? 43  HIS A NE2 1 
ATOM   304  N N   . ARG A 1 44  ? -17.254 6.884   -21.683 1.00 102.39 ? 44  ARG A N   1 
ATOM   305  C CA  . ARG A 1 44  ? -16.940 7.910   -20.692 1.00 99.08  ? 44  ARG A CA  1 
ATOM   306  C C   . ARG A 1 44  ? -15.419 8.049   -20.677 1.00 94.24  ? 44  ARG A C   1 
ATOM   307  O O   . ARG A 1 44  ? -14.697 7.128   -21.092 1.00 95.54  ? 44  ARG A O   1 
ATOM   308  C CB  . ARG A 1 44  ? -17.401 7.470   -19.296 1.00 104.11 ? 44  ARG A CB  1 
ATOM   309  C CG  . ARG A 1 44  ? -18.835 7.006   -19.213 1.00 113.78 ? 44  ARG A CG  1 
ATOM   310  C CD  . ARG A 1 44  ? -19.204 6.574   -17.796 1.00 124.00 ? 44  ARG A CD  1 
ATOM   311  N NE  . ARG A 1 44  ? -20.634 6.283   -17.667 1.00 134.64 ? 44  ARG A NE  1 
ATOM   312  C CZ  . ARG A 1 44  ? -21.273 6.071   -16.515 1.00 139.10 ? 44  ARG A CZ  1 
ATOM   313  N NH1 . ARG A 1 44  ? -20.619 6.110   -15.360 1.00 142.54 ? 44  ARG A NH1 1 
ATOM   314  N NH2 . ARG A 1 44  ? -22.578 5.819   -16.515 1.00 141.87 ? 44  ARG A NH2 1 
ATOM   315  N N   . PRO A 1 45  ? -14.902 9.204   -20.253 1.00 87.64  ? 45  PRO A N   1 
ATOM   316  C CA  . PRO A 1 45  ? -13.453 9.395   -20.207 1.00 83.86  ? 45  PRO A CA  1 
ATOM   317  C C   . PRO A 1 45  ? -12.871 8.631   -18.995 1.00 80.61  ? 45  PRO A C   1 
ATOM   318  O O   . PRO A 1 45  ? -13.568 8.448   -17.984 1.00 81.08  ? 45  PRO A O   1 
ATOM   319  C CB  . PRO A 1 45  ? -13.321 10.905  -20.042 1.00 83.58  ? 45  PRO A CB  1 
ATOM   320  C CG  . PRO A 1 45  ? -14.504 11.243  -19.216 1.00 84.94  ? 45  PRO A CG  1 
ATOM   321  C CD  . PRO A 1 45  ? -15.600 10.454  -19.896 1.00 85.89  ? 45  PRO A CD  1 
ATOM   322  N N   . VAL A 1 46  ? -11.612 8.190   -19.108 1.00 74.49  ? 46  VAL A N   1 
ATOM   323  C CA  . VAL A 1 46  ? -10.925 7.443   -18.043 1.00 65.75  ? 46  VAL A CA  1 
ATOM   324  C C   . VAL A 1 46  ? -10.801 8.227   -16.748 1.00 62.17  ? 46  VAL A C   1 
ATOM   325  O O   . VAL A 1 46  ? -11.210 7.758   -15.691 1.00 59.97  ? 46  VAL A O   1 
ATOM   326  C CB  . VAL A 1 46  ? -9.494  6.995   -18.465 1.00 64.23  ? 46  VAL A CB  1 
ATOM   327  C CG1 . VAL A 1 46  ? -8.699  6.477   -17.263 1.00 61.16  ? 46  VAL A CG1 1 
ATOM   328  C CG2 . VAL A 1 46  ? -9.573  5.904   -19.497 1.00 63.69  ? 46  VAL A CG2 1 
ATOM   329  N N   . ARG A 1 47  ? -10.202 9.407   -16.823 1.00 58.49  ? 47  ARG A N   1 
ATOM   330  C CA  . ARG A 1 47  ? -10.009 10.215  -15.635 1.00 59.13  ? 47  ARG A CA  1 
ATOM   331  C C   . ARG A 1 47  ? -11.275 10.935  -15.146 1.00 59.51  ? 47  ARG A C   1 
ATOM   332  O O   . ARG A 1 47  ? -11.998 11.585  -15.921 1.00 63.04  ? 47  ARG A O   1 
ATOM   333  C CB  . ARG A 1 47  ? -8.874  11.208  -15.845 1.00 60.99  ? 47  ARG A CB  1 
ATOM   334  C CG  . ARG A 1 47  ? -8.202  11.641  -14.554 1.00 65.59  ? 47  ARG A CG  1 
ATOM   335  C CD  . ARG A 1 47  ? -7.079  10.695  -14.132 1.00 68.72  ? 47  ARG A CD  1 
ATOM   336  N NE  . ARG A 1 47  ? -6.567  11.039  -12.805 1.00 73.54  ? 47  ARG A NE  1 
ATOM   337  C CZ  . ARG A 1 47  ? -5.847  12.122  -12.531 1.00 76.03  ? 47  ARG A CZ  1 
ATOM   338  N NH1 . ARG A 1 47  ? -5.520  12.971  -13.498 1.00 77.70  ? 47  ARG A NH1 1 
ATOM   339  N NH2 . ARG A 1 47  ? -5.541  12.414  -11.271 1.00 78.00  ? 47  ARG A NH2 1 
ATOM   340  N N   . ASP A 1 48  ? -11.509 10.829  -13.842 1.00 54.85  ? 48  ASP A N   1 
ATOM   341  C CA  . ASP A 1 48  ? -12.654 11.434  -13.185 1.00 47.86  ? 48  ASP A CA  1 
ATOM   342  C C   . ASP A 1 48  ? -12.081 12.005  -11.906 1.00 45.36  ? 48  ASP A C   1 
ATOM   343  O O   . ASP A 1 48  ? -12.157 11.385  -10.849 1.00 44.16  ? 48  ASP A O   1 
ATOM   344  C CB  . ASP A 1 48  ? -13.699 10.345  -12.890 1.00 51.54  ? 48  ASP A CB  1 
ATOM   345  C CG  . ASP A 1 48  ? -14.968 10.872  -12.199 1.00 56.23  ? 48  ASP A CG  1 
ATOM   346  O OD1 . ASP A 1 48  ? -14.975 11.985  -11.610 1.00 56.34  ? 48  ASP A OD1 1 
ATOM   347  O OD2 . ASP A 1 48  ? -15.975 10.126  -12.224 1.00 54.88  ? 48  ASP A OD2 1 
ATOM   348  N N   . ILE A 1 49  ? -11.498 13.191  -12.006 1.00 43.49  ? 49  ILE A N   1 
ATOM   349  C CA  . ILE A 1 49  ? -10.901 13.818  -10.851 1.00 46.03  ? 49  ILE A CA  1 
ATOM   350  C C   . ILE A 1 49  ? -11.870 13.990  -9.701  1.00 46.86  ? 49  ILE A C   1 
ATOM   351  O O   . ILE A 1 49  ? -11.446 14.036  -8.556  1.00 49.49  ? 49  ILE A O   1 
ATOM   352  C CB  . ILE A 1 49  ? -10.301 15.163  -11.184 1.00 49.56  ? 49  ILE A CB  1 
ATOM   353  C CG1 . ILE A 1 49  ? -9.263  14.999  -12.282 1.00 54.28  ? 49  ILE A CG1 1 
ATOM   354  C CG2 . ILE A 1 49  ? -9.586  15.720  -9.979  1.00 52.63  ? 49  ILE A CG2 1 
ATOM   355  C CD1 . ILE A 1 49  ? -8.510  16.289  -12.590 1.00 62.52  ? 49  ILE A CD1 1 
ATOM   356  N N   . ASP A 1 50  ? -13.166 14.071  -9.981  1.00 49.56  ? 50  ASP A N   1 
ATOM   357  C CA  . ASP A 1 50  ? -14.134 14.222  -8.894  1.00 50.39  ? 50  ASP A CA  1 
ATOM   358  C C   . ASP A 1 50  ? -14.318 12.959  -8.052  1.00 46.20  ? 50  ASP A C   1 
ATOM   359  O O   . ASP A 1 50  ? -14.375 13.038  -6.828  1.00 44.35  ? 50  ASP A O   1 
ATOM   360  C CB  . ASP A 1 50  ? -15.462 14.788  -9.399  1.00 58.72  ? 50  ASP A CB  1 
ATOM   361  C CG  . ASP A 1 50  ? -15.369 16.287  -9.699  1.00 66.66  ? 50  ASP A CG  1 
ATOM   362  O OD1 . ASP A 1 50  ? -14.873 17.050  -8.829  1.00 67.81  ? 50  ASP A OD1 1 
ATOM   363  O OD2 . ASP A 1 50  ? -15.758 16.699  -10.813 1.00 74.88  ? 50  ASP A OD2 1 
ATOM   364  N N   . ARG A 1 51  ? -14.353 11.795  -8.692  1.00 40.17  ? 51  ARG A N   1 
ATOM   365  C CA  . ARG A 1 51  ? -14.469 10.544  -7.961  1.00 38.38  ? 51  ARG A CA  1 
ATOM   366  C C   . ARG A 1 51  ? -13.202 10.368  -7.111  1.00 39.68  ? 51  ARG A C   1 
ATOM   367  O O   . ARG A 1 51  ? -13.263 9.983   -5.945  1.00 42.33  ? 51  ARG A O   1 
ATOM   368  C CB  . ARG A 1 51  ? -14.623 9.389   -8.939  1.00 35.30  ? 51  ARG A CB  1 
ATOM   369  C CG  . ARG A 1 51  ? -14.233 8.035   -8.412  1.00 34.88  ? 51  ARG A CG  1 
ATOM   370  C CD  . ARG A 1 51  ? -15.149 7.483   -7.350  1.00 33.66  ? 51  ARG A CD  1 
ATOM   371  N NE  . ARG A 1 51  ? -14.813 6.078   -7.099  1.00 38.83  ? 51  ARG A NE  1 
ATOM   372  C CZ  . ARG A 1 51  ? -15.063 5.417   -5.967  1.00 40.52  ? 51  ARG A CZ  1 
ATOM   373  N NH1 . ARG A 1 51  ? -15.688 6.018   -4.966  1.00 45.36  ? 51  ARG A NH1 1 
ATOM   374  N NH2 . ARG A 1 51  ? -14.704 4.141   -5.838  1.00 38.56  ? 51  ARG A NH2 1 
ATOM   375  N N   . GLU A 1 52  ? -12.055 10.714  -7.675  1.00 38.04  ? 52  GLU A N   1 
ATOM   376  C CA  . GLU A 1 52  ? -10.804 10.596  -6.952  1.00 37.60  ? 52  GLU A CA  1 
ATOM   377  C C   . GLU A 1 52  ? -10.767 11.463  -5.704  1.00 40.90  ? 52  GLU A C   1 
ATOM   378  O O   . GLU A 1 52  ? -10.152 11.088  -4.716  1.00 43.96  ? 52  GLU A O   1 
ATOM   379  C CB  . GLU A 1 52  ? -9.642  10.942  -7.861  1.00 33.32  ? 52  GLU A CB  1 
ATOM   380  C CG  . GLU A 1 52  ? -9.613  10.095  -9.105  1.00 32.88  ? 52  GLU A CG  1 
ATOM   381  C CD  . GLU A 1 52  ? -8.458  10.437  -10.029 1.00 36.14  ? 52  GLU A CD  1 
ATOM   382  O OE1 . GLU A 1 52  ? -7.622  11.311  -9.690  1.00 36.25  ? 52  GLU A OE1 1 
ATOM   383  O OE2 . GLU A 1 52  ? -8.384  9.811   -11.106 1.00 34.43  ? 52  GLU A OE2 1 
ATOM   384  N N   . ARG A 1 53  ? -11.420 12.621  -5.735  1.00 45.01  ? 53  ARG A N   1 
ATOM   385  C CA  . ARG A 1 53  ? -11.428 13.497  -4.573  1.00 46.08  ? 53  ARG A CA  1 
ATOM   386  C C   . ARG A 1 53  ? -12.231 12.897  -3.445  1.00 43.17  ? 53  ARG A C   1 
ATOM   387  O O   . ARG A 1 53  ? -11.785 12.903  -2.309  1.00 45.86  ? 53  ARG A O   1 
ATOM   388  C CB  . ARG A 1 53  ? -11.986 14.880  -4.914  1.00 57.98  ? 53  ARG A CB  1 
ATOM   389  C CG  . ARG A 1 53  ? -11.084 15.700  -5.847  1.00 78.22  ? 53  ARG A CG  1 
ATOM   390  C CD  . ARG A 1 53  ? -11.696 17.070  -6.296  1.00 92.02  ? 53  ARG A CD  1 
ATOM   391  N NE  . ARG A 1 53  ? -10.839 17.757  -7.281  1.00 100.10 ? 53  ARG A NE  1 
ATOM   392  C CZ  . ARG A 1 53  ? -11.118 18.917  -7.879  1.00 102.38 ? 53  ARG A CZ  1 
ATOM   393  N NH1 . ARG A 1 53  ? -12.237 19.576  -7.593  1.00 104.92 ? 53  ARG A NH1 1 
ATOM   394  N NH2 . ARG A 1 53  ? -10.260 19.431  -8.756  1.00 103.22 ? 53  ARG A NH2 1 
ATOM   395  N N   . ASP A 1 54  ? -13.390 12.329  -3.759  1.00 42.77  ? 54  ASP A N   1 
ATOM   396  C CA  . ASP A 1 54  ? -14.268 11.745  -2.734  1.00 46.03  ? 54  ASP A CA  1 
ATOM   397  C C   . ASP A 1 54  ? -13.740 10.452  -2.165  1.00 43.95  ? 54  ASP A C   1 
ATOM   398  O O   . ASP A 1 54  ? -13.996 10.107  -1.014  1.00 46.07  ? 54  ASP A O   1 
ATOM   399  C CB  . ASP A 1 54  ? -15.670 11.493  -3.295  1.00 52.47  ? 54  ASP A CB  1 
ATOM   400  C CG  . ASP A 1 54  ? -16.284 12.740  -3.928  1.00 61.94  ? 54  ASP A CG  1 
ATOM   401  O OD1 . ASP A 1 54  ? -15.966 13.872  -3.464  1.00 66.12  ? 54  ASP A OD1 1 
ATOM   402  O OD2 . ASP A 1 54  ? -17.070 12.587  -4.905  1.00 65.51  ? 54  ASP A OD2 1 
ATOM   403  N N   . LEU A 1 55  ? -13.066 9.706   -3.023  1.00 41.57  ? 55  LEU A N   1 
ATOM   404  C CA  . LEU A 1 55  ? -12.466 8.431   -2.677  1.00 36.70  ? 55  LEU A CA  1 
ATOM   405  C C   . LEU A 1 55  ? -11.323 8.698   -1.685  1.00 33.74  ? 55  LEU A C   1 
ATOM   406  O O   . LEU A 1 55  ? -11.261 8.092   -0.619  1.00 34.71  ? 55  LEU A O   1 
ATOM   407  C CB  . LEU A 1 55  ? -11.981 7.807   -3.990  1.00 36.69  ? 55  LEU A CB  1 
ATOM   408  C CG  . LEU A 1 55  ? -11.124 6.588   -4.254  1.00 33.72  ? 55  LEU A CG  1 
ATOM   409  C CD1 . LEU A 1 55  ? -11.050 6.442   -5.756  1.00 31.38  ? 55  LEU A CD1 1 
ATOM   410  C CD2 . LEU A 1 55  ? -9.734  6.762   -3.677  1.00 31.65  ? 55  LEU A CD2 1 
ATOM   411  N N   . LEU A 1 56  ? -10.469 9.662   -2.008  1.00 30.74  ? 56  LEU A N   1 
ATOM   412  C CA  . LEU A 1 56  ? -9.357  9.996   -1.154  1.00 31.09  ? 56  LEU A CA  1 
ATOM   413  C C   . LEU A 1 56  ? -9.803  10.575  0.162   1.00 34.25  ? 56  LEU A C   1 
ATOM   414  O O   . LEU A 1 56  ? -9.255  10.228  1.207   1.00 37.64  ? 56  LEU A O   1 
ATOM   415  C CB  . LEU A 1 56  ? -8.405  10.941  -1.860  1.00 32.84  ? 56  LEU A CB  1 
ATOM   416  C CG  . LEU A 1 56  ? -7.284  10.241  -2.631  1.00 37.69  ? 56  LEU A CG  1 
ATOM   417  C CD1 . LEU A 1 56  ? -6.618  11.232  -3.594  1.00 37.40  ? 56  LEU A CD1 1 
ATOM   418  C CD2 . LEU A 1 56  ? -6.268  9.649   -1.646  1.00 36.60  ? 56  LEU A CD2 1 
ATOM   419  N N   . GLU A 1 57  ? -10.773 11.477  0.128   1.00 37.11  ? 57  GLU A N   1 
ATOM   420  C CA  . GLU A 1 57  ? -11.283 12.065  1.365   1.00 40.46  ? 57  GLU A CA  1 
ATOM   421  C C   . GLU A 1 57  ? -11.849 10.999  2.304   1.00 37.29  ? 57  GLU A C   1 
ATOM   422  O O   . GLU A 1 57  ? -11.616 11.051  3.516   1.00 35.56  ? 57  GLU A O   1 
ATOM   423  C CB  . GLU A 1 57  ? -12.361 13.103  1.067   1.00 50.52  ? 57  GLU A CB  1 
ATOM   424  C CG  . GLU A 1 57  ? -11.814 14.483  0.733   1.00 65.78  ? 57  GLU A CG  1 
ATOM   425  C CD  . GLU A 1 57  ? -12.897 15.476  0.306   1.00 74.75  ? 57  GLU A CD  1 
ATOM   426  O OE1 . GLU A 1 57  ? -14.105 15.106  0.308   1.00 77.29  ? 57  GLU A OE1 1 
ATOM   427  O OE2 . GLU A 1 57  ? -12.520 16.627  -0.038  1.00 80.25  ? 57  GLU A OE2 1 
ATOM   428  N N   . ARG A 1 58  ? -12.587 10.037  1.742   1.00 33.82  ? 58  ARG A N   1 
ATOM   429  C CA  . ARG A 1 58  ? -13.169 8.954   2.526   1.00 31.12  ? 58  ARG A CA  1 
ATOM   430  C C   . ARG A 1 58  ? -12.091 8.101   3.191   1.00 31.53  ? 58  ARG A C   1 
ATOM   431  O O   . ARG A 1 58  ? -12.233 7.713   4.357   1.00 33.30  ? 58  ARG A O   1 
ATOM   432  C CB  . ARG A 1 58  ? -14.055 8.082   1.651   1.00 28.89  ? 58  ARG A CB  1 
ATOM   433  C CG  . ARG A 1 58  ? -14.598 6.840   2.352   1.00 31.58  ? 58  ARG A CG  1 
ATOM   434  C CD  . ARG A 1 58  ? -15.359 5.990   1.359   1.00 33.20  ? 58  ARG A CD  1 
ATOM   435  N NE  . ARG A 1 58  ? -15.895 4.733   1.884   1.00 35.16  ? 58  ARG A NE  1 
ATOM   436  C CZ  . ARG A 1 58  ? -15.307 3.550   1.740   1.00 39.16  ? 58  ARG A CZ  1 
ATOM   437  N NH1 . ARG A 1 58  ? -14.130 3.439   1.115   1.00 33.67  ? 58  ARG A NH1 1 
ATOM   438  N NH2 . ARG A 1 58  ? -15.964 2.458   2.108   1.00 37.94  ? 58  ARG A NH2 1 
ATOM   439  N N   . LEU A 1 59  ? -11.032 7.784   2.444   1.00 31.73  ? 59  LEU A N   1 
ATOM   440  C CA  . LEU A 1 59  ? -9.919  6.991   2.976   1.00 29.25  ? 59  LEU A CA  1 
ATOM   441  C C   . LEU A 1 59  ? -9.157  7.736   4.051   1.00 28.27  ? 59  LEU A C   1 
ATOM   442  O O   . LEU A 1 59  ? -8.725  7.145   5.033   1.00 29.52  ? 59  LEU A O   1 
ATOM   443  C CB  . LEU A 1 59  ? -8.970  6.584   1.864   1.00 27.96  ? 59  LEU A CB  1 
ATOM   444  C CG  . LEU A 1 59  ? -9.659  5.590   0.936   1.00 28.85  ? 59  LEU A CG  1 
ATOM   445  C CD1 . LEU A 1 59  ? -8.772  5.355   -0.247  1.00 27.81  ? 59  LEU A CD1 1 
ATOM   446  C CD2 . LEU A 1 59  ? -9.990  4.283   1.673   1.00 24.42  ? 59  LEU A CD2 1 
ATOM   447  N N   . ILE A 1 60  ? -8.986  9.041   3.878   1.00 29.76  ? 60  ILE A N   1 
ATOM   448  C CA  . ILE A 1 60  ? -8.297  9.849   4.883   1.00 30.98  ? 60  ILE A CA  1 
ATOM   449  C C   . ILE A 1 60  ? -9.101  9.849   6.194   1.00 31.40  ? 60  ILE A C   1 
ATOM   450  O O   . ILE A 1 60  ? -8.516  9.809   7.268   1.00 30.35  ? 60  ILE A O   1 
ATOM   451  C CB  . ILE A 1 60  ? -8.057  11.275  4.359   1.00 30.42  ? 60  ILE A CB  1 
ATOM   452  C CG1 . ILE A 1 60  ? -7.010  11.231  3.247   1.00 28.13  ? 60  ILE A CG1 1 
ATOM   453  C CG2 . ILE A 1 60  ? -7.628  12.187  5.476   1.00 29.13  ? 60  ILE A CG2 1 
ATOM   454  C CD1 . ILE A 1 60  ? -6.768  12.547  2.610   1.00 30.49  ? 60  ILE A CD1 1 
ATOM   455  N N   . THR A 1 61  ? -10.434 9.879   6.085   1.00 33.05  ? 61  THR A N   1 
ATOM   456  C CA  . THR A 1 61  ? -11.356 9.833   7.231   1.00 35.29  ? 61  THR A CA  1 
ATOM   457  C C   . THR A 1 61  ? -11.264 8.467   7.907   1.00 35.42  ? 61  THR A C   1 
ATOM   458  O O   . THR A 1 61  ? -11.057 8.386   9.113   1.00 38.58  ? 61  THR A O   1 
ATOM   459  C CB  . THR A 1 61  ? -12.828 10.081  6.789   1.00 37.14  ? 61  THR A CB  1 
ATOM   460  O OG1 . THR A 1 61  ? -12.955 11.434  6.356   1.00 41.20  ? 61  THR A OG1 1 
ATOM   461  C CG2 . THR A 1 61  ? -13.817 9.828   7.929   1.00 36.05  ? 61  THR A CG2 1 
ATOM   462  N N   . LEU A 1 62  ? -11.423 7.391   7.137   1.00 33.25  ? 62  LEU A N   1 
ATOM   463  C CA  . LEU A 1 62  ? -11.320 6.050   7.693   1.00 33.04  ? 62  LEU A CA  1 
ATOM   464  C C   . LEU A 1 62  ? -9.939  5.821   8.311   1.00 32.05  ? 62  LEU A C   1 
ATOM   465  O O   . LEU A 1 62  ? -9.817  5.210   9.368   1.00 35.89  ? 62  LEU A O   1 
ATOM   466  C CB  . LEU A 1 62  ? -11.586 5.017   6.603   1.00 31.99  ? 62  LEU A CB  1 
ATOM   467  C CG  . LEU A 1 62  ? -13.014 5.030   6.085   1.00 33.20  ? 62  LEU A CG  1 
ATOM   468  C CD1 . LEU A 1 62  ? -13.162 4.241   4.789   1.00 33.48  ? 62  LEU A CD1 1 
ATOM   469  C CD2 . LEU A 1 62  ? -13.891 4.469   7.178   1.00 34.89  ? 62  LEU A CD2 1 
ATOM   470  N N   . GLY A 1 63  ? -8.915  6.381   7.680   1.00 33.43  ? 63  GLY A N   1 
ATOM   471  C CA  . GLY A 1 63  ? -7.552  6.223   8.143   1.00 34.99  ? 63  GLY A CA  1 
ATOM   472  C C   . GLY A 1 63  ? -7.217  6.831   9.487   1.00 40.52  ? 63  GLY A C   1 
ATOM   473  O O   . GLY A 1 63  ? -6.385  6.289   10.219  1.00 43.37  ? 63  GLY A O   1 
ATOM   474  N N   . LYS A 1 64  ? -7.855  7.941   9.834   1.00 44.33  ? 64  LYS A N   1 
ATOM   475  C CA  . LYS A 1 64  ? -7.577  8.581   11.114  1.00 47.02  ? 64  LYS A CA  1 
ATOM   476  C C   . LYS A 1 64  ? -7.952  7.642   12.255  1.00 45.17  ? 64  LYS A C   1 
ATOM   477  O O   . LYS A 1 64  ? -7.273  7.595   13.279  1.00 47.41  ? 64  LYS A O   1 
ATOM   478  C CB  . LYS A 1 64  ? -8.285  9.936   11.226  1.00 53.85  ? 64  LYS A CB  1 
ATOM   479  C CG  . LYS A 1 64  ? -9.794  9.915   11.145  1.00 60.58  ? 64  LYS A CG  1 
ATOM   480  C CD  . LYS A 1 64  ? -10.365 11.343  11.223  1.00 67.37  ? 64  LYS A CD  1 
ATOM   481  C CE  . LYS A 1 64  ? -11.885 11.409  10.922  1.00 73.98  ? 64  LYS A CE  1 
ATOM   482  N NZ  . LYS A 1 64  ? -12.798 10.747  11.922  1.00 72.86  ? 64  LYS A NZ  1 
ATOM   483  N N   . ALA A 1 65  ? -8.994  6.849   12.036  1.00 41.82  ? 65  ALA A N   1 
ATOM   484  C CA  . ALA A 1 65  ? -9.439  5.866   13.009  1.00 44.06  ? 65  ALA A CA  1 
ATOM   485  C C   . ALA A 1 65  ? -8.351  4.807   13.223  1.00 47.95  ? 65  ALA A C   1 
ATOM   486  O O   . ALA A 1 65  ? -8.248  4.238   14.316  1.00 50.36  ? 65  ALA A O   1 
ATOM   487  C CB  . ALA A 1 65  ? -10.703 5.188   12.516  1.00 42.70  ? 65  ALA A CB  1 
ATOM   488  N N   . HIS A 1 66  ? -7.584  4.517   12.159  1.00 48.79  ? 66  HIS A N   1 
ATOM   489  C CA  . HIS A 1 66  ? -6.494  3.533   12.171  1.00 43.39  ? 66  HIS A CA  1 
ATOM   490  C C   . HIS A 1 66  ? -5.193  4.175   12.575  1.00 43.27  ? 66  HIS A C   1 
ATOM   491  O O   . HIS A 1 66  ? -4.184  3.497   12.706  1.00 45.13  ? 66  HIS A O   1 
ATOM   492  C CB  . HIS A 1 66  ? -6.277  2.934   10.791  1.00 46.36  ? 66  HIS A CB  1 
ATOM   493  C CG  . HIS A 1 66  ? -7.333  1.965   10.359  1.00 54.12  ? 66  HIS A CG  1 
ATOM   494  N ND1 . HIS A 1 66  ? -7.514  0.734   10.960  1.00 58.53  ? 66  HIS A ND1 1 
ATOM   495  C CD2 . HIS A 1 66  ? -8.205  2.005   9.323   1.00 54.95  ? 66  HIS A CD2 1 
ATOM   496  C CE1 . HIS A 1 66  ? -8.444  0.059   10.308  1.00 57.59  ? 66  HIS A CE1 1 
ATOM   497  N NE2 . HIS A 1 66  ? -8.877  0.809   9.311   1.00 57.67  ? 66  HIS A NE2 1 
ATOM   498  N N   . HIS A 1 67  ? -5.207  5.488   12.739  1.00 46.57  ? 67  HIS A N   1 
ATOM   499  C CA  . HIS A 1 67  ? -4.025  6.256   13.126  1.00 52.18  ? 67  HIS A CA  1 
ATOM   500  C C   . HIS A 1 67  ? -2.991  6.369   12.011  1.00 47.65  ? 67  HIS A C   1 
ATOM   501  O O   . HIS A 1 67  ? -1.785  6.513   12.236  1.00 46.92  ? 67  HIS A O   1 
ATOM   502  C CB  . HIS A 1 67  ? -3.448  5.764   14.467  1.00 63.48  ? 67  HIS A CB  1 
ATOM   503  C CG  . HIS A 1 67  ? -4.394  5.962   15.614  1.00 78.81  ? 67  HIS A CG  1 
ATOM   504  N ND1 . HIS A 1 67  ? -5.131  7.121   15.780  1.00 85.04  ? 67  HIS A ND1 1 
ATOM   505  C CD2 . HIS A 1 67  ? -4.813  5.112   16.588  1.00 83.13  ? 67  HIS A CD2 1 
ATOM   506  C CE1 . HIS A 1 67  ? -5.968  6.972   16.795  1.00 87.84  ? 67  HIS A CE1 1 
ATOM   507  N NE2 . HIS A 1 67  ? -5.796  5.766   17.300  1.00 89.08  ? 67  HIS A NE2 1 
ATOM   508  N N   . LEU A 1 68  ? -3.522  6.358   10.797  1.00 42.65  ? 68  LEU A N   1 
ATOM   509  C CA  . LEU A 1 68  ? -2.745  6.496   9.594   1.00 39.43  ? 68  LEU A CA  1 
ATOM   510  C C   . LEU A 1 68  ? -3.003  7.938   9.220   1.00 39.72  ? 68  LEU A C   1 
ATOM   511  O O   . LEU A 1 68  ? -4.157  8.362   9.175   1.00 43.60  ? 68  LEU A O   1 
ATOM   512  C CB  . LEU A 1 68  ? -3.308  5.589   8.503   1.00 35.65  ? 68  LEU A CB  1 
ATOM   513  C CG  . LEU A 1 68  ? -3.115  4.083   8.621   1.00 34.73  ? 68  LEU A CG  1 
ATOM   514  C CD1 . LEU A 1 68  ? -3.868  3.399   7.482   1.00 29.72  ? 68  LEU A CD1 1 
ATOM   515  C CD2 . LEU A 1 68  ? -1.624  3.737   8.581   1.00 34.14  ? 68  LEU A CD2 1 
ATOM   516  N N   . ASP A 1 69  ? -1.941  8.694   8.978   1.00 38.47  ? 69  ASP A N   1 
ATOM   517  C CA  . ASP A 1 69  ? -2.078  10.099  8.604   1.00 39.24  ? 69  ASP A CA  1 
ATOM   518  C C   . ASP A 1 69  ? -2.401  10.318  7.132   1.00 37.84  ? 69  ASP A C   1 
ATOM   519  O O   . ASP A 1 69  ? -2.010  9.522   6.268   1.00 38.35  ? 69  ASP A O   1 
ATOM   520  C CB  . ASP A 1 69  ? -0.814  10.870  8.944   1.00 44.29  ? 69  ASP A CB  1 
ATOM   521  C CG  . ASP A 1 69  ? 0.403   10.284  8.278   1.00 49.82  ? 69  ASP A CG  1 
ATOM   522  O OD1 . ASP A 1 69  ? 0.690   9.096   8.556   1.00 51.44  ? 69  ASP A OD1 1 
ATOM   523  O OD2 . ASP A 1 69  ? 1.057   10.998  7.475   1.00 54.45  ? 69  ASP A OD2 1 
ATOM   524  N N   . ALA A 1 70  ? -3.020  11.467  6.865   1.00 34.12  ? 70  ALA A N   1 
ATOM   525  C CA  . ALA A 1 70  ? -3.427  11.880  5.533   1.00 33.58  ? 70  ALA A CA  1 
ATOM   526  C C   . ALA A 1 70  ? -2.297  11.970  4.511   1.00 35.50  ? 70  ALA A C   1 
ATOM   527  O O   . ALA A 1 70  ? -2.523  11.723  3.322   1.00 34.97  ? 70  ALA A O   1 
ATOM   528  C CB  . ALA A 1 70  ? -4.167  13.212  5.598   1.00 31.33  ? 70  ALA A CB  1 
ATOM   529  N N   . HIS A 1 71  ? -1.089  12.331  4.939   1.00 36.14  ? 71  HIS A N   1 
ATOM   530  C CA  . HIS A 1 71  ? 0.011   12.454  3.988   1.00 38.35  ? 71  HIS A CA  1 
ATOM   531  C C   . HIS A 1 71  ? 0.395   11.129  3.333   1.00 33.73  ? 71  HIS A C   1 
ATOM   532  O O   . HIS A 1 71  ? 0.589   11.044  2.122   1.00 30.68  ? 71  HIS A O   1 
ATOM   533  C CB  . HIS A 1 71  ? 1.248   13.067  4.646   1.00 50.89  ? 71  HIS A CB  1 
ATOM   534  C CG  . HIS A 1 71  ? 2.394   13.276  3.695   1.00 67.32  ? 71  HIS A CG  1 
ATOM   535  N ND1 . HIS A 1 71  ? 2.292   14.073  2.572   1.00 73.79  ? 71  HIS A ND1 1 
ATOM   536  C CD2 . HIS A 1 71  ? 3.657   12.779  3.689   1.00 73.32  ? 71  HIS A CD2 1 
ATOM   537  C CE1 . HIS A 1 71  ? 3.441   14.064  1.916   1.00 75.47  ? 71  HIS A CE1 1 
ATOM   538  N NE2 . HIS A 1 71  ? 4.286   13.289  2.572   1.00 77.00  ? 71  HIS A NE2 1 
ATOM   539  N N   . TYR A 1 72  ? 0.594   10.130  4.174   1.00 31.89  ? 72  TYR A N   1 
ATOM   540  C CA  . TYR A 1 72  ? 0.956   8.798   3.742   1.00 29.17  ? 72  TYR A CA  1 
ATOM   541  C C   . TYR A 1 72  ? -0.178  8.205   2.914   1.00 27.24  ? 72  TYR A C   1 
ATOM   542  O O   . TYR A 1 72  ? 0.070   7.621   1.873   1.00 28.81  ? 72  TYR A O   1 
ATOM   543  C CB  . TYR A 1 72  ? 1.213   7.950   4.977   1.00 27.99  ? 72  TYR A CB  1 
ATOM   544  C CG  . TYR A 1 72  ? 1.451   6.476   4.730   1.00 29.50  ? 72  TYR A CG  1 
ATOM   545  C CD1 . TYR A 1 72  ? 2.345   6.032   3.743   1.00 26.76  ? 72  TYR A CD1 1 
ATOM   546  C CD2 . TYR A 1 72  ? 0.838   5.521   5.552   1.00 26.57  ? 72  TYR A CD2 1 
ATOM   547  C CE1 . TYR A 1 72  ? 2.617   4.674   3.597   1.00 25.70  ? 72  TYR A CE1 1 
ATOM   548  C CE2 . TYR A 1 72  ? 1.103   4.181   5.414   1.00 26.24  ? 72  TYR A CE2 1 
ATOM   549  C CZ  . TYR A 1 72  ? 1.994   3.765   4.447   1.00 27.08  ? 72  TYR A CZ  1 
ATOM   550  O OH  . TYR A 1 72  ? 2.256   2.425   4.375   1.00 29.20  ? 72  TYR A OH  1 
ATOM   551  N N   . ILE A 1 73  ? -1.420  8.355   3.362   1.00 26.36  ? 73  ILE A N   1 
ATOM   552  C CA  . ILE A 1 73  ? -2.551  7.808   2.603   1.00 28.79  ? 73  ILE A CA  1 
ATOM   553  C C   . ILE A 1 73  ? -2.690  8.469   1.219   1.00 28.78  ? 73  ILE A C   1 
ATOM   554  O O   . ILE A 1 73  ? -2.947  7.792   0.215   1.00 28.90  ? 73  ILE A O   1 
ATOM   555  C CB  . ILE A 1 73  ? -3.899  7.959   3.380   1.00 29.12  ? 73  ILE A CB  1 
ATOM   556  C CG1 . ILE A 1 73  ? -3.850  7.163   4.687   1.00 28.16  ? 73  ILE A CG1 1 
ATOM   557  C CG2 . ILE A 1 73  ? -5.078  7.515   2.512   1.00 21.36  ? 73  ILE A CG2 1 
ATOM   558  C CD1 . ILE A 1 73  ? -5.011  7.478   5.628   1.00 31.94  ? 73  ILE A CD1 1 
ATOM   559  N N   . THR A 1 74  ? -2.539  9.788   1.173   1.00 27.28  ? 74  THR A N   1 
ATOM   560  C CA  . THR A 1 74  ? -2.655  10.513  -0.072  1.00 28.61  ? 74  THR A CA  1 
ATOM   561  C C   . THR A 1 74  ? -1.598  10.023  -1.046  1.00 26.73  ? 74  THR A C   1 
ATOM   562  O O   . THR A 1 74  ? -1.918  9.630   -2.158  1.00 31.11  ? 74  THR A O   1 
ATOM   563  C CB  . THR A 1 74  ? -2.467  12.020  0.150   1.00 29.42  ? 74  THR A CB  1 
ATOM   564  O OG1 . THR A 1 74  ? -3.410  12.475  1.118   1.00 34.38  ? 74  THR A OG1 1 
ATOM   565  C CG2 . THR A 1 74  ? -2.706  12.780  -1.131  1.00 34.27  ? 74  THR A CG2 1 
ATOM   566  N N   . ARG A 1 75  ? -0.344  10.005  -0.609  1.00 26.23  ? 75  ARG A N   1 
ATOM   567  C CA  . ARG A 1 75  ? 0.761   9.559   -1.456  1.00 28.02  ? 75  ARG A CA  1 
ATOM   568  C C   . ARG A 1 75  ? 0.640   8.139   -1.964  1.00 27.96  ? 75  ARG A C   1 
ATOM   569  O O   . ARG A 1 75  ? 0.881   7.871   -3.130  1.00 29.31  ? 75  ARG A O   1 
ATOM   570  C CB  . ARG A 1 75  ? 2.077   9.690   -0.727  1.00 31.95  ? 75  ARG A CB  1 
ATOM   571  C CG  . ARG A 1 75  ? 2.592   11.078  -0.704  1.00 42.11  ? 75  ARG A CG  1 
ATOM   572  C CD  . ARG A 1 75  ? 4.044   11.046  -0.347  1.00 50.91  ? 75  ARG A CD  1 
ATOM   573  N NE  . ARG A 1 75  ? 4.242   10.562  1.004   1.00 58.11  ? 75  ARG A NE  1 
ATOM   574  C CZ  . ARG A 1 75  ? 5.428   10.188  1.461   1.00 63.57  ? 75  ARG A CZ  1 
ATOM   575  N NH1 . ARG A 1 75  ? 6.498   10.148  0.668   1.00 65.00  ? 75  ARG A NH1 1 
ATOM   576  N NH2 . ARG A 1 75  ? 5.589   10.037  2.778   1.00 64.45  ? 75  ARG A NH2 1 
ATOM   577  N N   . LEU A 1 76  ? 0.281   7.219   -1.080  1.00 27.38  ? 76  LEU A N   1 
ATOM   578  C CA  . LEU A 1 76  ? 0.152   5.834   -1.458  1.00 25.21  ? 76  LEU A CA  1 
ATOM   579  C C   . LEU A 1 76  ? -1.004  5.628   -2.422  1.00 25.54  ? 76  LEU A C   1 
ATOM   580  O O   . LEU A 1 76  ? -0.832  4.989   -3.454  1.00 26.41  ? 76  LEU A O   1 
ATOM   581  C CB  . LEU A 1 76  ? -0.014  4.975   -0.215  1.00 27.20  ? 76  LEU A CB  1 
ATOM   582  C CG  . LEU A 1 76  ? 0.250   3.485   -0.399  1.00 32.65  ? 76  LEU A CG  1 
ATOM   583  C CD1 . LEU A 1 76  ? 1.611   3.267   -0.997  1.00 34.81  ? 76  LEU A CD1 1 
ATOM   584  C CD2 . LEU A 1 76  ? 0.197   2.830   0.937   1.00 37.12  ? 76  LEU A CD2 1 
ATOM   585  N N   . PHE A 1 77  ? -2.162  6.224   -2.139  1.00 26.87  ? 77  PHE A N   1 
ATOM   586  C CA  . PHE A 1 77  ? -3.316  6.033   -3.010  1.00 23.79  ? 77  PHE A CA  1 
ATOM   587  C C   . PHE A 1 77  ? -3.288  6.755   -4.331  1.00 21.14  ? 77  PHE A C   1 
ATOM   588  O O   . PHE A 1 77  ? -3.867  6.278   -5.296  1.00 24.34  ? 77  PHE A O   1 
ATOM   589  C CB  . PHE A 1 77  ? -4.625  6.202   -2.250  1.00 23.69  ? 77  PHE A CB  1 
ATOM   590  C CG  . PHE A 1 77  ? -5.007  4.966   -1.478  1.00 22.16  ? 77  PHE A CG  1 
ATOM   591  C CD1 . PHE A 1 77  ? -4.565  4.776   -0.173  1.00 21.89  ? 77  PHE A CD1 1 
ATOM   592  C CD2 . PHE A 1 77  ? -5.808  3.986   -2.057  1.00 22.64  ? 77  PHE A CD2 1 
ATOM   593  C CE1 . PHE A 1 77  ? -4.905  3.626   0.540   1.00 19.92  ? 77  PHE A CE1 1 
ATOM   594  C CE2 . PHE A 1 77  ? -6.148  2.833   -1.346  1.00 16.98  ? 77  PHE A CE2 1 
ATOM   595  C CZ  . PHE A 1 77  ? -5.702  2.661   -0.045  1.00 16.32  ? 77  PHE A CZ  1 
ATOM   596  N N   . GLN A 1 78  ? -2.566  7.862   -4.404  1.00 21.41  ? 78  GLN A N   1 
ATOM   597  C CA  . GLN A 1 78  ? -2.424  8.573   -5.671  1.00 27.65  ? 78  GLN A CA  1 
ATOM   598  C C   . GLN A 1 78  ? -1.641  7.703   -6.659  1.00 26.76  ? 78  GLN A C   1 
ATOM   599  O O   . GLN A 1 78  ? -1.856  7.774   -7.867  1.00 25.28  ? 78  GLN A O   1 
ATOM   600  C CB  . GLN A 1 78  ? -1.654  9.873   -5.485  1.00 32.41  ? 78  GLN A CB  1 
ATOM   601  C CG  . GLN A 1 78  ? -2.496  11.068  -5.111  1.00 44.96  ? 78  GLN A CG  1 
ATOM   602  C CD  . GLN A 1 78  ? -1.636  12.287  -4.822  1.00 52.80  ? 78  GLN A CD  1 
ATOM   603  O OE1 . GLN A 1 78  ? -0.394  12.218  -4.857  1.00 58.48  ? 78  GLN A OE1 1 
ATOM   604  N NE2 . GLN A 1 78  ? -2.282  13.399  -4.493  1.00 54.76  ? 78  GLN A NE2 1 
ATOM   605  N N   . LEU A 1 79  ? -0.716  6.899   -6.133  1.00 27.50  ? 79  LEU A N   1 
ATOM   606  C CA  . LEU A 1 79  ? 0.116   6.010   -6.939  1.00 25.31  ? 79  LEU A CA  1 
ATOM   607  C C   . LEU A 1 79  ? -0.733  4.854   -7.465  1.00 25.98  ? 79  LEU A C   1 
ATOM   608  O O   . LEU A 1 79  ? -0.594  4.440   -8.624  1.00 26.89  ? 79  LEU A O   1 
ATOM   609  C CB  . LEU A 1 79  ? 1.252   5.468   -6.086  1.00 28.21  ? 79  LEU A CB  1 
ATOM   610  C CG  . LEU A 1 79  ? 2.574   5.031   -6.728  1.00 37.09  ? 79  LEU A CG  1 
ATOM   611  C CD1 . LEU A 1 79  ? 3.389   4.282   -5.664  1.00 35.36  ? 79  LEU A CD1 1 
ATOM   612  C CD2 . LEU A 1 79  ? 2.381   4.148   -7.967  1.00 35.12  ? 79  LEU A CD2 1 
ATOM   613  N N   . ILE A 1 80  ? -1.593  4.325   -6.594  1.00 24.26  ? 80  ILE A N   1 
ATOM   614  C CA  . ILE A 1 80  ? -2.502  3.224   -6.934  1.00 24.06  ? 80  ILE A CA  1 
ATOM   615  C C   . ILE A 1 80  ? -3.521  3.700   -7.984  1.00 23.83  ? 80  ILE A C   1 
ATOM   616  O O   . ILE A 1 80  ? -3.862  2.981   -8.927  1.00 22.96  ? 80  ILE A O   1 
ATOM   617  C CB  . ILE A 1 80  ? -3.212  2.707   -5.650  1.00 24.67  ? 80  ILE A CB  1 
ATOM   618  C CG1 . ILE A 1 80  ? -2.150  2.175   -4.672  1.00 26.44  ? 80  ILE A CG1 1 
ATOM   619  C CG2 . ILE A 1 80  ? -4.242  1.656   -5.993  1.00 22.11  ? 80  ILE A CG2 1 
ATOM   620  C CD1 . ILE A 1 80  ? -2.660  1.804   -3.311  1.00 24.75  ? 80  ILE A CD1 1 
ATOM   621  N N   . ILE A 1 81  ? -3.982  4.933   -7.822  1.00 24.20  ? 81  ILE A N   1 
ATOM   622  C CA  . ILE A 1 81  ? -4.918  5.522   -8.753  1.00 24.53  ? 81  ILE A CA  1 
ATOM   623  C C   . ILE A 1 81  ? -4.181  5.823   -10.051 1.00 25.33  ? 81  ILE A C   1 
ATOM   624  O O   . ILE A 1 81  ? -4.694  5.566   -11.137 1.00 27.73  ? 81  ILE A O   1 
ATOM   625  C CB  . ILE A 1 81  ? -5.506  6.786   -8.152  1.00 26.82  ? 81  ILE A CB  1 
ATOM   626  C CG1 . ILE A 1 81  ? -6.450  6.402   -7.016  1.00 25.67  ? 81  ILE A CG1 1 
ATOM   627  C CG2 . ILE A 1 81  ? -6.188  7.621   -9.220  1.00 28.24  ? 81  ILE A CG2 1 
ATOM   628  C CD1 . ILE A 1 81  ? -6.947  7.597   -6.260  1.00 28.80  ? 81  ILE A CD1 1 
ATOM   629  N N   . GLU A 1 82  ? -2.956  6.323   -9.928  1.00 24.82  ? 82  GLU A N   1 
ATOM   630  C CA  . GLU A 1 82  ? -2.122  6.624   -11.085 1.00 25.04  ? 82  GLU A CA  1 
ATOM   631  C C   . GLU A 1 82  ? -1.984  5.365   -11.933 1.00 26.10  ? 82  GLU A C   1 
ATOM   632  O O   . GLU A 1 82  ? -2.222  5.373   -13.139 1.00 27.84  ? 82  GLU A O   1 
ATOM   633  C CB  . GLU A 1 82  ? -0.745  7.107   -10.628 1.00 27.86  ? 82  GLU A CB  1 
ATOM   634  C CG  . GLU A 1 82  ? 0.270   7.232   -11.753 1.00 36.74  ? 82  GLU A CG  1 
ATOM   635  C CD  . GLU A 1 82  ? 1.667   7.684   -11.304 1.00 38.47  ? 82  GLU A CD  1 
ATOM   636  O OE1 . GLU A 1 82  ? 1.801   8.433   -10.307 1.00 45.80  ? 82  GLU A OE1 1 
ATOM   637  O OE2 . GLU A 1 82  ? 2.642   7.305   -11.984 1.00 38.50  ? 82  GLU A OE2 1 
ATOM   638  N N   . ASP A 1 83  ? -1.662  4.256   -11.287 1.00 27.94  ? 83  ASP A N   1 
ATOM   639  C CA  . ASP A 1 83  ? -1.511  2.998   -11.988 1.00 24.90  ? 83  ASP A CA  1 
ATOM   640  C C   . ASP A 1 83  ? -2.832  2.553   -12.585 1.00 26.34  ? 83  ASP A C   1 
ATOM   641  O O   . ASP A 1 83  ? -2.881  1.959   -13.666 1.00 26.20  ? 83  ASP A O   1 
ATOM   642  C CB  . ASP A 1 83  ? -0.992  1.933   -11.042 1.00 19.35  ? 83  ASP A CB  1 
ATOM   643  C CG  . ASP A 1 83  ? -0.969  0.593   -11.680 1.00 22.71  ? 83  ASP A CG  1 
ATOM   644  O OD1 . ASP A 1 83  ? -0.111  0.368   -12.532 1.00 25.30  ? 83  ASP A OD1 1 
ATOM   645  O OD2 . ASP A 1 83  ? -1.837  -0.241  -11.381 1.00 27.16  ? 83  ASP A OD2 1 
ATOM   646  N N   . SER A 1 84  ? -3.907  2.839   -11.865 1.00 28.09  ? 84  SER A N   1 
ATOM   647  C CA  . SER A 1 84  ? -5.254  2.494   -12.292 1.00 30.50  ? 84  SER A CA  1 
ATOM   648  C C   . SER A 1 84  ? -5.656  3.224   -13.593 1.00 30.52  ? 84  SER A C   1 
ATOM   649  O O   . SER A 1 84  ? -6.295  2.632   -14.459 1.00 31.68  ? 84  SER A O   1 
ATOM   650  C CB  . SER A 1 84  ? -6.237  2.796   -11.160 1.00 33.28  ? 84  SER A CB  1 
ATOM   651  O OG  . SER A 1 84  ? -7.538  2.320   -11.460 1.00 35.57  ? 84  SER A OG  1 
ATOM   652  N N   . VAL A 1 85  ? -5.289  4.494   -13.733 1.00 28.54  ? 85  VAL A N   1 
ATOM   653  C CA  . VAL A 1 85  ? -5.592  5.259   -14.944 1.00 27.48  ? 85  VAL A CA  1 
ATOM   654  C C   . VAL A 1 85  ? -4.724  4.731   -16.085 1.00 29.21  ? 85  VAL A C   1 
ATOM   655  O O   . VAL A 1 85  ? -5.195  4.586   -17.204 1.00 30.32  ? 85  VAL A O   1 
ATOM   656  C CB  . VAL A 1 85  ? -5.325  6.754   -14.725 1.00 27.89  ? 85  VAL A CB  1 
ATOM   657  C CG1 . VAL A 1 85  ? -5.358  7.508   -16.037 1.00 26.33  ? 85  VAL A CG1 1 
ATOM   658  C CG2 . VAL A 1 85  ? -6.371  7.314   -13.762 1.00 26.72  ? 85  VAL A CG2 1 
ATOM   659  N N   . LEU A 1 86  ? -3.469  4.400   -15.778 1.00 31.62  ? 86  LEU A N   1 
ATOM   660  C CA  . LEU A 1 86  ? -2.539  3.843   -16.756 1.00 29.44  ? 86  LEU A CA  1 
ATOM   661  C C   . LEU A 1 86  ? -3.108  2.537   -17.295 1.00 30.04  ? 86  LEU A C   1 
ATOM   662  O O   . LEU A 1 86  ? -3.073  2.272   -18.496 1.00 31.37  ? 86  LEU A O   1 
ATOM   663  C CB  . LEU A 1 86  ? -1.175  3.562   -16.116 1.00 30.94  ? 86  LEU A CB  1 
ATOM   664  C CG  . LEU A 1 86  ? -0.156  4.687   -15.891 1.00 30.92  ? 86  LEU A CG  1 
ATOM   665  C CD1 . LEU A 1 86  ? 1.138   4.127   -15.280 1.00 29.58  ? 86  LEU A CD1 1 
ATOM   666  C CD2 . LEU A 1 86  ? 0.148   5.371   -17.202 1.00 30.83  ? 86  LEU A CD2 1 
ATOM   667  N N   . THR A 1 87  ? -3.630  1.719   -16.395 1.00 29.17  ? 87  THR A N   1 
ATOM   668  C CA  . THR A 1 87  ? -4.230  0.442   -16.752 1.00 29.74  ? 87  THR A CA  1 
ATOM   669  C C   . THR A 1 87  ? -5.421  0.585   -17.715 1.00 35.07  ? 87  THR A C   1 
ATOM   670  O O   . THR A 1 87  ? -5.534  -0.150  -18.697 1.00 35.75  ? 87  THR A O   1 
ATOM   671  C CB  . THR A 1 87  ? -4.681  -0.263  -15.474 1.00 27.05  ? 87  THR A CB  1 
ATOM   672  O OG1 . THR A 1 87  ? -3.539  -0.487  -14.654 1.00 32.11  ? 87  THR A OG1 1 
ATOM   673  C CG2 . THR A 1 87  ? -5.329  -1.573  -15.759 1.00 29.42  ? 87  THR A CG2 1 
ATOM   674  N N   . GLN A 1 88  ? -6.292  1.555   -17.448 1.00 37.76  ? 88  GLN A N   1 
ATOM   675  C CA  . GLN A 1 88  ? -7.482  1.781   -18.267 1.00 36.57  ? 88  GLN A CA  1 
ATOM   676  C C   . GLN A 1 88  ? -7.172  2.369   -19.629 1.00 37.52  ? 88  GLN A C   1 
ATOM   677  O O   . GLN A 1 88  ? -7.762  1.972   -20.627 1.00 37.69  ? 88  GLN A O   1 
ATOM   678  C CB  . GLN A 1 88  ? -8.470  2.669   -17.522 1.00 33.04  ? 88  GLN A CB  1 
ATOM   679  C CG  . GLN A 1 88  ? -9.148  1.972   -16.363 1.00 32.50  ? 88  GLN A CG  1 
ATOM   680  C CD  . GLN A 1 88  ? -9.926  2.939   -15.507 1.00 36.28  ? 88  GLN A CD  1 
ATOM   681  O OE1 . GLN A 1 88  ? -11.079 3.240   -15.779 1.00 43.18  ? 88  GLN A OE1 1 
ATOM   682  N NE2 . GLN A 1 88  ? -9.289  3.448   -14.471 1.00 31.78  ? 88  GLN A NE2 1 
ATOM   683  N N   . GLN A 1 89  ? -6.257  3.327   -19.668 1.00 40.32  ? 89  GLN A N   1 
ATOM   684  C CA  . GLN A 1 89  ? -5.874  3.943   -20.925 1.00 45.50  ? 89  GLN A CA  1 
ATOM   685  C C   . GLN A 1 89  ? -5.211  2.973   -21.872 1.00 47.54  ? 89  GLN A C   1 
ATOM   686  O O   . GLN A 1 89  ? -5.220  3.172   -23.083 1.00 50.86  ? 89  GLN A O   1 
ATOM   687  C CB  . GLN A 1 89  ? -4.990  5.138   -20.684 1.00 42.92  ? 89  GLN A CB  1 
ATOM   688  C CG  . GLN A 1 89  ? -5.826  6.346   -20.436 1.00 51.33  ? 89  GLN A CG  1 
ATOM   689  C CD  . GLN A 1 89  ? -5.067  7.447   -19.777 1.00 56.56  ? 89  GLN A CD  1 
ATOM   690  O OE1 . GLN A 1 89  ? -5.663  8.429   -19.328 1.00 64.47  ? 89  GLN A OE1 1 
ATOM   691  N NE2 . GLN A 1 89  ? -3.743  7.309   -19.703 1.00 57.41  ? 89  GLN A NE2 1 
ATOM   692  N N   . ALA A 1 90  ? -4.653  1.905   -21.323 1.00 50.45  ? 90  ALA A N   1 
ATOM   693  C CA  . ALA A 1 90  ? -4.026  0.892   -22.147 1.00 51.63  ? 90  ALA A CA  1 
ATOM   694  C C   . ALA A 1 90  ? -5.147  0.087   -22.801 1.00 53.78  ? 90  ALA A C   1 
ATOM   695  O O   . ALA A 1 90  ? -5.129  -0.164  -24.001 1.00 56.38  ? 90  ALA A O   1 
ATOM   696  C CB  . ALA A 1 90  ? -3.157  -0.003  -21.294 1.00 52.62  ? 90  ALA A CB  1 
ATOM   697  N N   . LEU A 1 91  ? -6.152  -0.265  -22.012 1.00 56.46  ? 91  LEU A N   1 
ATOM   698  C CA  . LEU A 1 91  ? -7.277  -1.036  -22.506 1.00 59.23  ? 91  LEU A CA  1 
ATOM   699  C C   . LEU A 1 91  ? -7.953  -0.302  -23.642 1.00 59.45  ? 91  LEU A C   1 
ATOM   700  O O   . LEU A 1 91  ? -8.379  -0.896  -24.628 1.00 59.69  ? 91  LEU A O   1 
ATOM   701  C CB  . LEU A 1 91  ? -8.289  -1.253  -21.388 1.00 64.00  ? 91  LEU A CB  1 
ATOM   702  C CG  . LEU A 1 91  ? -9.385  -2.252  -21.748 1.00 69.74  ? 91  LEU A CG  1 
ATOM   703  C CD1 . LEU A 1 91  ? -8.754  -3.633  -21.934 1.00 70.59  ? 91  LEU A CD1 1 
ATOM   704  C CD2 . LEU A 1 91  ? -10.444 -2.278  -20.651 1.00 71.90  ? 91  LEU A CD2 1 
ATOM   705  N N   . LEU A 1 92  ? -8.078  0.999   -23.483 1.00 60.35  ? 92  LEU A N   1 
ATOM   706  C CA  . LEU A 1 92  ? -8.719  1.791   -24.499 1.00 64.93  ? 92  LEU A CA  1 
ATOM   707  C C   . LEU A 1 92  ? -7.914  1.824   -25.783 1.00 64.52  ? 92  LEU A C   1 
ATOM   708  O O   . LEU A 1 92  ? -8.467  1.648   -26.847 1.00 66.03  ? 92  LEU A O   1 
ATOM   709  C CB  . LEU A 1 92  ? -8.989  3.206   -23.986 1.00 70.08  ? 92  LEU A CB  1 
ATOM   710  C CG  . LEU A 1 92  ? -9.678  3.334   -22.618 1.00 74.14  ? 92  LEU A CG  1 
ATOM   711  C CD1 . LEU A 1 92  ? -10.332 4.708   -22.540 1.00 75.52  ? 92  LEU A CD1 1 
ATOM   712  C CD2 . LEU A 1 92  ? -10.718 2.226   -22.395 1.00 74.24  ? 92  LEU A CD2 1 
ATOM   713  N N   . GLN A 1 93  ? -6.603  1.992   -25.693 1.00 64.99  ? 93  GLN A N   1 
ATOM   714  C CA  . GLN A 1 93  ? -5.774  2.051   -26.890 1.00 68.78  ? 93  GLN A CA  1 
ATOM   715  C C   . GLN A 1 93  ? -5.661  0.730   -27.628 1.00 74.13  ? 93  GLN A C   1 
ATOM   716  O O   . GLN A 1 93  ? -5.039  0.652   -28.690 1.00 73.24  ? 93  GLN A O   1 
ATOM   717  C CB  . GLN A 1 93  ? -4.395  2.577   -26.536 1.00 67.02  ? 93  GLN A CB  1 
ATOM   718  C CG  . GLN A 1 93  ? -4.453  3.987   -25.982 1.00 67.50  ? 93  GLN A CG  1 
ATOM   719  C CD  . GLN A 1 93  ? -3.135  4.470   -25.422 1.00 67.49  ? 93  GLN A CD  1 
ATOM   720  O OE1 . GLN A 1 93  ? -3.026  5.621   -25.001 1.00 67.23  ? 93  GLN A OE1 1 
ATOM   721  N NE2 . GLN A 1 93  ? -2.125  3.603   -25.409 1.00 68.58  ? 93  GLN A NE2 1 
ATOM   722  N N   . GLN A 1 94  ? -6.254  -0.310  -27.055 1.00 82.81  ? 94  GLN A N   1 
ATOM   723  C CA  . GLN A 1 94  ? -6.243  -1.637  -27.654 1.00 92.43  ? 94  GLN A CA  1 
ATOM   724  C C   . GLN A 1 94  ? -7.567  -1.886  -28.346 1.00 95.36  ? 94  GLN A C   1 
ATOM   725  O O   . GLN A 1 94  ? -7.854  -3.000  -28.800 1.00 95.50  ? 94  GLN A O   1 
ATOM   726  C CB  . GLN A 1 94  ? -6.014  -2.709  -26.584 1.00 98.23  ? 94  GLN A CB  1 
ATOM   727  C CG  . GLN A 1 94  ? -4.666  -2.608  -25.915 1.00 108.37 ? 94  GLN A CG  1 
ATOM   728  C CD  . GLN A 1 94  ? -3.571  -2.268  -26.913 1.00 114.26 ? 94  GLN A CD  1 
ATOM   729  O OE1 . GLN A 1 94  ? -2.985  -1.172  -26.871 1.00 117.55 ? 94  GLN A OE1 1 
ATOM   730  N NE2 . GLN A 1 94  ? -3.311  -3.190  -27.842 1.00 117.09 ? 94  GLN A NE2 1 
ATOM   731  N N   . HIS A 1 95  ? -8.383  -0.844  -28.390 1.00 99.91  ? 95  HIS A N   1 
ATOM   732  C CA  . HIS A 1 95  ? -9.692  -0.901  -29.003 1.00 105.44 ? 95  HIS A CA  1 
ATOM   733  C C   . HIS A 1 95  ? -9.953  0.461   -29.636 1.00 107.43 ? 95  HIS A C   1 
ATOM   734  O O   . HIS A 1 95  ? -9.148  0.843   -30.522 1.00 108.58 ? 95  HIS A O   1 
ATOM   735  C CB  . HIS A 1 95  ? -10.747 -1.231  -27.942 1.00 108.35 ? 95  HIS A CB  1 
ATOM   736  C CG  . HIS A 1 95  ? -10.538 -2.559  -27.288 1.00 113.25 ? 95  HIS A CG  1 
ATOM   737  N ND1 . HIS A 1 95  ? -10.133 -2.686  -25.976 1.00 115.39 ? 95  HIS A ND1 1 
ATOM   738  C CD2 . HIS A 1 95  ? -10.640 -3.817  -27.773 1.00 115.18 ? 95  HIS A CD2 1 
ATOM   739  C CE1 . HIS A 1 95  ? -9.995  -3.965  -25.681 1.00 117.09 ? 95  HIS A CE1 1 
ATOM   740  N NE2 . HIS A 1 95  ? -10.295 -4.676  -26.758 1.00 117.68 ? 95  HIS A NE2 1 
ATOM   741  N N   . PRO B 1 6   ? -23.486 1.033   -14.538 1.00 87.11  ? 6   PRO B N   1 
ATOM   742  C CA  . PRO B 1 6   ? -22.682 -0.188  -14.329 1.00 82.21  ? 6   PRO B CA  1 
ATOM   743  C C   . PRO B 1 6   ? -21.381 0.172   -13.578 1.00 76.03  ? 6   PRO B C   1 
ATOM   744  O O   . PRO B 1 6   ? -20.789 -0.647  -12.872 1.00 72.18  ? 6   PRO B O   1 
ATOM   745  C CB  . PRO B 1 6   ? -22.410 -0.660  -15.759 1.00 83.72  ? 6   PRO B CB  1 
ATOM   746  C CG  . PRO B 1 6   ? -22.366 0.656   -16.547 1.00 84.70  ? 6   PRO B CG  1 
ATOM   747  C CD  . PRO B 1 6   ? -23.536 1.413   -15.965 1.00 84.98  ? 6   PRO B CD  1 
ATOM   748  N N   . LEU B 1 7   ? -20.991 1.435   -13.721 1.00 68.67  ? 7   LEU B N   1 
ATOM   749  C CA  . LEU B 1 7   ? -19.817 1.979   -13.092 1.00 62.70  ? 7   LEU B CA  1 
ATOM   750  C C   . LEU B 1 7   ? -19.986 1.975   -11.589 1.00 61.75  ? 7   LEU B C   1 
ATOM   751  O O   . LEU B 1 7   ? -19.069 1.634   -10.860 1.00 63.62  ? 7   LEU B O   1 
ATOM   752  C CB  . LEU B 1 7   ? -19.606 3.407   -13.553 1.00 57.80  ? 7   LEU B CB  1 
ATOM   753  C CG  . LEU B 1 7   ? -18.136 3.679   -13.780 1.00 57.42  ? 7   LEU B CG  1 
ATOM   754  C CD1 . LEU B 1 7   ? -17.718 2.954   -15.036 1.00 57.80  ? 7   LEU B CD1 1 
ATOM   755  C CD2 . LEU B 1 7   ? -17.887 5.148   -13.917 1.00 58.46  ? 7   LEU B CD2 1 
ATOM   756  N N   . LEU B 1 8   ? -21.165 2.353   -11.124 1.00 60.83  ? 8   LEU B N   1 
ATOM   757  C CA  . LEU B 1 8   ? -21.431 2.399   -9.693  1.00 62.83  ? 8   LEU B CA  1 
ATOM   758  C C   . LEU B 1 8   ? -21.284 1.060   -9.002  1.00 59.88  ? 8   LEU B C   1 
ATOM   759  O O   . LEU B 1 8   ? -20.920 1.001   -7.827  1.00 59.66  ? 8   LEU B O   1 
ATOM   760  C CB  . LEU B 1 8   ? -22.820 2.961   -9.412  1.00 69.19  ? 8   LEU B CB  1 
ATOM   761  C CG  . LEU B 1 8   ? -23.001 4.423   -9.818  1.00 74.97  ? 8   LEU B CG  1 
ATOM   762  C CD1 . LEU B 1 8   ? -24.370 4.885   -9.359  1.00 78.36  ? 8   LEU B CD1 1 
ATOM   763  C CD2 . LEU B 1 8   ? -21.888 5.301   -9.217  1.00 77.13  ? 8   LEU B CD2 1 
ATOM   764  N N   . ALA B 1 9   ? -21.586 -0.015  -9.708  1.00 56.01  ? 9   ALA B N   1 
ATOM   765  C CA  . ALA B 1 9   ? -21.451 -1.322  -9.103  1.00 54.97  ? 9   ALA B CA  1 
ATOM   766  C C   . ALA B 1 9   ? -19.967 -1.600  -8.808  1.00 54.34  ? 9   ALA B C   1 
ATOM   767  O O   . ALA B 1 9   ? -19.603 -1.982  -7.691  1.00 55.14  ? 9   ALA B O   1 
ATOM   768  C CB  . ALA B 1 9   ? -22.025 -2.384  -10.026 1.00 57.53  ? 9   ALA B CB  1 
ATOM   769  N N   . LEU B 1 10  ? -19.116 -1.348  -9.802  1.00 49.92  ? 10  LEU B N   1 
ATOM   770  C CA  . LEU B 1 10  ? -17.685 -1.576  -9.679  1.00 45.54  ? 10  LEU B CA  1 
ATOM   771  C C   . LEU B 1 10  ? -17.022 -0.648  -8.683  1.00 41.99  ? 10  LEU B C   1 
ATOM   772  O O   . LEU B 1 10  ? -16.179 -1.072  -7.906  1.00 44.05  ? 10  LEU B O   1 
ATOM   773  C CB  . LEU B 1 10  ? -17.020 -1.453  -11.043 1.00 45.62  ? 10  LEU B CB  1 
ATOM   774  C CG  . LEU B 1 10  ? -17.400 -2.630  -11.939 1.00 43.58  ? 10  LEU B CG  1 
ATOM   775  C CD1 . LEU B 1 10  ? -17.041 -2.330  -13.377 1.00 42.92  ? 10  LEU B CD1 1 
ATOM   776  C CD2 . LEU B 1 10  ? -16.709 -3.869  -11.447 1.00 41.29  ? 10  LEU B CD2 1 
ATOM   777  N N   . ARG B 1 11  ? -17.416 0.613   -8.692  1.00 38.31  ? 11  ARG B N   1 
ATOM   778  C CA  . ARG B 1 11  ? -16.857 1.573   -7.769  1.00 37.75  ? 11  ARG B CA  1 
ATOM   779  C C   . ARG B 1 11  ? -17.137 1.163   -6.332  1.00 40.58  ? 11  ARG B C   1 
ATOM   780  O O   . ARG B 1 11  ? -16.332 1.431   -5.438  1.00 42.51  ? 11  ARG B O   1 
ATOM   781  C CB  . ARG B 1 11  ? -17.409 2.965   -8.043  1.00 35.20  ? 11  ARG B CB  1 
ATOM   782  C CG  . ARG B 1 11  ? -16.971 3.493   -9.377  1.00 35.77  ? 11  ARG B CG  1 
ATOM   783  C CD  . ARG B 1 11  ? -17.123 4.978   -9.463  1.00 37.66  ? 11  ARG B CD  1 
ATOM   784  N NE  . ARG B 1 11  ? -16.474 5.495   -10.660 1.00 43.10  ? 11  ARG B NE  1 
ATOM   785  C CZ  . ARG B 1 11  ? -16.506 6.769   -11.041 1.00 49.04  ? 11  ARG B CZ  1 
ATOM   786  N NH1 . ARG B 1 11  ? -17.187 7.662   -10.336 1.00 52.42  ? 11  ARG B NH1 1 
ATOM   787  N NH2 . ARG B 1 11  ? -15.880 7.152   -12.144 1.00 49.05  ? 11  ARG B NH2 1 
ATOM   788  N N   . GLU B 1 12  ? -18.258 0.483   -6.114  1.00 42.39  ? 12  GLU B N   1 
ATOM   789  C CA  . GLU B 1 12  ? -18.626 0.041   -4.777  1.00 42.92  ? 12  GLU B CA  1 
ATOM   790  C C   . GLU B 1 12  ? -17.715 -1.088  -4.329  1.00 39.67  ? 12  GLU B C   1 
ATOM   791  O O   . GLU B 1 12  ? -17.437 -1.230  -3.145  1.00 39.53  ? 12  GLU B O   1 
ATOM   792  C CB  . GLU B 1 12  ? -20.089 -0.394  -4.745  1.00 52.50  ? 12  GLU B CB  1 
ATOM   793  C CG  . GLU B 1 12  ? -20.754 -0.169  -3.392  1.00 64.17  ? 12  GLU B CG  1 
ATOM   794  C CD  . GLU B 1 12  ? -22.244 0.187   -3.492  1.00 68.39  ? 12  GLU B CD  1 
ATOM   795  O OE1 . GLU B 1 12  ? -22.564 1.348   -3.861  1.00 72.60  ? 12  GLU B OE1 1 
ATOM   796  O OE2 . GLU B 1 12  ? -23.095 -0.679  -3.180  1.00 70.12  ? 12  GLU B OE2 1 
ATOM   797  N N   . LYS B 1 13  ? -17.239 -1.880  -5.284  1.00 37.34  ? 13  LYS B N   1 
ATOM   798  C CA  . LYS B 1 13  ? -16.329 -2.977  -4.982  1.00 39.02  ? 13  LYS B CA  1 
ATOM   799  C C   . LYS B 1 13  ? -14.937 -2.391  -4.685  1.00 38.20  ? 13  LYS B C   1 
ATOM   800  O O   . LYS B 1 13  ? -14.260 -2.797  -3.743  1.00 39.81  ? 13  LYS B O   1 
ATOM   801  C CB  . LYS B 1 13  ? -16.246 -3.956  -6.160  1.00 42.94  ? 13  LYS B CB  1 
ATOM   802  C CG  . LYS B 1 13  ? -17.573 -4.588  -6.568  1.00 52.65  ? 13  LYS B CG  1 
ATOM   803  C CD  . LYS B 1 13  ? -17.428 -5.515  -7.786  1.00 63.29  ? 13  LYS B CD  1 
ATOM   804  C CE  . LYS B 1 13  ? -18.796 -5.807  -8.457  1.00 71.58  ? 13  LYS B CE  1 
ATOM   805  N NZ  . LYS B 1 13  ? -18.735 -6.773  -9.622  1.00 74.94  ? 13  LYS B NZ  1 
ATOM   806  N N   . ILE B 1 14  ? -14.530 -1.417  -5.488  1.00 35.33  ? 14  ILE B N   1 
ATOM   807  C CA  . ILE B 1 14  ? -13.250 -0.747  -5.318  1.00 31.53  ? 14  ILE B CA  1 
ATOM   808  C C   . ILE B 1 14  ? -13.131 -0.115  -3.931  1.00 31.70  ? 14  ILE B C   1 
ATOM   809  O O   . ILE B 1 14  ? -12.131 -0.305  -3.245  1.00 31.97  ? 14  ILE B O   1 
ATOM   810  C CB  . ILE B 1 14  ? -13.059 0.318   -6.408  1.00 29.40  ? 14  ILE B CB  1 
ATOM   811  C CG1 . ILE B 1 14  ? -12.701 -0.371  -7.718  1.00 27.34  ? 14  ILE B CG1 1 
ATOM   812  C CG2 . ILE B 1 14  ? -12.019 1.355   -6.000  1.00 28.90  ? 14  ILE B CG2 1 
ATOM   813  C CD1 . ILE B 1 14  ? -12.579 0.601   -8.868  1.00 27.12  ? 14  ILE B CD1 1 
ATOM   814  N N   . SER B 1 15  ? -14.164 0.604   -3.507  1.00 30.13  ? 15  SER B N   1 
ATOM   815  C CA  . SER B 1 15  ? -14.164 1.250   -2.203  1.00 30.56  ? 15  SER B CA  1 
ATOM   816  C C   . SER B 1 15  ? -14.060 0.273   -1.044  1.00 30.03  ? 15  SER B C   1 
ATOM   817  O O   . SER B 1 15  ? -13.512 0.608   0.015   1.00 30.52  ? 15  SER B O   1 
ATOM   818  C CB  . SER B 1 15  ? -15.393 2.124   -2.051  1.00 29.24  ? 15  SER B CB  1 
ATOM   819  O OG  . SER B 1 15  ? -15.323 3.179   -2.986  1.00 37.04  ? 15  SER B OG  1 
ATOM   820  N N   . ALA B 1 16  ? -14.585 -0.932  -1.242  1.00 30.19  ? 16  ALA B N   1 
ATOM   821  C CA  . ALA B 1 16  ? -14.528 -1.965  -0.219  1.00 31.44  ? 16  ALA B CA  1 
ATOM   822  C C   . ALA B 1 16  ? -13.115 -2.517  -0.184  1.00 31.16  ? 16  ALA B C   1 
ATOM   823  O O   . ALA B 1 16  ? -12.554 -2.745  0.886   1.00 32.83  ? 16  ALA B O   1 
ATOM   824  C CB  . ALA B 1 16  ? -15.507 -3.078  -0.533  1.00 32.44  ? 16  ALA B CB  1 
ATOM   825  N N   . LEU B 1 17  ? -12.533 -2.708  -1.365  1.00 30.49  ? 17  LEU B N   1 
ATOM   826  C CA  . LEU B 1 17  ? -11.173 -3.221  -1.477  1.00 29.43  ? 17  LEU B CA  1 
ATOM   827  C C   . LEU B 1 17  ? -10.178 -2.252  -0.843  1.00 26.67  ? 17  LEU B C   1 
ATOM   828  O O   . LEU B 1 17  ? -9.301  -2.647  -0.082  1.00 27.81  ? 17  LEU B O   1 
ATOM   829  C CB  . LEU B 1 17  ? -10.836 -3.459  -2.941  1.00 27.55  ? 17  LEU B CB  1 
ATOM   830  C CG  . LEU B 1 17  ? -9.472  -4.053  -3.262  1.00 31.67  ? 17  LEU B CG  1 
ATOM   831  C CD1 . LEU B 1 17  ? -9.582  -4.786  -4.573  1.00 33.17  ? 17  LEU B CD1 1 
ATOM   832  C CD2 . LEU B 1 17  ? -8.404  -2.963  -3.345  1.00 30.03  ? 17  LEU B CD2 1 
ATOM   833  N N   . ASP B 1 18  ? -10.353 -0.973  -1.131  1.00 25.61  ? 18  ASP B N   1 
ATOM   834  C CA  . ASP B 1 18  ? -9.493  0.062   -0.596  1.00 24.52  ? 18  ASP B CA  1 
ATOM   835  C C   . ASP B 1 18  ? -9.534  0.083   0.904   1.00 24.51  ? 18  ASP B C   1 
ATOM   836  O O   . ASP B 1 18  ? -8.516  0.310   1.545   1.00 27.81  ? 18  ASP B O   1 
ATOM   837  C CB  . ASP B 1 18  ? -9.881  1.433   -1.151  1.00 25.23  ? 18  ASP B CB  1 
ATOM   838  C CG  . ASP B 1 18  ? -9.438  1.620   -2.579  1.00 23.64  ? 18  ASP B CG  1 
ATOM   839  O OD1 . ASP B 1 18  ? -8.596  0.823   -3.024  1.00 27.37  ? 18  ASP B OD1 1 
ATOM   840  O OD2 . ASP B 1 18  ? -9.913  2.546   -3.263  1.00 27.25  ? 18  ASP B OD2 1 
ATOM   841  N N   . GLU B 1 19  ? -10.700 -0.188  1.475   1.00 28.44  ? 19  GLU B N   1 
ATOM   842  C CA  . GLU B 1 19  ? -10.835 -0.228  2.928   1.00 29.96  ? 19  GLU B CA  1 
ATOM   843  C C   . GLU B 1 19  ? -10.021 -1.379  3.513   1.00 27.69  ? 19  GLU B C   1 
ATOM   844  O O   . GLU B 1 19  ? -9.530  -1.277  4.634   1.00 28.41  ? 19  GLU B O   1 
ATOM   845  C CB  . GLU B 1 19  ? -12.288 -0.394  3.328   1.00 34.28  ? 19  GLU B CB  1 
ATOM   846  C CG  . GLU B 1 19  ? -12.873 0.773   4.036   1.00 38.59  ? 19  GLU B CG  1 
ATOM   847  C CD  . GLU B 1 19  ? -14.261 0.454   4.549   1.00 40.99  ? 19  GLU B CD  1 
ATOM   848  O OE1 . GLU B 1 19  ? -15.195 0.376   3.716   1.00 43.32  ? 19  GLU B OE1 1 
ATOM   849  O OE2 . GLU B 1 19  ? -14.398 0.228   5.773   1.00 41.62  ? 19  GLU B OE2 1 
ATOM   850  N N   . LYS B 1 20  ? -9.948  -2.492  2.786   1.00 27.64  ? 20  LYS B N   1 
ATOM   851  C CA  . LYS B 1 20  ? -9.161  -3.645  3.210   1.00 28.41  ? 20  LYS B CA  1 
ATOM   852  C C   . LYS B 1 20  ? -7.676  -3.307  3.132   1.00 29.02  ? 20  LYS B C   1 
ATOM   853  O O   . LYS B 1 20  ? -6.912  -3.744  3.990   1.00 32.83  ? 20  LYS B O   1 
ATOM   854  C CB  . LYS B 1 20  ? -9.408  -4.832  2.301   1.00 30.58  ? 20  LYS B CB  1 
ATOM   855  C CG  . LYS B 1 20  ? -10.713 -5.520  2.481   1.00 33.63  ? 20  LYS B CG  1 
ATOM   856  C CD  . LYS B 1 20  ? -10.726 -6.687  1.544   1.00 42.32  ? 20  LYS B CD  1 
ATOM   857  C CE  . LYS B 1 20  ? -12.125 -6.990  1.071   1.00 49.58  ? 20  LYS B CE  1 
ATOM   858  N NZ  . LYS B 1 20  ? -12.099 -7.279  -0.408  1.00 58.40  ? 20  LYS B NZ  1 
ATOM   859  N N   . LEU B 1 21  ? -7.269  -2.599  2.069   1.00 27.54  ? 21  LEU B N   1 
ATOM   860  C CA  . LEU B 1 21  ? -5.876  -2.180  1.894   1.00 27.14  ? 21  LEU B CA  1 
ATOM   861  C C   . LEU B 1 21  ? -5.509  -1.306  3.070   1.00 27.53  ? 21  LEU B C   1 
ATOM   862  O O   . LEU B 1 21  ? -4.468  -1.473  3.695   1.00 28.38  ? 21  LEU B O   1 
ATOM   863  C CB  . LEU B 1 21  ? -5.704  -1.346  0.631   1.00 29.05  ? 21  LEU B CB  1 
ATOM   864  C CG  . LEU B 1 21  ? -5.424  -2.018  -0.705  1.00 33.61  ? 21  LEU B CG  1 
ATOM   865  C CD1 . LEU B 1 21  ? -5.276  -0.964  -1.774  1.00 32.82  ? 21  LEU B CD1 1 
ATOM   866  C CD2 . LEU B 1 21  ? -4.159  -2.823  -0.600  1.00 35.62  ? 21  LEU B CD2 1 
ATOM   867  N N   . LEU B 1 22  ? -6.391  -0.366  3.371   1.00 27.34  ? 22  LEU B N   1 
ATOM   868  C CA  . LEU B 1 22  ? -6.183  0.546   4.474   1.00 25.94  ? 22  LEU B CA  1 
ATOM   869  C C   . LEU B 1 22  ? -5.947  -0.204  5.782   1.00 25.46  ? 22  LEU B C   1 
ATOM   870  O O   . LEU B 1 22  ? -5.035  0.123   6.523   1.00 27.27  ? 22  LEU B O   1 
ATOM   871  C CB  . LEU B 1 22  ? -7.390  1.444   4.582   1.00 29.10  ? 22  LEU B CB  1 
ATOM   872  C CG  . LEU B 1 22  ? -7.179  2.798   5.198   1.00 31.56  ? 22  LEU B CG  1 
ATOM   873  C CD1 . LEU B 1 22  ? -6.154  3.543   4.387   1.00 30.30  ? 22  LEU B CD1 1 
ATOM   874  C CD2 . LEU B 1 22  ? -8.502  3.517   5.171   1.00 32.86  ? 22  LEU B CD2 1 
ATOM   875  N N   . ALA B 1 23  ? -6.773  -1.207  6.063   1.00 26.15  ? 23  ALA B N   1 
ATOM   876  C CA  . ALA B 1 23  ? -6.646  -2.020  7.277   1.00 27.93  ? 23  ALA B CA  1 
ATOM   877  C C   . ALA B 1 23  ? -5.293  -2.717  7.363   1.00 29.44  ? 23  ALA B C   1 
ATOM   878  O O   . ALA B 1 23  ? -4.663  -2.760  8.421   1.00 32.18  ? 23  ALA B O   1 
ATOM   879  C CB  . ALA B 1 23  ? -7.734  -3.054  7.320   1.00 26.78  ? 23  ALA B CB  1 
ATOM   880  N N   . LEU B 1 24  ? -4.862  -3.291  6.251   1.00 29.24  ? 24  LEU B N   1 
ATOM   881  C CA  . LEU B 1 24  ? -3.573  -3.963  6.193   1.00 28.45  ? 24  LEU B CA  1 
ATOM   882  C C   . LEU B 1 24  ? -2.438  -2.990  6.424   1.00 26.47  ? 24  LEU B C   1 
ATOM   883  O O   . LEU B 1 24  ? -1.455  -3.330  7.068   1.00 31.39  ? 24  LEU B O   1 
ATOM   884  C CB  . LEU B 1 24  ? -3.403  -4.631  4.839   1.00 27.53  ? 24  LEU B CB  1 
ATOM   885  C CG  . LEU B 1 24  ? -4.305  -5.833  4.659   1.00 29.45  ? 24  LEU B CG  1 
ATOM   886  C CD1 . LEU B 1 24  ? -4.138  -6.346  3.245   1.00 29.17  ? 24  LEU B CD1 1 
ATOM   887  C CD2 . LEU B 1 24  ? -3.937  -6.887  5.688   1.00 30.58  ? 24  LEU B CD2 1 
ATOM   888  N N   . LEU B 1 25  ? -2.571  -1.785  5.880   1.00 27.78  ? 25  LEU B N   1 
ATOM   889  C CA  . LEU B 1 25  ? -1.570  -0.737  6.042   1.00 30.00  ? 25  LEU B CA  1 
ATOM   890  C C   . LEU B 1 25  ? -1.450  -0.316  7.510   1.00 31.08  ? 25  LEU B C   1 
ATOM   891  O O   . LEU B 1 25  ? -0.374  0.086   7.975   1.00 32.43  ? 25  LEU B O   1 
ATOM   892  C CB  . LEU B 1 25  ? -1.927  0.485   5.181   1.00 32.10  ? 25  LEU B CB  1 
ATOM   893  C CG  . LEU B 1 25  ? -1.934  0.367   3.647   1.00 33.69  ? 25  LEU B CG  1 
ATOM   894  C CD1 . LEU B 1 25  ? -2.306  1.710   3.041   1.00 32.62  ? 25  LEU B CD1 1 
ATOM   895  C CD2 . LEU B 1 25  ? -0.571  -0.052  3.138   1.00 34.60  ? 25  LEU B CD2 1 
ATOM   896  N N   . ALA B 1 26  ? -2.575  -0.343  8.219   1.00 33.03  ? 26  ALA B N   1 
ATOM   897  C CA  . ALA B 1 26  ? -2.596  0.011   9.637   1.00 32.60  ? 26  ALA B CA  1 
ATOM   898  C C   . ALA B 1 26  ? -1.881  -1.102  10.401  1.00 32.32  ? 26  ALA B C   1 
ATOM   899  O O   . ALA B 1 26  ? -0.979  -0.847  11.204  1.00 35.00  ? 26  ALA B O   1 
ATOM   900  C CB  . ALA B 1 26  ? -4.030  0.149   10.122  1.00 27.38  ? 26  ALA B CB  1 
ATOM   901  N N   . GLU B 1 27  ? -2.238  -2.338  10.072  1.00 32.72  ? 27  GLU B N   1 
ATOM   902  C CA  . GLU B 1 27  ? -1.657  -3.509  10.705  1.00 33.50  ? 27  GLU B CA  1 
ATOM   903  C C   . GLU B 1 27  ? -0.126  -3.576  10.518  1.00 31.98  ? 27  GLU B C   1 
ATOM   904  O O   . GLU B 1 27  ? 0.604   -3.846  11.471  1.00 29.93  ? 27  GLU B O   1 
ATOM   905  C CB  . GLU B 1 27  ? -2.337  -4.754  10.157  1.00 37.81  ? 27  GLU B CB  1 
ATOM   906  C CG  . GLU B 1 27  ? -2.297  -5.962  11.075  1.00 52.08  ? 27  GLU B CG  1 
ATOM   907  C CD  . GLU B 1 27  ? -3.016  -7.178  10.475  1.00 60.35  ? 27  GLU B CD  1 
ATOM   908  O OE1 . GLU B 1 27  ? -4.167  -7.033  9.961   1.00 64.45  ? 27  GLU B OE1 1 
ATOM   909  O OE2 . GLU B 1 27  ? -2.414  -8.281  10.516  1.00 63.46  ? 27  GLU B OE2 1 
ATOM   910  N N   . ARG B 1 28  ? 0.359   -3.287  9.308   1.00 30.22  ? 28  ARG B N   1 
ATOM   911  C CA  . ARG B 1 28  ? 1.793   -3.311  9.028   1.00 28.63  ? 28  ARG B CA  1 
ATOM   912  C C   . ARG B 1 28  ? 2.494   -2.220  9.816   1.00 28.84  ? 28  ARG B C   1 
ATOM   913  O O   . ARG B 1 28  ? 3.654   -2.364  10.195  1.00 31.72  ? 28  ARG B O   1 
ATOM   914  C CB  . ARG B 1 28  ? 2.075   -3.131  7.539   1.00 25.30  ? 28  ARG B CB  1 
ATOM   915  C CG  . ARG B 1 28  ? 3.471   -3.560  7.133   1.00 25.77  ? 28  ARG B CG  1 
ATOM   916  C CD  . ARG B 1 28  ? 3.771   -3.140  5.699   1.00 25.54  ? 28  ARG B CD  1 
ATOM   917  N NE  . ARG B 1 28  ? 4.882   -3.872  5.076   1.00 27.59  ? 28  ARG B NE  1 
ATOM   918  C CZ  . ARG B 1 28  ? 6.177   -3.579  5.207   1.00 25.71  ? 28  ARG B CZ  1 
ATOM   919  N NH1 . ARG B 1 28  ? 6.572   -2.585  5.992   1.00 23.91  ? 28  ARG B NH1 1 
ATOM   920  N NH2 . ARG B 1 28  ? 7.090   -4.309  4.572   1.00 23.17  ? 28  ARG B NH2 1 
ATOM   921  N N   . ARG B 1 29  ? 1.776   -1.139  10.091  1.00 29.72  ? 29  ARG B N   1 
ATOM   922  C CA  . ARG B 1 29  ? 2.341   -0.041  10.848  1.00 31.65  ? 29  ARG B CA  1 
ATOM   923  C C   . ARG B 1 29  ? 2.455   -0.436  12.318  1.00 33.31  ? 29  ARG B C   1 
ATOM   924  O O   . ARG B 1 29  ? 3.414   -0.070  12.987  1.00 34.83  ? 29  ARG B O   1 
ATOM   925  C CB  . ARG B 1 29  ? 1.495   1.210   10.688  1.00 35.09  ? 29  ARG B CB  1 
ATOM   926  C CG  . ARG B 1 29  ? 2.204   2.428   11.187  1.00 38.98  ? 29  ARG B CG  1 
ATOM   927  C CD  . ARG B 1 29  ? 1.362   3.650   11.034  1.00 46.17  ? 29  ARG B CD  1 
ATOM   928  N NE  . ARG B 1 29  ? 1.767   4.486   9.913   1.00 46.99  ? 29  ARG B NE  1 
ATOM   929  C CZ  . ARG B 1 29  ? 1.428   5.768   9.796   1.00 49.37  ? 29  ARG B CZ  1 
ATOM   930  N NH1 . ARG B 1 29  ? 0.684   6.355   10.731  1.00 51.49  ? 29  ARG B NH1 1 
ATOM   931  N NH2 . ARG B 1 29  ? 1.797   6.461   8.730   1.00 46.24  ? 29  ARG B NH2 1 
ATOM   932  N N   . GLU B 1 30  ? 1.486   -1.199  12.813  1.00 35.02  ? 30  GLU B N   1 
ATOM   933  C CA  . GLU B 1 30  ? 1.521   -1.685  14.183  1.00 37.08  ? 30  GLU B CA  1 
ATOM   934  C C   . GLU B 1 30  ? 2.718   -2.620  14.308  1.00 33.68  ? 30  GLU B C   1 
ATOM   935  O O   . GLU B 1 30  ? 3.432   -2.582  15.303  1.00 35.68  ? 30  GLU B O   1 
ATOM   936  C CB  . GLU B 1 30  ? 0.253   -2.469  14.522  1.00 43.17  ? 30  GLU B CB  1 
ATOM   937  C CG  . GLU B 1 30  ? -0.988  -1.633  14.826  1.00 57.68  ? 30  GLU B CG  1 
ATOM   938  C CD  . GLU B 1 30  ? -2.248  -2.501  15.066  1.00 66.28  ? 30  GLU B CD  1 
ATOM   939  O OE1 . GLU B 1 30  ? -2.258  -3.293  16.039  1.00 70.47  ? 30  GLU B OE1 1 
ATOM   940  O OE2 . GLU B 1 30  ? -3.225  -2.395  14.277  1.00 70.68  ? 30  GLU B OE2 1 
ATOM   941  N N   . LEU B 1 31  ? 2.931   -3.457  13.294  1.00 34.71  ? 31  LEU B N   1 
ATOM   942  C CA  . LEU B 1 31  ? 4.052   -4.404  13.273  1.00 34.05  ? 31  LEU B CA  1 
ATOM   943  C C   . LEU B 1 31  ? 5.419   -3.733  13.267  1.00 34.19  ? 31  LEU B C   1 
ATOM   944  O O   . LEU B 1 31  ? 6.371   -4.243  13.851  1.00 35.25  ? 31  LEU B O   1 
ATOM   945  C CB  . LEU B 1 31  ? 3.946   -5.340  12.080  1.00 32.56  ? 31  LEU B CB  1 
ATOM   946  C CG  . LEU B 1 31  ? 2.855   -6.393  12.221  1.00 34.55  ? 31  LEU B CG  1 
ATOM   947  C CD1 . LEU B 1 31  ? 2.713   -7.155  10.927  1.00 36.77  ? 31  LEU B CD1 1 
ATOM   948  C CD2 . LEU B 1 31  ? 3.185   -7.328  13.359  1.00 36.89  ? 31  LEU B CD2 1 
ATOM   949  N N   . ALA B 1 32  ? 5.522   -2.597  12.592  1.00 34.40  ? 32  ALA B N   1 
ATOM   950  C CA  . ALA B 1 32  ? 6.776   -1.856  12.554  1.00 35.40  ? 32  ALA B CA  1 
ATOM   951  C C   . ALA B 1 32  ? 7.107   -1.280  13.946  1.00 36.59  ? 32  ALA B C   1 
ATOM   952  O O   . ALA B 1 32  ? 8.277   -1.154  14.321  1.00 37.95  ? 32  ALA B O   1 
ATOM   953  C CB  . ALA B 1 32  ? 6.694   -0.747  11.514  1.00 32.90  ? 32  ALA B CB  1 
ATOM   954  N N   . VAL B 1 33  ? 6.078   -0.910  14.702  1.00 38.40  ? 33  VAL B N   1 
ATOM   955  C CA  . VAL B 1 33  ? 6.277   -0.382  16.049  1.00 39.46  ? 33  VAL B CA  1 
ATOM   956  C C   . VAL B 1 33  ? 6.785   -1.521  16.931  1.00 37.54  ? 33  VAL B C   1 
ATOM   957  O O   . VAL B 1 33  ? 7.762   -1.363  17.653  1.00 37.54  ? 33  VAL B O   1 
ATOM   958  C CB  . VAL B 1 33  ? 4.964   0.191   16.642  1.00 39.81  ? 33  VAL B CB  1 
ATOM   959  C CG1 . VAL B 1 33  ? 5.108   0.423   18.126  1.00 42.74  ? 33  VAL B CG1 1 
ATOM   960  C CG2 . VAL B 1 33  ? 4.640   1.496   15.985  1.00 37.54  ? 33  VAL B CG2 1 
ATOM   961  N N   . GLU B 1 34  ? 6.142   -2.677  16.841  1.00 36.99  ? 34  GLU B N   1 
ATOM   962  C CA  . GLU B 1 34  ? 6.568   -3.817  17.622  1.00 38.68  ? 34  GLU B CA  1 
ATOM   963  C C   . GLU B 1 34  ? 7.995   -4.163  17.284  1.00 38.33  ? 34  GLU B C   1 
ATOM   964  O O   . GLU B 1 34  ? 8.800   -4.390  18.168  1.00 41.63  ? 34  GLU B O   1 
ATOM   965  C CB  . GLU B 1 34  ? 5.666   -5.016  17.370  1.00 44.71  ? 34  GLU B CB  1 
ATOM   966  C CG  . GLU B 1 34  ? 4.267   -4.865  17.971  1.00 59.84  ? 34  GLU B CG  1 
ATOM   967  C CD  . GLU B 1 34  ? 4.289   -4.360  19.421  1.00 69.83  ? 34  GLU B CD  1 
ATOM   968  O OE1 . GLU B 1 34  ? 5.024   -4.941  20.268  1.00 72.73  ? 34  GLU B OE1 1 
ATOM   969  O OE2 . GLU B 1 34  ? 3.569   -3.369  19.711  1.00 75.32  ? 34  GLU B OE2 1 
ATOM   970  N N   . VAL B 1 35  ? 8.312   -4.169  15.995  1.00 39.71  ? 35  VAL B N   1 
ATOM   971  C CA  . VAL B 1 35  ? 9.660   -4.476  15.522  1.00 36.48  ? 35  VAL B CA  1 
ATOM   972  C C   . VAL B 1 35  ? 10.644  -3.464  16.096  1.00 37.55  ? 35  VAL B C   1 
ATOM   973  O O   . VAL B 1 35  ? 11.751  -3.826  16.488  1.00 38.62  ? 35  VAL B O   1 
ATOM   974  C CB  . VAL B 1 35  ? 9.736   -4.472  13.959  1.00 36.19  ? 35  VAL B CB  1 
ATOM   975  C CG1 . VAL B 1 35  ? 11.162  -4.373  13.495  1.00 33.24  ? 35  VAL B CG1 1 
ATOM   976  C CG2 . VAL B 1 35  ? 9.111   -5.744  13.386  1.00 32.11  ? 35  VAL B CG2 1 
ATOM   977  N N   . GLY B 1 36  ? 10.233  -2.201  16.169  1.00 39.93  ? 36  GLY B N   1 
ATOM   978  C CA  . GLY B 1 36  ? 11.097  -1.171  16.716  1.00 41.61  ? 36  GLY B CA  1 
ATOM   979  C C   . GLY B 1 36  ? 11.407  -1.431  18.184  1.00 45.55  ? 36  GLY B C   1 
ATOM   980  O O   . GLY B 1 36  ? 12.546  -1.251  18.639  1.00 44.59  ? 36  GLY B O   1 
ATOM   981  N N   . LYS B 1 37  ? 10.389  -1.857  18.929  1.00 48.00  ? 37  LYS B N   1 
ATOM   982  C CA  . LYS B 1 37  ? 10.536  -2.166  20.350  1.00 49.41  ? 37  LYS B CA  1 
ATOM   983  C C   . LYS B 1 37  ? 11.584  -3.253  20.490  1.00 47.46  ? 37  LYS B C   1 
ATOM   984  O O   . LYS B 1 37  ? 12.508  -3.135  21.286  1.00 46.83  ? 37  LYS B O   1 
ATOM   985  C CB  . LYS B 1 37  ? 9.216   -2.681  20.938  1.00 54.51  ? 37  LYS B CB  1 
ATOM   986  C CG  . LYS B 1 37  ? 8.091   -1.662  20.966  1.00 62.39  ? 37  LYS B CG  1 
ATOM   987  C CD  . LYS B 1 37  ? 6.824   -2.251  21.590  1.00 69.75  ? 37  LYS B CD  1 
ATOM   988  C CE  . LYS B 1 37  ? 5.725   -1.191  21.662  1.00 76.59  ? 37  LYS B CE  1 
ATOM   989  N NZ  . LYS B 1 37  ? 4.436   -1.662  22.251  1.00 80.56  ? 37  LYS B NZ  1 
ATOM   990  N N   . ALA B 1 38  ? 11.434  -4.299  19.684  1.00 46.61  ? 38  ALA B N   1 
ATOM   991  C CA  . ALA B 1 38  ? 12.342  -5.438  19.681  1.00 46.27  ? 38  ALA B CA  1 
ATOM   992  C C   . ALA B 1 38  ? 13.771  -5.030  19.351  1.00 47.16  ? 38  ALA B C   1 
ATOM   993  O O   . ALA B 1 38  ? 14.715  -5.688  19.786  1.00 48.02  ? 38  ALA B O   1 
ATOM   994  C CB  . ALA B 1 38  ? 11.862  -6.490  18.696  1.00 44.24  ? 38  ALA B CB  1 
ATOM   995  N N   . LYS B 1 39  ? 13.933  -3.966  18.569  1.00 46.48  ? 39  LYS B N   1 
ATOM   996  C CA  . LYS B 1 39  ? 15.259  -3.499  18.202  1.00 46.39  ? 39  LYS B CA  1 
ATOM   997  C C   . LYS B 1 39  ? 15.921  -2.782  19.354  1.00 48.42  ? 39  LYS B C   1 
ATOM   998  O O   . LYS B 1 39  ? 17.145  -2.789  19.462  1.00 47.76  ? 39  LYS B O   1 
ATOM   999  C CB  . LYS B 1 39  ? 15.205  -2.592  16.980  1.00 41.54  ? 39  LYS B CB  1 
ATOM   1000 C CG  . LYS B 1 39  ? 14.887  -3.359  15.718  1.00 40.79  ? 39  LYS B CG  1 
ATOM   1001 C CD  . LYS B 1 39  ? 14.843  -2.465  14.510  1.00 37.81  ? 39  LYS B CD  1 
ATOM   1002 C CE  . LYS B 1 39  ? 14.524  -3.270  13.273  1.00 35.91  ? 39  LYS B CE  1 
ATOM   1003 N NZ  . LYS B 1 39  ? 14.008  -2.356  12.219  1.00 33.46  ? 39  LYS B NZ  1 
ATOM   1004 N N   . LEU B 1 40  ? 15.120  -2.156  20.211  1.00 52.38  ? 40  LEU B N   1 
ATOM   1005 C CA  . LEU B 1 40  ? 15.665  -1.451  21.365  1.00 57.24  ? 40  LEU B CA  1 
ATOM   1006 C C   . LEU B 1 40  ? 16.268  -2.456  22.348  1.00 57.34  ? 40  LEU B C   1 
ATOM   1007 O O   . LEU B 1 40  ? 17.367  -2.232  22.864  1.00 58.81  ? 40  LEU B O   1 
ATOM   1008 C CB  . LEU B 1 40  ? 14.596  -0.578  22.043  1.00 61.53  ? 40  LEU B CB  1 
ATOM   1009 C CG  . LEU B 1 40  ? 13.984  0.563   21.211  1.00 65.24  ? 40  LEU B CG  1 
ATOM   1010 C CD1 . LEU B 1 40  ? 12.879  1.241   22.006  1.00 67.47  ? 40  LEU B CD1 1 
ATOM   1011 C CD2 . LEU B 1 40  ? 15.041  1.584   20.782  1.00 64.21  ? 40  LEU B CD2 1 
ATOM   1012 N N   . LEU B 1 41  ? 15.571  -3.574  22.563  1.00 57.79  ? 41  LEU B N   1 
ATOM   1013 C CA  . LEU B 1 41  ? 16.041  -4.636  23.461  1.00 58.23  ? 41  LEU B CA  1 
ATOM   1014 C C   . LEU B 1 41  ? 17.297  -5.279  22.898  1.00 56.19  ? 41  LEU B C   1 
ATOM   1015 O O   . LEU B 1 41  ? 18.261  -5.504  23.610  1.00 61.95  ? 41  LEU B O   1 
ATOM   1016 C CB  . LEU B 1 41  ? 15.006  -5.752  23.589  1.00 61.90  ? 41  LEU B CB  1 
ATOM   1017 C CG  . LEU B 1 41  ? 13.535  -5.452  23.860  1.00 66.58  ? 41  LEU B CG  1 
ATOM   1018 C CD1 . LEU B 1 41  ? 12.770  -6.767  23.938  1.00 68.29  ? 41  LEU B CD1 1 
ATOM   1019 C CD2 . LEU B 1 41  ? 13.387  -4.665  25.138  1.00 69.59  ? 41  LEU B CD2 1 
ATOM   1020 N N   . SER B 1 42  ? 17.250  -5.610  21.618  1.00 52.92  ? 42  SER B N   1 
ATOM   1021 C CA  . SER B 1 42  ? 18.350  -6.251  20.933  1.00 50.99  ? 42  SER B CA  1 
ATOM   1022 C C   . SER B 1 42  ? 19.499  -5.300  20.635  1.00 51.37  ? 42  SER B C   1 
ATOM   1023 O O   . SER B 1 42  ? 20.578  -5.738  20.239  1.00 54.27  ? 42  SER B O   1 
ATOM   1024 C CB  . SER B 1 42  ? 17.823  -6.851  19.635  1.00 52.29  ? 42  SER B CB  1 
ATOM   1025 O OG  . SER B 1 42  ? 16.604  -7.542  19.872  1.00 60.93  ? 42  SER B OG  1 
ATOM   1026 N N   . HIS B 1 43  ? 19.281  -4.006  20.845  1.00 52.79  ? 43  HIS B N   1 
ATOM   1027 C CA  . HIS B 1 43  ? 20.300  -2.978  20.578  1.00 53.29  ? 43  HIS B CA  1 
ATOM   1028 C C   . HIS B 1 43  ? 20.653  -2.860  19.094  1.00 53.35  ? 43  HIS B C   1 
ATOM   1029 O O   . HIS B 1 43  ? 21.779  -2.501  18.754  1.00 53.35  ? 43  HIS B O   1 
ATOM   1030 C CB  . HIS B 1 43  ? 21.587  -3.238  21.376  1.00 54.01  ? 43  HIS B CB  1 
ATOM   1031 C CG  . HIS B 1 43  ? 21.349  -3.454  22.832  1.00 52.60  ? 43  HIS B CG  1 
ATOM   1032 N ND1 . HIS B 1 43  ? 21.126  -2.412  23.703  1.00 52.16  ? 43  HIS B ND1 1 
ATOM   1033 C CD2 . HIS B 1 43  ? 21.218  -4.587  23.557  1.00 50.28  ? 43  HIS B CD2 1 
ATOM   1034 C CE1 . HIS B 1 43  ? 20.852  -2.895  24.901  1.00 50.96  ? 43  HIS B CE1 1 
ATOM   1035 N NE2 . HIS B 1 43  ? 20.899  -4.216  24.839  1.00 49.24  ? 43  HIS B NE2 1 
ATOM   1036 N N   . ARG B 1 44  ? 19.698  -3.148  18.218  1.00 53.59  ? 44  ARG B N   1 
ATOM   1037 C CA  . ARG B 1 44  ? 19.938  -3.058  16.779  1.00 54.02  ? 44  ARG B CA  1 
ATOM   1038 C C   . ARG B 1 44  ? 19.399  -1.732  16.253  1.00 51.40  ? 44  ARG B C   1 
ATOM   1039 O O   . ARG B 1 44  ? 18.473  -1.158  16.837  1.00 53.08  ? 44  ARG B O   1 
ATOM   1040 C CB  . ARG B 1 44  ? 19.231  -4.190  16.039  1.00 58.42  ? 44  ARG B CB  1 
ATOM   1041 C CG  . ARG B 1 44  ? 19.452  -5.557  16.611  1.00 69.80  ? 44  ARG B CG  1 
ATOM   1042 C CD  . ARG B 1 44  ? 18.763  -6.594  15.759  1.00 82.71  ? 44  ARG B CD  1 
ATOM   1043 N NE  . ARG B 1 44  ? 18.542  -7.846  16.479  1.00 98.40  ? 44  ARG B NE  1 
ATOM   1044 C CZ  . ARG B 1 44  ? 18.267  -9.018  15.901  1.00 105.95 ? 44  ARG B CZ  1 
ATOM   1045 N NH1 . ARG B 1 44  ? 18.217  -9.127  14.573  1.00 109.60 ? 44  ARG B NH1 1 
ATOM   1046 N NH2 . ARG B 1 44  ? 18.073  -10.099 16.656  1.00 108.86 ? 44  ARG B NH2 1 
ATOM   1047 N N   . PRO B 1 45  ? 19.991  -1.206  15.166  1.00 47.36  ? 45  PRO B N   1 
ATOM   1048 C CA  . PRO B 1 45  ? 19.528  0.061   14.583  1.00 46.41  ? 45  PRO B CA  1 
ATOM   1049 C C   . PRO B 1 45  ? 18.220  -0.180  13.792  1.00 43.79  ? 45  PRO B C   1 
ATOM   1050 O O   . PRO B 1 45  ? 17.922  -1.304  13.354  1.00 42.42  ? 45  PRO B O   1 
ATOM   1051 C CB  . PRO B 1 45  ? 20.670  0.452   13.630  1.00 45.20  ? 45  PRO B CB  1 
ATOM   1052 C CG  . PRO B 1 45  ? 21.834  -0.327  14.108  1.00 47.64  ? 45  PRO B CG  1 
ATOM   1053 C CD  . PRO B 1 45  ? 21.224  -1.650  14.505  1.00 46.27  ? 45  PRO B CD  1 
ATOM   1054 N N   . VAL B 1 46  ? 17.464  0.889   13.592  1.00 41.39  ? 46  VAL B N   1 
ATOM   1055 C CA  . VAL B 1 46  ? 16.197  0.813   12.880  1.00 39.17  ? 46  VAL B CA  1 
ATOM   1056 C C   . VAL B 1 46  ? 16.284  0.276   11.447  1.00 38.87  ? 46  VAL B C   1 
ATOM   1057 O O   . VAL B 1 46  ? 15.594  -0.659  11.078  1.00 39.61  ? 46  VAL B O   1 
ATOM   1058 C CB  . VAL B 1 46  ? 15.517  2.190   12.862  1.00 34.91  ? 46  VAL B CB  1 
ATOM   1059 C CG1 . VAL B 1 46  ? 14.352  2.209   11.873  1.00 36.07  ? 46  VAL B CG1 1 
ATOM   1060 C CG2 . VAL B 1 46  ? 15.051  2.528   14.255  1.00 30.50  ? 46  VAL B CG2 1 
ATOM   1061 N N   . ARG B 1 47  ? 17.120  0.902   10.642  1.00 39.46  ? 47  ARG B N   1 
ATOM   1062 C CA  . ARG B 1 47  ? 17.258  0.541   9.247   1.00 40.37  ? 47  ARG B CA  1 
ATOM   1063 C C   . ARG B 1 47  ? 18.062  -0.727  9.029   1.00 41.42  ? 47  ARG B C   1 
ATOM   1064 O O   . ARG B 1 47  ? 19.085  -0.943  9.667   1.00 47.11  ? 47  ARG B O   1 
ATOM   1065 C CB  . ARG B 1 47  ? 17.919  1.699   8.514   1.00 39.55  ? 47  ARG B CB  1 
ATOM   1066 C CG  . ARG B 1 47  ? 17.748  1.673   7.052   1.00 42.23  ? 47  ARG B CG  1 
ATOM   1067 C CD  . ARG B 1 47  ? 16.505  2.380   6.690   1.00 44.82  ? 47  ARG B CD  1 
ATOM   1068 N NE  . ARG B 1 47  ? 16.128  1.975   5.362   1.00 54.84  ? 47  ARG B NE  1 
ATOM   1069 C CZ  . ARG B 1 47  ? 16.268  2.721   4.278   1.00 62.67  ? 47  ARG B CZ  1 
ATOM   1070 N NH1 . ARG B 1 47  ? 16.766  3.945   4.354   1.00 70.58  ? 47  ARG B NH1 1 
ATOM   1071 N NH2 . ARG B 1 47  ? 15.865  2.247   3.109   1.00 70.04  ? 47  ARG B NH2 1 
ATOM   1072 N N   . ASP B 1 48  ? 17.607  -1.544  8.089   1.00 40.16  ? 48  ASP B N   1 
ATOM   1073 C CA  . ASP B 1 48  ? 18.283  -2.788  7.740   1.00 38.25  ? 48  ASP B CA  1 
ATOM   1074 C C   . ASP B 1 48  ? 18.152  -2.957  6.236   1.00 37.81  ? 48  ASP B C   1 
ATOM   1075 O O   . ASP B 1 48  ? 17.189  -3.544  5.757   1.00 38.91  ? 48  ASP B O   1 
ATOM   1076 C CB  . ASP B 1 48  ? 17.651  -3.983  8.468   1.00 33.91  ? 48  ASP B CB  1 
ATOM   1077 C CG  . ASP B 1 48  ? 18.293  -5.310  8.083   1.00 34.16  ? 48  ASP B CG  1 
ATOM   1078 O OD1 . ASP B 1 48  ? 19.202  -5.341  7.232   1.00 40.52  ? 48  ASP B OD1 1 
ATOM   1079 O OD2 . ASP B 1 48  ? 17.880  -6.344  8.630   1.00 37.41  ? 48  ASP B OD2 1 
ATOM   1080 N N   . ILE B 1 49  ? 19.146  -2.480  5.505   1.00 37.80  ? 49  ILE B N   1 
ATOM   1081 C CA  . ILE B 1 49  ? 19.132  -2.562  4.055   1.00 41.63  ? 49  ILE B CA  1 
ATOM   1082 C C   . ILE B 1 49  ? 19.032  -3.982  3.499   1.00 42.70  ? 49  ILE B C   1 
ATOM   1083 O O   . ILE B 1 49  ? 18.325  -4.217  2.517   1.00 42.78  ? 49  ILE B O   1 
ATOM   1084 C CB  . ILE B 1 49  ? 20.358  -1.850  3.464   1.00 44.93  ? 49  ILE B CB  1 
ATOM   1085 C CG1 . ILE B 1 49  ? 20.297  -0.368  3.812   1.00 48.21  ? 49  ILE B CG1 1 
ATOM   1086 C CG2 . ILE B 1 49  ? 20.420  -2.034  1.958   1.00 48.19  ? 49  ILE B CG2 1 
ATOM   1087 C CD1 . ILE B 1 49  ? 18.956  0.268   3.509   1.00 51.98  ? 49  ILE B CD1 1 
ATOM   1088 N N   . ASP B 1 50  ? 19.714  -4.926  4.136   1.00 43.07  ? 50  ASP B N   1 
ATOM   1089 C CA  . ASP B 1 50  ? 19.699  -6.306  3.669   1.00 44.82  ? 50  ASP B CA  1 
ATOM   1090 C C   . ASP B 1 50  ? 18.288  -6.852  3.619   1.00 41.88  ? 50  ASP B C   1 
ATOM   1091 O O   . ASP B 1 50  ? 17.858  -7.390  2.593   1.00 42.33  ? 50  ASP B O   1 
ATOM   1092 C CB  . ASP B 1 50  ? 20.569  -7.198  4.563   1.00 54.51  ? 50  ASP B CB  1 
ATOM   1093 C CG  . ASP B 1 50  ? 22.069  -7.019  4.307   1.00 62.79  ? 50  ASP B CG  1 
ATOM   1094 O OD1 . ASP B 1 50  ? 22.515  -5.895  3.972   1.00 65.17  ? 50  ASP B OD1 1 
ATOM   1095 O OD2 . ASP B 1 50  ? 22.817  -8.018  4.448   1.00 70.39  ? 50  ASP B OD2 1 
ATOM   1096 N N   . ARG B 1 51  ? 17.572  -6.687  4.728   1.00 38.00  ? 51  ARG B N   1 
ATOM   1097 C CA  . ARG B 1 51  ? 16.198  -7.139  4.848   1.00 33.46  ? 51  ARG B CA  1 
ATOM   1098 C C   . ARG B 1 51  ? 15.295  -6.501  3.775   1.00 32.87  ? 51  ARG B C   1 
ATOM   1099 O O   . ARG B 1 51  ? 14.515  -7.191  3.123   1.00 33.87  ? 51  ARG B O   1 
ATOM   1100 C CB  . ARG B 1 51  ? 15.706  -6.858  6.261   1.00 28.32  ? 51  ARG B CB  1 
ATOM   1101 C CG  . ARG B 1 51  ? 14.220  -6.943  6.454   1.00 27.60  ? 51  ARG B CG  1 
ATOM   1102 C CD  . ARG B 1 51  ? 13.615  -8.319  6.193   1.00 29.53  ? 51  ARG B CD  1 
ATOM   1103 N NE  . ARG B 1 51  ? 12.156  -8.207  6.313   1.00 30.49  ? 51  ARG B NE  1 
ATOM   1104 C CZ  . ARG B 1 51  ? 11.278  -9.178  6.092   1.00 29.16  ? 51  ARG B CZ  1 
ATOM   1105 N NH1 . ARG B 1 51  ? 11.689  -10.381 5.721   1.00 32.43  ? 51  ARG B NH1 1 
ATOM   1106 N NH2 . ARG B 1 51  ? 9.986   -8.952  6.278   1.00 27.78  ? 51  ARG B NH2 1 
ATOM   1107 N N   . GLU B 1 52  ? 15.432  -5.199  3.550   1.00 29.68  ? 52  GLU B N   1 
ATOM   1108 C CA  . GLU B 1 52  ? 14.637  -4.520  2.537   1.00 28.07  ? 52  GLU B CA  1 
ATOM   1109 C C   . GLU B 1 52  ? 14.957  -5.034  1.145   1.00 31.15  ? 52  GLU B C   1 
ATOM   1110 O O   . GLU B 1 52  ? 14.082  -5.104  0.304   1.00 30.64  ? 52  GLU B O   1 
ATOM   1111 C CB  . GLU B 1 52  ? 14.897  -3.027  2.568   1.00 24.92  ? 52  GLU B CB  1 
ATOM   1112 C CG  . GLU B 1 52  ? 14.451  -2.375  3.832   1.00 25.20  ? 52  GLU B CG  1 
ATOM   1113 C CD  . GLU B 1 52  ? 14.823  -0.933  3.874   1.00 26.04  ? 52  GLU B CD  1 
ATOM   1114 O OE1 . GLU B 1 52  ? 15.093  -0.346  2.814   1.00 32.54  ? 52  GLU B OE1 1 
ATOM   1115 O OE2 . GLU B 1 52  ? 14.839  -0.374  4.975   1.00 29.66  ? 52  GLU B OE2 1 
ATOM   1116 N N   . ARG B 1 53  ? 16.220  -5.347  0.887   1.00 33.93  ? 53  ARG B N   1 
ATOM   1117 C CA  . ARG B 1 53  ? 16.640  -5.858  -0.411  1.00 37.06  ? 53  ARG B CA  1 
ATOM   1118 C C   . ARG B 1 53  ? 15.954  -7.179  -0.655  1.00 35.22  ? 53  ARG B C   1 
ATOM   1119 O O   . ARG B 1 53  ? 15.337  -7.399  -1.698  1.00 37.86  ? 53  ARG B O   1 
ATOM   1120 C CB  . ARG B 1 53  ? 18.168  -6.028  -0.430  1.00 49.99  ? 53  ARG B CB  1 
ATOM   1121 C CG  . ARG B 1 53  ? 18.772  -6.980  -1.494  1.00 64.41  ? 53  ARG B CG  1 
ATOM   1122 C CD  . ARG B 1 53  ? 18.829  -6.365  -2.906  1.00 78.07  ? 53  ARG B CD  1 
ATOM   1123 N NE  . ARG B 1 53  ? 19.765  -7.060  -3.808  1.00 87.13  ? 53  ARG B NE  1 
ATOM   1124 C CZ  . ARG B 1 53  ? 19.772  -6.946  -5.142  1.00 90.00  ? 53  ARG B CZ  1 
ATOM   1125 N NH1 . ARG B 1 53  ? 18.887  -6.164  -5.756  1.00 90.60  ? 53  ARG B NH1 1 
ATOM   1126 N NH2 . ARG B 1 53  ? 20.662  -7.620  -5.871  1.00 88.67  ? 53  ARG B NH2 1 
ATOM   1127 N N   . ASP B 1 54  ? 16.023  -8.049  0.334   1.00 34.04  ? 54  ASP B N   1 
ATOM   1128 C CA  . ASP B 1 54  ? 15.422  -9.372  0.221   1.00 37.98  ? 54  ASP B CA  1 
ATOM   1129 C C   . ASP B 1 54  ? 13.896  -9.328  0.080   1.00 33.56  ? 54  ASP B C   1 
ATOM   1130 O O   . ASP B 1 54  ? 13.323  -9.938  -0.817  1.00 34.53  ? 54  ASP B O   1 
ATOM   1131 C CB  . ASP B 1 54  ? 15.856  -10.254 1.410   1.00 45.98  ? 54  ASP B CB  1 
ATOM   1132 C CG  . ASP B 1 54  ? 17.378  -10.536 1.428   1.00 51.22  ? 54  ASP B CG  1 
ATOM   1133 O OD1 . ASP B 1 54  ? 18.025  -10.523 0.351   1.00 51.64  ? 54  ASP B OD1 1 
ATOM   1134 O OD2 . ASP B 1 54  ? 17.933  -10.776 2.527   1.00 53.94  ? 54  ASP B OD2 1 
ATOM   1135 N N   . LEU B 1 55  ? 13.255  -8.591  0.969   1.00 30.39  ? 55  LEU B N   1 
ATOM   1136 C CA  . LEU B 1 55  ? 11.809  -8.407  0.992   1.00 28.68  ? 55  LEU B CA  1 
ATOM   1137 C C   . LEU B 1 55  ? 11.285  -7.959  -0.382  1.00 26.52  ? 55  LEU B C   1 
ATOM   1138 O O   . LEU B 1 55  ? 10.300  -8.502  -0.909  1.00 28.20  ? 55  LEU B O   1 
ATOM   1139 C CB  . LEU B 1 55  ? 11.509  -7.366  2.088   1.00 27.87  ? 55  LEU B CB  1 
ATOM   1140 C CG  . LEU B 1 55  ? 10.295  -6.535  2.491   1.00 29.03  ? 55  LEU B CG  1 
ATOM   1141 C CD1 . LEU B 1 55  ? 10.727  -5.762  3.712   1.00 29.28  ? 55  LEU B CD1 1 
ATOM   1142 C CD2 . LEU B 1 55  ? 9.863   -5.550  1.429   1.00 28.46  ? 55  LEU B CD2 1 
ATOM   1143 N N   . LEU B 1 56  ? 11.998  -7.034  -1.004  1.00 24.54  ? 56  LEU B N   1 
ATOM   1144 C CA  . LEU B 1 56  ? 11.567  -6.507  -2.276  1.00 23.73  ? 56  LEU B CA  1 
ATOM   1145 C C   . LEU B 1 56  ? 11.760  -7.520  -3.354  1.00 25.35  ? 56  LEU B C   1 
ATOM   1146 O O   . LEU B 1 56  ? 10.908  -7.658  -4.231  1.00 28.57  ? 56  LEU B O   1 
ATOM   1147 C CB  . LEU B 1 56  ? 12.278  -5.197  -2.596  1.00 27.69  ? 56  LEU B CB  1 
ATOM   1148 C CG  . LEU B 1 56  ? 11.476  -4.110  -3.335  1.00 34.80  ? 56  LEU B CG  1 
ATOM   1149 C CD1 . LEU B 1 56  ? 10.114  -3.865  -2.721  1.00 35.11  ? 56  LEU B CD1 1 
ATOM   1150 C CD2 . LEU B 1 56  ? 12.266  -2.841  -3.295  1.00 39.98  ? 56  LEU B CD2 1 
ATOM   1151 N N   . GLU B 1 57  ? 12.848  -8.271  -3.301  1.00 24.41  ? 57  GLU B N   1 
ATOM   1152 C CA  . GLU B 1 57  ? 13.026  -9.286  -4.328  1.00 27.03  ? 57  GLU B CA  1 
ATOM   1153 C C   . GLU B 1 57  ? 11.941  -10.344 -4.221  1.00 22.82  ? 57  GLU B C   1 
ATOM   1154 O O   . GLU B 1 57  ? 11.441  -10.855 -5.218  1.00 23.91  ? 57  GLU B O   1 
ATOM   1155 C CB  . GLU B 1 57  ? 14.374  -9.951  -4.212  1.00 35.54  ? 57  GLU B CB  1 
ATOM   1156 C CG  . GLU B 1 57  ? 15.497  -9.182  -4.849  1.00 57.28  ? 57  GLU B CG  1 
ATOM   1157 C CD  . GLU B 1 57  ? 16.802  -9.959  -4.801  1.00 67.90  ? 57  GLU B CD  1 
ATOM   1158 O OE1 . GLU B 1 57  ? 16.751  -11.212 -4.654  1.00 71.99  ? 57  GLU B OE1 1 
ATOM   1159 O OE2 . GLU B 1 57  ? 17.870  -9.309  -4.894  1.00 71.44  ? 57  GLU B OE2 1 
ATOM   1160 N N   . ARG B 1 58  ? 11.578  -10.692 -2.998  1.00 20.31  ? 58  ARG B N   1 
ATOM   1161 C CA  . ARG B 1 58  ? 10.552  -11.694 -2.804  1.00 20.40  ? 58  ARG B CA  1 
ATOM   1162 C C   . ARG B 1 58  ? 9.245   -11.172 -3.373  1.00 21.62  ? 58  ARG B C   1 
ATOM   1163 O O   . ARG B 1 58  ? 8.564   -11.892 -4.100  1.00 24.75  ? 58  ARG B O   1 
ATOM   1164 C CB  . ARG B 1 58  ? 10.404  -11.983 -1.317  1.00 20.87  ? 58  ARG B CB  1 
ATOM   1165 C CG  . ARG B 1 58  ? 9.364   -13.010 -0.955  1.00 21.38  ? 58  ARG B CG  1 
ATOM   1166 C CD  . ARG B 1 58  ? 9.233   -13.052 0.557   1.00 21.24  ? 58  ARG B CD  1 
ATOM   1167 N NE  . ARG B 1 58  ? 8.157   -13.925 1.015   1.00 24.65  ? 58  ARG B NE  1 
ATOM   1168 C CZ  . ARG B 1 58  ? 6.990   -13.490 1.478   1.00 28.93  ? 58  ARG B CZ  1 
ATOM   1169 N NH1 . ARG B 1 58  ? 6.719   -12.186 1.476   1.00 29.49  ? 58  ARG B NH1 1 
ATOM   1170 N NH2 . ARG B 1 58  ? 6.073   -14.363 1.890   1.00 24.66  ? 58  ARG B NH2 1 
ATOM   1171 N N   . LEU B 1 59  ? 8.907   -9.914  -3.061  1.00 23.74  ? 59  LEU B N   1 
ATOM   1172 C CA  . LEU B 1 59  ? 7.665   -9.289  -3.546  1.00 20.05  ? 59  LEU B CA  1 
ATOM   1173 C C   . LEU B 1 59  ? 7.591   -9.158  -5.066  1.00 20.02  ? 59  LEU B C   1 
ATOM   1174 O O   . LEU B 1 59  ? 6.531   -9.333  -5.666  1.00 20.24  ? 59  LEU B O   1 
ATOM   1175 C CB  . LEU B 1 59  ? 7.464   -7.930  -2.891  1.00 22.23  ? 59  LEU B CB  1 
ATOM   1176 C CG  . LEU B 1 59  ? 7.250   -7.939  -1.377  1.00 21.32  ? 59  LEU B CG  1 
ATOM   1177 C CD1 . LEU B 1 59  ? 7.166   -6.516  -0.892  1.00 20.16  ? 59  LEU B CD1 1 
ATOM   1178 C CD2 . LEU B 1 59  ? 6.007   -8.719  -1.007  1.00 22.41  ? 59  LEU B CD2 1 
ATOM   1179 N N   . ILE B 1 60  ? 8.717   -8.857  -5.698  1.00 21.89  ? 60  ILE B N   1 
ATOM   1180 C CA  . ILE B 1 60  ? 8.758   -8.752  -7.144  1.00 21.86  ? 60  ILE B CA  1 
ATOM   1181 C C   . ILE B 1 60  ? 8.546   -10.118 -7.804  1.00 25.75  ? 60  ILE B C   1 
ATOM   1182 O O   . ILE B 1 60  ? 7.852   -10.205 -8.822  1.00 28.36  ? 60  ILE B O   1 
ATOM   1183 C CB  . ILE B 1 60  ? 10.059  -8.098  -7.601  1.00 22.52  ? 60  ILE B CB  1 
ATOM   1184 C CG1 . ILE B 1 60  ? 10.011  -6.623  -7.243  1.00 18.98  ? 60  ILE B CG1 1 
ATOM   1185 C CG2 . ILE B 1 60  ? 10.255  -8.291  -9.089  1.00 21.86  ? 60  ILE B CG2 1 
ATOM   1186 C CD1 . ILE B 1 60  ? 11.264  -5.946  -7.491  1.00 23.63  ? 60  ILE B CD1 1 
ATOM   1187 N N   . THR B 1 61  ? 9.097   -11.183 -7.206  1.00 26.92  ? 61  THR B N   1 
ATOM   1188 C CA  . THR B 1 61  ? 8.929   -12.557 -7.711  1.00 25.19  ? 61  THR B CA  1 
ATOM   1189 C C   . THR B 1 61  ? 7.489   -13.024 -7.586  1.00 25.84  ? 61  THR B C   1 
ATOM   1190 O O   . THR B 1 61  ? 6.939   -13.593 -8.514  1.00 27.76  ? 61  THR B O   1 
ATOM   1191 C CB  . THR B 1 61  ? 9.786   -13.516 -6.931  1.00 26.12  ? 61  THR B CB  1 
ATOM   1192 O OG1 . THR B 1 61  ? 11.131  -13.042 -6.969  1.00 25.80  ? 61  THR B OG1 1 
ATOM   1193 C CG2 . THR B 1 61  ? 9.718   -14.901 -7.539  1.00 23.67  ? 61  THR B CG2 1 
ATOM   1194 N N   . LEU B 1 62  ? 6.893   -12.841 -6.414  1.00 28.20  ? 62  LEU B N   1 
ATOM   1195 C CA  . LEU B 1 62  ? 5.492   -13.209 -6.217  1.00 29.52  ? 62  LEU B CA  1 
ATOM   1196 C C   . LEU B 1 62  ? 4.553   -12.293 -7.038  1.00 28.73  ? 62  LEU B C   1 
ATOM   1197 O O   . LEU B 1 62  ? 3.520   -12.740 -7.537  1.00 30.79  ? 62  LEU B O   1 
ATOM   1198 C CB  . LEU B 1 62  ? 5.120   -13.130 -4.732  1.00 28.51  ? 62  LEU B CB  1 
ATOM   1199 C CG  . LEU B 1 62  ? 5.779   -14.106 -3.753  1.00 29.44  ? 62  LEU B CG  1 
ATOM   1200 C CD1 . LEU B 1 62  ? 5.502   -13.625 -2.357  1.00 26.53  ? 62  LEU B CD1 1 
ATOM   1201 C CD2 . LEU B 1 62  ? 5.282   -15.521 -3.969  1.00 27.65  ? 62  LEU B CD2 1 
ATOM   1202 N N   . GLY B 1 63  ? 4.904   -11.014 -7.153  1.00 28.95  ? 63  GLY B N   1 
ATOM   1203 C CA  . GLY B 1 63  ? 4.083   -10.085 -7.899  1.00 27.22  ? 63  GLY B CA  1 
ATOM   1204 C C   . GLY B 1 63  ? 3.950   -10.529 -9.336  1.00 30.06  ? 63  GLY B C   1 
ATOM   1205 O O   . GLY B 1 63  ? 2.894   -10.391 -9.936  1.00 29.52  ? 63  GLY B O   1 
ATOM   1206 N N   . LYS B 1 64  ? 5.009   -11.113 -9.876  1.00 34.87  ? 64  LYS B N   1 
ATOM   1207 C CA  . LYS B 1 64  ? 5.031   -11.593 -11.260 1.00 38.33  ? 64  LYS B CA  1 
ATOM   1208 C C   . LYS B 1 64  ? 3.878   -12.554 -11.549 1.00 38.83  ? 64  LYS B C   1 
ATOM   1209 O O   . LYS B 1 64  ? 3.247   -12.480 -12.603 1.00 40.77  ? 64  LYS B O   1 
ATOM   1210 C CB  . LYS B 1 64  ? 6.379   -12.264 -11.555 1.00 44.50  ? 64  LYS B CB  1 
ATOM   1211 C CG  . LYS B 1 64  ? 6.948   -11.977 -12.941 1.00 52.50  ? 64  LYS B CG  1 
ATOM   1212 C CD  . LYS B 1 64  ? 8.463   -12.251 -13.014 1.00 59.27  ? 64  LYS B CD  1 
ATOM   1213 C CE  . LYS B 1 64  ? 9.301   -11.260 -12.194 1.00 61.53  ? 64  LYS B CE  1 
ATOM   1214 N NZ  . LYS B 1 64  ? 9.163   -9.824  -12.638 1.00 65.28  ? 64  LYS B NZ  1 
ATOM   1215 N N   . ALA B 1 65  ? 3.584   -13.436 -10.598 1.00 38.32  ? 65  ALA B N   1 
ATOM   1216 C CA  . ALA B 1 65  ? 2.492   -14.382 -10.745 1.00 38.74  ? 65  ALA B CA  1 
ATOM   1217 C C   . ALA B 1 65  ? 1.121   -13.669 -10.884 1.00 42.18  ? 65  ALA B C   1 
ATOM   1218 O O   . ALA B 1 65  ? 0.229   -14.162 -11.582 1.00 45.52  ? 65  ALA B O   1 
ATOM   1219 C CB  . ALA B 1 65  ? 2.488   -15.329 -9.574  1.00 38.86  ? 65  ALA B CB  1 
ATOM   1220 N N   . HIS B 1 66  ? 0.961   -12.504 -10.247 1.00 40.93  ? 66  HIS B N   1 
ATOM   1221 C CA  . HIS B 1 66  ? -0.284  -11.726 -10.330 1.00 38.60  ? 66  HIS B CA  1 
ATOM   1222 C C   . HIS B 1 66  ? -0.226  -10.719 -11.457 1.00 37.42  ? 66  HIS B C   1 
ATOM   1223 O O   . HIS B 1 66  ? -1.089  -9.855  -11.558 1.00 37.44  ? 66  HIS B O   1 
ATOM   1224 C CB  . HIS B 1 66  ? -0.516  -10.900 -9.079  1.00 38.50  ? 66  HIS B CB  1 
ATOM   1225 C CG  . HIS B 1 66  ? -0.422  -11.671 -7.813  1.00 39.34  ? 66  HIS B CG  1 
ATOM   1226 N ND1 . HIS B 1 66  ? -1.467  -12.428 -7.323  1.00 38.45  ? 66  HIS B ND1 1 
ATOM   1227 C CD2 . HIS B 1 66  ? 0.566   -11.743 -6.893  1.00 38.48  ? 66  HIS B CD2 1 
ATOM   1228 C CE1 . HIS B 1 66  ? -1.121  -12.930 -6.151  1.00 40.08  ? 66  HIS B CE1 1 
ATOM   1229 N NE2 . HIS B 1 66  ? 0.108   -12.528 -5.870  1.00 42.17  ? 66  HIS B NE2 1 
ATOM   1230 N N   . HIS B 1 67  ? 0.847   -10.761 -12.231 1.00 38.34  ? 67  HIS B N   1 
ATOM   1231 C CA  . HIS B 1 67  ? 1.040   -9.844  -13.341 1.00 42.29  ? 67  HIS B CA  1 
ATOM   1232 C C   . HIS B 1 67  ? 1.323   -8.410  -12.931 1.00 40.78  ? 67  HIS B C   1 
ATOM   1233 O O   . HIS B 1 67  ? 1.209   -7.499  -13.739 1.00 43.95  ? 67  HIS B O   1 
ATOM   1234 C CB  . HIS B 1 67  ? -0.129  -9.949  -14.317 1.00 50.42  ? 67  HIS B CB  1 
ATOM   1235 C CG  . HIS B 1 67  ? -0.393  -11.359 -14.738 1.00 63.34  ? 67  HIS B CG  1 
ATOM   1236 N ND1 . HIS B 1 67  ? -1.288  -12.173 -14.089 1.00 69.11  ? 67  HIS B ND1 1 
ATOM   1237 C CD2 . HIS B 1 67  ? 0.246   -12.142 -15.651 1.00 65.96  ? 67  HIS B CD2 1 
ATOM   1238 C CE1 . HIS B 1 67  ? -1.190  -13.402 -14.561 1.00 70.41  ? 67  HIS B CE1 1 
ATOM   1239 N NE2 . HIS B 1 67  ? -0.271  -13.411 -15.506 1.00 70.33  ? 67  HIS B NE2 1 
ATOM   1240 N N   . LEU B 1 68  ? 1.752   -8.227  -11.686 1.00 36.13  ? 68  LEU B N   1 
ATOM   1241 C CA  . LEU B 1 68  ? 2.107   -6.907  -11.189 1.00 31.46  ? 68  LEU B CA  1 
ATOM   1242 C C   . LEU B 1 68  ? 3.542   -6.702  -11.613 1.00 30.72  ? 68  LEU B C   1 
ATOM   1243 O O   . LEU B 1 68  ? 4.388   -7.559  -11.373 1.00 32.90  ? 68  LEU B O   1 
ATOM   1244 C CB  . LEU B 1 68  ? 2.012   -6.855  -9.666  1.00 26.24  ? 68  LEU B CB  1 
ATOM   1245 C CG  . LEU B 1 68  ? 0.602   -6.751  -9.091  1.00 26.25  ? 68  LEU B CG  1 
ATOM   1246 C CD1 . LEU B 1 68  ? 0.668   -6.881  -7.581  1.00 20.76  ? 68  LEU B CD1 1 
ATOM   1247 C CD2 . LEU B 1 68  ? -0.010  -5.416  -9.489  1.00 21.77  ? 68  LEU B CD2 1 
ATOM   1248 N N   . ASP B 1 69  ? 3.829   -5.579  -12.248 1.00 30.22  ? 69  ASP B N   1 
ATOM   1249 C CA  . ASP B 1 69  ? 5.186   -5.328  -12.694 1.00 28.81  ? 69  ASP B CA  1 
ATOM   1250 C C   . ASP B 1 69  ? 6.122   -4.841  -11.591 1.00 26.61  ? 69  ASP B C   1 
ATOM   1251 O O   . ASP B 1 69  ? 5.690   -4.197  -10.633 1.00 26.12  ? 69  ASP B O   1 
ATOM   1252 C CB  . ASP B 1 69  ? 5.204   -4.408  -13.919 1.00 35.91  ? 69  ASP B CB  1 
ATOM   1253 C CG  . ASP B 1 69  ? 4.363   -3.177  -13.741 1.00 41.11  ? 69  ASP B CG  1 
ATOM   1254 O OD1 . ASP B 1 69  ? 3.140   -3.259  -13.969 1.00 44.14  ? 69  ASP B OD1 1 
ATOM   1255 O OD2 . ASP B 1 69  ? 4.928   -2.122  -13.389 1.00 47.32  ? 69  ASP B OD2 1 
ATOM   1256 N N   . ALA B 1 70  ? 7.407   -5.151  -11.756 1.00 24.74  ? 70  ALA B N   1 
ATOM   1257 C CA  . ALA B 1 70  ? 8.466   -4.821  -10.812 1.00 22.12  ? 70  ALA B CA  1 
ATOM   1258 C C   . ALA B 1 70  ? 8.590   -3.363  -10.405 1.00 20.50  ? 70  ALA B C   1 
ATOM   1259 O O   . ALA B 1 70  ? 8.809   -3.086  -9.227  1.00 23.97  ? 70  ALA B O   1 
ATOM   1260 C CB  . ALA B 1 70  ? 9.792   -5.317  -11.356 1.00 22.35  ? 70  ALA B CB  1 
ATOM   1261 N N   . HIS B 1 71  ? 8.527   -2.436  -11.366 1.00 20.17  ? 71  HIS B N   1 
ATOM   1262 C CA  . HIS B 1 71  ? 8.625   -1.003  -11.051 1.00 18.98  ? 71  HIS B CA  1 
ATOM   1263 C C   . HIS B 1 71  ? 7.424   -0.432  -10.286 1.00 19.82  ? 71  HIS B C   1 
ATOM   1264 O O   . HIS B 1 71  ? 7.570   0.480   -9.485  1.00 24.16  ? 71  HIS B O   1 
ATOM   1265 C CB  . HIS B 1 71  ? 8.917   -0.194  -12.298 1.00 16.22  ? 71  HIS B CB  1 
ATOM   1266 C CG  . HIS B 1 71  ? 10.335  -0.310  -12.741 1.00 20.31  ? 71  HIS B CG  1 
ATOM   1267 N ND1 . HIS B 1 71  ? 10.716  -1.102  -13.803 1.00 23.34  ? 71  HIS B ND1 1 
ATOM   1268 C CD2 . HIS B 1 71  ? 11.471  0.175   -12.204 1.00 17.99  ? 71  HIS B CD2 1 
ATOM   1269 C CE1 . HIS B 1 71  ? 12.034  -1.107  -13.892 1.00 17.03  ? 71  HIS B CE1 1 
ATOM   1270 N NE2 . HIS B 1 71  ? 12.515  -0.338  -12.929 1.00 23.36  ? 71  HIS B NE2 1 
ATOM   1271 N N   . TYR B 1 72  ? 6.242   -0.985  -10.538 1.00 20.09  ? 72  TYR B N   1 
ATOM   1272 C CA  . TYR B 1 72  ? 5.027   -0.584  -9.841  1.00 21.65  ? 72  TYR B CA  1 
ATOM   1273 C C   . TYR B 1 72  ? 5.206   -1.046  -8.393  1.00 23.51  ? 72  TYR B C   1 
ATOM   1274 O O   . TYR B 1 72  ? 4.967   -0.282  -7.463  1.00 27.54  ? 72  TYR B O   1 
ATOM   1275 C CB  . TYR B 1 72  ? 3.810   -1.285  -10.444 1.00 18.25  ? 72  TYR B CB  1 
ATOM   1276 C CG  . TYR B 1 72  ? 2.543   -1.018  -9.676  1.00 19.59  ? 72  TYR B CG  1 
ATOM   1277 C CD1 . TYR B 1 72  ? 2.258   0.262   -9.182  1.00 21.11  ? 72  TYR B CD1 1 
ATOM   1278 C CD2 . TYR B 1 72  ? 1.601   -2.029  -9.483  1.00 21.21  ? 72  TYR B CD2 1 
ATOM   1279 C CE1 . TYR B 1 72  ? 1.065   0.530   -8.513  1.00 21.25  ? 72  TYR B CE1 1 
ATOM   1280 C CE2 . TYR B 1 72  ? 0.400   -1.774  -8.817  1.00 21.06  ? 72  TYR B CE2 1 
ATOM   1281 C CZ  . TYR B 1 72  ? 0.137   -0.487  -8.338  1.00 22.77  ? 72  TYR B CZ  1 
ATOM   1282 O OH  . TYR B 1 72  ? -1.056  -0.230  -7.686  1.00 24.40  ? 72  TYR B OH  1 
ATOM   1283 N N   . ILE B 1 73  ? 5.585   -2.313  -8.212  1.00 23.54  ? 73  ILE B N   1 
ATOM   1284 C CA  . ILE B 1 73  ? 5.821   -2.878  -6.883  1.00 21.23  ? 73  ILE B CA  1 
ATOM   1285 C C   . ILE B 1 73  ? 6.920   -2.116  -6.113  1.00 20.79  ? 73  ILE B C   1 
ATOM   1286 O O   . ILE B 1 73  ? 6.778   -1.833  -4.923  1.00 22.32  ? 73  ILE B O   1 
ATOM   1287 C CB  . ILE B 1 73  ? 6.161   -4.377  -6.997  1.00 23.47  ? 73  ILE B CB  1 
ATOM   1288 C CG1 . ILE B 1 73  ? 4.923   -5.144  -7.447  1.00 21.83  ? 73  ILE B CG1 1 
ATOM   1289 C CG2 . ILE B 1 73  ? 6.673   -4.922  -5.664  1.00 22.62  ? 73  ILE B CG2 1 
ATOM   1290 C CD1 . ILE B 1 73  ? 5.190   -6.564  -7.823  1.00 24.90  ? 73  ILE B CD1 1 
ATOM   1291 N N   . THR B 1 74  ? 7.999   -1.746  -6.788  1.00 19.09  ? 74  THR B N   1 
ATOM   1292 C CA  . THR B 1 74  ? 9.058   -1.000  -6.135  1.00 17.20  ? 74  THR B CA  1 
ATOM   1293 C C   . THR B 1 74  ? 8.609   0.403   -5.682  1.00 19.88  ? 74  THR B C   1 
ATOM   1294 O O   . THR B 1 74  ? 8.845   0.782   -4.535  1.00 24.05  ? 74  THR B O   1 
ATOM   1295 C CB  . THR B 1 74  ? 10.299  -0.925  -7.048  1.00 18.04  ? 74  THR B CB  1 
ATOM   1296 O OG1 . THR B 1 74  ? 10.655  -2.251  -7.443  1.00 18.33  ? 74  THR B OG1 1 
ATOM   1297 C CG2 . THR B 1 74  ? 11.472  -0.329  -6.313  1.00 19.44  ? 74  THR B CG2 1 
ATOM   1298 N N   . ARG B 1 75  ? 7.939   1.159   -6.555  1.00 18.88  ? 75  ARG B N   1 
ATOM   1299 C CA  . ARG B 1 75  ? 7.466   2.515   -6.212  1.00 19.99  ? 75  ARG B CA  1 
ATOM   1300 C C   . ARG B 1 75  ? 6.546   2.491   -5.018  1.00 21.06  ? 75  ARG B C   1 
ATOM   1301 O O   . ARG B 1 75  ? 6.526   3.406   -4.219  1.00 24.10  ? 75  ARG B O   1 
ATOM   1302 C CB  . ARG B 1 75  ? 6.668   3.132   -7.360  1.00 18.57  ? 75  ARG B CB  1 
ATOM   1303 C CG  . ARG B 1 75  ? 7.451   3.327   -8.630  1.00 22.60  ? 75  ARG B CG  1 
ATOM   1304 C CD  . ARG B 1 75  ? 6.633   3.965   -9.722  1.00 24.85  ? 75  ARG B CD  1 
ATOM   1305 N NE  . ARG B 1 75  ? 6.213   5.320   -9.365  1.00 27.77  ? 75  ARG B NE  1 
ATOM   1306 C CZ  . ARG B 1 75  ? 5.291   6.010   -10.030 1.00 25.86  ? 75  ARG B CZ  1 
ATOM   1307 N NH1 . ARG B 1 75  ? 4.713   5.467   -11.089 1.00 22.77  ? 75  ARG B NH1 1 
ATOM   1308 N NH2 . ARG B 1 75  ? 4.941   7.227   -9.627  1.00 24.47  ? 75  ARG B NH2 1 
ATOM   1309 N N   . LEU B 1 76  ? 5.713   1.467   -4.967  1.00 22.76  ? 76  LEU B N   1 
ATOM   1310 C CA  . LEU B 1 76  ? 4.731   1.289   -3.914  1.00 23.68  ? 76  LEU B CA  1 
ATOM   1311 C C   . LEU B 1 76  ? 5.342   0.849   -2.600  1.00 23.97  ? 76  LEU B C   1 
ATOM   1312 O O   . LEU B 1 76  ? 5.031   1.423   -1.570  1.00 27.40  ? 76  LEU B O   1 
ATOM   1313 C CB  . LEU B 1 76  ? 3.701   0.272   -4.374  1.00 21.73  ? 76  LEU B CB  1 
ATOM   1314 C CG  . LEU B 1 76  ? 2.334   0.132   -3.741  1.00 29.16  ? 76  LEU B CG  1 
ATOM   1315 C CD1 . LEU B 1 76  ? 1.588   1.451   -3.708  1.00 35.37  ? 76  LEU B CD1 1 
ATOM   1316 C CD2 . LEU B 1 76  ? 1.618   -0.826  -4.638  1.00 36.67  ? 76  LEU B CD2 1 
ATOM   1317 N N   . PHE B 1 77  ? 6.203   -0.165  -2.610  1.00 23.57  ? 77  PHE B N   1 
ATOM   1318 C CA  . PHE B 1 77  ? 6.789   -0.610  -1.356  1.00 22.22  ? 77  PHE B CA  1 
ATOM   1319 C C   . PHE B 1 77  ? 7.822   0.300   -0.784  1.00 23.77  ? 77  PHE B C   1 
ATOM   1320 O O   . PHE B 1 77  ? 8.083   0.269   0.409   1.00 28.66  ? 77  PHE B O   1 
ATOM   1321 C CB  . PHE B 1 77  ? 7.260   -2.044  -1.415  1.00 21.32  ? 77  PHE B CB  1 
ATOM   1322 C CG  . PHE B 1 77  ? 6.185   -2.971  -1.100  1.00 19.59  ? 77  PHE B CG  1 
ATOM   1323 C CD1 . PHE B 1 77  ? 5.296   -3.363  -2.086  1.00 20.75  ? 77  PHE B CD1 1 
ATOM   1324 C CD2 . PHE B 1 77  ? 5.974   -3.369  0.201   1.00 20.94  ? 77  PHE B CD2 1 
ATOM   1325 C CE1 . PHE B 1 77  ? 4.170   -4.121  -1.779  1.00 23.31  ? 77  PHE B CE1 1 
ATOM   1326 C CE2 . PHE B 1 77  ? 4.843   -4.132  0.532   1.00 24.07  ? 77  PHE B CE2 1 
ATOM   1327 C CZ  . PHE B 1 77  ? 3.946   -4.517  -0.464  1.00 21.26  ? 77  PHE B CZ  1 
ATOM   1328 N N   . GLN B 1 78  ? 8.339   1.171   -1.632  1.00 26.88  ? 78  GLN B N   1 
ATOM   1329 C CA  . GLN B 1 78  ? 9.307   2.183   -1.251  1.00 28.18  ? 78  GLN B CA  1 
ATOM   1330 C C   . GLN B 1 78  ? 8.609   3.166   -0.281  1.00 26.92  ? 78  GLN B C   1 
ATOM   1331 O O   . GLN B 1 78  ? 9.209   3.628   0.680   1.00 28.82  ? 78  GLN B O   1 
ATOM   1332 C CB  . GLN B 1 78  ? 9.708   2.893   -2.521  1.00 34.15  ? 78  GLN B CB  1 
ATOM   1333 C CG  . GLN B 1 78  ? 11.036  3.522   -2.543  1.00 45.26  ? 78  GLN B CG  1 
ATOM   1334 C CD  . GLN B 1 78  ? 11.470  3.766   -3.970  1.00 52.29  ? 78  GLN B CD  1 
ATOM   1335 O OE1 . GLN B 1 78  ? 12.307  3.025   -4.503  1.00 56.56  ? 78  GLN B OE1 1 
ATOM   1336 N NE2 . GLN B 1 78  ? 10.851  4.753   -4.630  1.00 54.06  ? 78  GLN B NE2 1 
ATOM   1337 N N   . LEU B 1 79  ? 7.343   3.490   -0.544  1.00 26.60  ? 79  LEU B N   1 
ATOM   1338 C CA  . LEU B 1 79  ? 6.559   4.381   0.324   1.00 25.51  ? 79  LEU B CA  1 
ATOM   1339 C C   . LEU B 1 79  ? 6.220   3.678   1.632   1.00 24.39  ? 79  LEU B C   1 
ATOM   1340 O O   . LEU B 1 79  ? 6.332   4.266   2.707   1.00 26.19  ? 79  LEU B O   1 
ATOM   1341 C CB  . LEU B 1 79  ? 5.249   4.799   -0.362  1.00 26.36  ? 79  LEU B CB  1 
ATOM   1342 C CG  . LEU B 1 79  ? 5.376   5.691   -1.591  1.00 31.44  ? 79  LEU B CG  1 
ATOM   1343 C CD1 . LEU B 1 79  ? 4.039   5.949   -2.226  1.00 26.82  ? 79  LEU B CD1 1 
ATOM   1344 C CD2 . LEU B 1 79  ? 6.020   6.982   -1.176  1.00 34.54  ? 79  LEU B CD2 1 
ATOM   1345 N N   . ILE B 1 80  ? 5.770   2.430   1.518   1.00 23.08  ? 80  ILE B N   1 
ATOM   1346 C CA  . ILE B 1 80  ? 5.400   1.592   2.657   1.00 25.22  ? 80  ILE B CA  1 
ATOM   1347 C C   . ILE B 1 80  ? 6.580   1.378   3.620   1.00 28.74  ? 80  ILE B C   1 
ATOM   1348 O O   . ILE B 1 80  ? 6.448   1.552   4.831   1.00 29.40  ? 80  ILE B O   1 
ATOM   1349 C CB  . ILE B 1 80  ? 4.855   0.255   2.154   1.00 23.24  ? 80  ILE B CB  1 
ATOM   1350 C CG1 . ILE B 1 80  ? 3.601   0.509   1.318   1.00 20.81  ? 80  ILE B CG1 1 
ATOM   1351 C CG2 . ILE B 1 80  ? 4.556   -0.660  3.307   1.00 22.21  ? 80  ILE B CG2 1 
ATOM   1352 C CD1 . ILE B 1 80  ? 3.032   -0.709  0.668   1.00 17.78  ? 80  ILE B CD1 1 
ATOM   1353 N N   . ILE B 1 81  ? 7.743   1.038   3.078   1.00 29.84  ? 81  ILE B N   1 
ATOM   1354 C CA  . ILE B 1 81  ? 8.944   0.837   3.891   1.00 28.84  ? 81  ILE B CA  1 
ATOM   1355 C C   . ILE B 1 81  ? 9.421   2.156   4.496   1.00 28.59  ? 81  ILE B C   1 
ATOM   1356 O O   . ILE B 1 81  ? 9.845   2.197   5.648   1.00 30.52  ? 81  ILE B O   1 
ATOM   1357 C CB  . ILE B 1 81  ? 10.074  0.247   3.047   1.00 25.96  ? 81  ILE B CB  1 
ATOM   1358 C CG1 . ILE B 1 81  ? 9.698   -1.157  2.592   1.00 21.50  ? 81  ILE B CG1 1 
ATOM   1359 C CG2 . ILE B 1 81  ? 11.363  0.241   3.831   1.00 26.78  ? 81  ILE B CG2 1 
ATOM   1360 C CD1 . ILE B 1 81  ? 10.679  -1.745  1.613   1.00 24.64  ? 81  ILE B CD1 1 
ATOM   1361 N N   . GLU B 1 82  ? 9.372   3.226   3.710   1.00 29.61  ? 82  GLU B N   1 
ATOM   1362 C CA  . GLU B 1 82  ? 9.792   4.538   4.171   1.00 30.90  ? 82  GLU B CA  1 
ATOM   1363 C C   . GLU B 1 82  ? 8.962   4.914   5.372   1.00 31.56  ? 82  GLU B C   1 
ATOM   1364 O O   . GLU B 1 82  ? 9.488   5.342   6.387   1.00 33.99  ? 82  GLU B O   1 
ATOM   1365 C CB  . GLU B 1 82  ? 9.574   5.560   3.068   1.00 38.39  ? 82  GLU B CB  1 
ATOM   1366 C CG  . GLU B 1 82  ? 10.214  6.927   3.281   1.00 48.63  ? 82  GLU B CG  1 
ATOM   1367 C CD  . GLU B 1 82  ? 9.518   8.025   2.461   1.00 58.83  ? 82  GLU B CD  1 
ATOM   1368 O OE1 . GLU B 1 82  ? 9.540   7.958   1.200   1.00 64.44  ? 82  GLU B OE1 1 
ATOM   1369 O OE2 . GLU B 1 82  ? 8.922   8.943   3.078   1.00 64.46  ? 82  GLU B OE2 1 
ATOM   1370 N N   . ASP B 1 83  ? 7.659   4.707   5.275   1.00 30.77  ? 83  ASP B N   1 
ATOM   1371 C CA  . ASP B 1 83  ? 6.770   5.038   6.373   1.00 31.66  ? 83  ASP B CA  1 
ATOM   1372 C C   . ASP B 1 83  ? 7.070   4.231   7.621   1.00 33.58  ? 83  ASP B C   1 
ATOM   1373 O O   . ASP B 1 83  ? 7.073   4.784   8.722   1.00 34.00  ? 83  ASP B O   1 
ATOM   1374 C CB  . ASP B 1 83  ? 5.313   4.810   5.988   1.00 30.47  ? 83  ASP B CB  1 
ATOM   1375 C CG  . ASP B 1 83  ? 4.368   5.048   7.149   1.00 30.15  ? 83  ASP B CG  1 
ATOM   1376 O OD1 . ASP B 1 83  ? 4.178   6.219   7.488   1.00 34.08  ? 83  ASP B OD1 1 
ATOM   1377 O OD2 . ASP B 1 83  ? 3.838   4.080   7.741   1.00 32.87  ? 83  ASP B OD2 1 
ATOM   1378 N N   . SER B 1 84  ? 7.295   2.927   7.465   1.00 34.51  ? 84  SER B N   1 
ATOM   1379 C CA  . SER B 1 84  ? 7.575   2.106   8.628   1.00 36.24  ? 84  SER B CA  1 
ATOM   1380 C C   . SER B 1 84  ? 8.942   2.427   9.219   1.00 35.41  ? 84  SER B C   1 
ATOM   1381 O O   . SER B 1 84  ? 9.148   2.262   10.422  1.00 35.80  ? 84  SER B O   1 
ATOM   1382 C CB  . SER B 1 84  ? 7.412   0.615   8.324   1.00 37.77  ? 84  SER B CB  1 
ATOM   1383 O OG  . SER B 1 84  ? 8.620   0.031   7.921   1.00 46.65  ? 84  SER B OG  1 
ATOM   1384 N N   . VAL B 1 85  ? 9.877   2.891   8.392   1.00 31.83  ? 85  VAL B N   1 
ATOM   1385 C CA  . VAL B 1 85  ? 11.182  3.276   8.906   1.00 32.33  ? 85  VAL B CA  1 
ATOM   1386 C C   . VAL B 1 85  ? 11.039  4.532   9.783   1.00 35.56  ? 85  VAL B C   1 
ATOM   1387 O O   . VAL B 1 85  ? 11.525  4.569   10.918  1.00 35.33  ? 85  VAL B O   1 
ATOM   1388 C CB  . VAL B 1 85  ? 12.184  3.522   7.782   1.00 29.17  ? 85  VAL B CB  1 
ATOM   1389 C CG1 . VAL B 1 85  ? 13.401  4.216   8.326   1.00 29.66  ? 85  VAL B CG1 1 
ATOM   1390 C CG2 . VAL B 1 85  ? 12.595  2.213   7.177   1.00 26.18  ? 85  VAL B CG2 1 
ATOM   1391 N N   . LEU B 1 86  ? 10.304  5.527   9.282   1.00 38.70  ? 86  LEU B N   1 
ATOM   1392 C CA  . LEU B 1 86  ? 10.077  6.769   10.018  1.00 38.89  ? 86  LEU B CA  1 
ATOM   1393 C C   . LEU B 1 86  ? 9.292   6.540   11.285  1.00 38.28  ? 86  LEU B C   1 
ATOM   1394 O O   . LEU B 1 86  ? 9.520   7.207   12.277  1.00 43.16  ? 86  LEU B O   1 
ATOM   1395 C CB  . LEU B 1 86  ? 9.345   7.794   9.168   1.00 41.65  ? 86  LEU B CB  1 
ATOM   1396 C CG  . LEU B 1 86  ? 10.072  8.159   7.878   1.00 48.59  ? 86  LEU B CG  1 
ATOM   1397 C CD1 . LEU B 1 86  ? 9.526   9.468   7.352   1.00 49.72  ? 86  LEU B CD1 1 
ATOM   1398 C CD2 . LEU B 1 86  ? 11.571  8.266   8.114   1.00 53.19  ? 86  LEU B CD2 1 
ATOM   1399 N N   . THR B 1 87  ? 8.332   5.633   11.243  1.00 36.27  ? 87  THR B N   1 
ATOM   1400 C CA  . THR B 1 87  ? 7.544   5.317   12.421  1.00 36.54  ? 87  THR B CA  1 
ATOM   1401 C C   . THR B 1 87  ? 8.434   4.793   13.549  1.00 38.40  ? 87  THR B C   1 
ATOM   1402 O O   . THR B 1 87  ? 8.265   5.153   14.724  1.00 40.22  ? 87  THR B O   1 
ATOM   1403 C CB  . THR B 1 87  ? 6.493   4.280   12.075  1.00 33.76  ? 87  THR B CB  1 
ATOM   1404 O OG1 . THR B 1 87  ? 5.493   4.903   11.262  1.00 39.95  ? 87  THR B OG1 1 
ATOM   1405 C CG2 . THR B 1 87  ? 5.880   3.686   13.326  1.00 31.69  ? 87  THR B CG2 1 
ATOM   1406 N N   . GLN B 1 88  ? 9.389   3.950   13.178  1.00 37.48  ? 88  GLN B N   1 
ATOM   1407 C CA  . GLN B 1 88  ? 10.311  3.387   14.132  1.00 37.47  ? 88  GLN B CA  1 
ATOM   1408 C C   . GLN B 1 88  ? 11.280  4.447   14.615  1.00 41.71  ? 88  GLN B C   1 
ATOM   1409 O O   . GLN B 1 88  ? 11.683  4.440   15.778  1.00 45.71  ? 88  GLN B O   1 
ATOM   1410 C CB  . GLN B 1 88  ? 11.086  2.263   13.496  1.00 32.00  ? 88  GLN B CB  1 
ATOM   1411 C CG  . GLN B 1 88  ? 10.328  0.989   13.411  1.00 31.63  ? 88  GLN B CG  1 
ATOM   1412 C CD  . GLN B 1 88  ? 11.082  -0.016  12.605  1.00 35.80  ? 88  GLN B CD  1 
ATOM   1413 O OE1 . GLN B 1 88  ? 11.890  -0.772  13.122  1.00 39.46  ? 88  GLN B OE1 1 
ATOM   1414 N NE2 . GLN B 1 88  ? 10.855  -0.005  11.311  1.00 34.29  ? 88  GLN B NE2 1 
ATOM   1415 N N   . GLN B 1 89  ? 11.703  5.327   13.715  1.00 43.95  ? 89  GLN B N   1 
ATOM   1416 C CA  . GLN B 1 89  ? 12.619  6.393   14.091  1.00 46.21  ? 89  GLN B CA  1 
ATOM   1417 C C   . GLN B 1 89  ? 11.970  7.375   15.042  1.00 47.64  ? 89  GLN B C   1 
ATOM   1418 O O   . GLN B 1 89  ? 12.658  8.043   15.806  1.00 50.05  ? 89  GLN B O   1 
ATOM   1419 C CB  . GLN B 1 89  ? 13.142  7.120   12.870  1.00 47.45  ? 89  GLN B CB  1 
ATOM   1420 C CG  . GLN B 1 89  ? 14.105  6.287   12.106  1.00 60.18  ? 89  GLN B CG  1 
ATOM   1421 C CD  . GLN B 1 89  ? 14.810  7.071   11.039  1.00 69.50  ? 89  GLN B CD  1 
ATOM   1422 O OE1 . GLN B 1 89  ? 14.349  8.148   10.629  1.00 73.90  ? 89  GLN B OE1 1 
ATOM   1423 N NE2 . GLN B 1 89  ? 15.947  6.545   10.573  1.00 72.78  ? 89  GLN B NE2 1 
ATOM   1424 N N   . ALA B 1 90  ? 10.646  7.467   14.989  1.00 50.37  ? 90  ALA B N   1 
ATOM   1425 C CA  . ALA B 1 90  ? 9.901   8.361   15.858  1.00 51.32  ? 90  ALA B CA  1 
ATOM   1426 C C   . ALA B 1 90  ? 9.953   7.814   17.275  1.00 52.02  ? 90  ALA B C   1 
ATOM   1427 O O   . ALA B 1 90  ? 10.055  8.573   18.236  1.00 56.19  ? 90  ALA B O   1 
ATOM   1428 C CB  . ALA B 1 90  ? 8.466   8.469   15.390  1.00 51.17  ? 90  ALA B CB  1 
ATOM   1429 N N   . LEU B 1 91  ? 9.884   6.494   17.396  1.00 53.25  ? 91  LEU B N   1 
ATOM   1430 C CA  . LEU B 1 91  ? 9.932   5.838   18.695  1.00 55.50  ? 91  LEU B CA  1 
ATOM   1431 C C   . LEU B 1 91  ? 11.352  5.813   19.266  1.00 53.85  ? 91  LEU B C   1 
ATOM   1432 O O   . LEU B 1 91  ? 11.531  5.870   20.475  1.00 53.98  ? 91  LEU B O   1 
ATOM   1433 C CB  . LEU B 1 91  ? 9.339   4.434   18.595  1.00 61.87  ? 91  LEU B CB  1 
ATOM   1434 C CG  . LEU B 1 91  ? 7.891   4.467   18.067  1.00 69.68  ? 91  LEU B CG  1 
ATOM   1435 C CD1 . LEU B 1 91  ? 7.429   3.071   17.676  1.00 71.85  ? 91  LEU B CD1 1 
ATOM   1436 C CD2 . LEU B 1 91  ? 6.943   5.097   19.096  1.00 70.71  ? 91  LEU B CD2 1 
ATOM   1437 N N   . LEU B 1 92  ? 12.351  5.744   18.391  1.00 52.49  ? 92  LEU B N   1 
ATOM   1438 C CA  . LEU B 1 92  ? 13.756  5.756   18.797  1.00 53.08  ? 92  LEU B CA  1 
ATOM   1439 C C   . LEU B 1 92  ? 14.130  7.127   19.376  1.00 54.57  ? 92  LEU B C   1 
ATOM   1440 O O   . LEU B 1 92  ? 14.795  7.212   20.407  1.00 52.93  ? 92  LEU B O   1 
ATOM   1441 C CB  . LEU B 1 92  ? 14.646  5.489   17.588  1.00 51.06  ? 92  LEU B CB  1 
ATOM   1442 C CG  . LEU B 1 92  ? 16.143  5.585   17.856  1.00 49.98  ? 92  LEU B CG  1 
ATOM   1443 C CD1 . LEU B 1 92  ? 16.569  4.378   18.682  1.00 51.30  ? 92  LEU B CD1 1 
ATOM   1444 C CD2 . LEU B 1 92  ? 16.902  5.648   16.550  1.00 49.24  ? 92  LEU B CD2 1 
ATOM   1445 N N   . GLN B 1 93  ? 13.754  8.181   18.656  1.00 57.29  ? 93  GLN B N   1 
ATOM   1446 C CA  . GLN B 1 93  ? 13.990  9.570   19.049  1.00 60.41  ? 93  GLN B CA  1 
ATOM   1447 C C   . GLN B 1 93  ? 13.357  9.850   20.408  1.00 59.38  ? 93  GLN B C   1 
ATOM   1448 O O   . GLN B 1 93  ? 13.973  10.460  21.268  1.00 59.97  ? 93  GLN B O   1 
ATOM   1449 C CB  . GLN B 1 93  ? 13.386  10.507  18.000  1.00 65.81  ? 93  GLN B CB  1 
ATOM   1450 C CG  . GLN B 1 93  ? 13.270  11.972  18.417  1.00 78.49  ? 93  GLN B CG  1 
ATOM   1451 C CD  . GLN B 1 93  ? 14.589  12.728  18.335  1.00 86.33  ? 93  GLN B CD  1 
ATOM   1452 O OE1 . GLN B 1 93  ? 15.667  12.127  18.298  1.00 89.24  ? 93  GLN B OE1 1 
ATOM   1453 N NE2 . GLN B 1 93  ? 14.507  14.061  18.309  1.00 89.59  ? 93  GLN B NE2 1 
ATOM   1454 N N   . GLN B 1 94  ? 12.109  9.434   20.579  1.00 58.10  ? 94  GLN B N   1 
ATOM   1455 C CA  . GLN B 1 94  ? 11.401  9.618   21.834  1.00 60.81  ? 94  GLN B CA  1 
ATOM   1456 C C   . GLN B 1 94  ? 12.221  8.931   22.918  1.00 58.35  ? 94  GLN B C   1 
ATOM   1457 O O   . GLN B 1 94  ? 12.590  9.523   23.928  1.00 57.43  ? 94  GLN B O   1 
ATOM   1458 C CB  . GLN B 1 94  ? 10.015  8.964   21.745  1.00 69.00  ? 94  GLN B CB  1 
ATOM   1459 C CG  . GLN B 1 94  ? 9.308   8.752   23.091  1.00 80.95  ? 94  GLN B CG  1 
ATOM   1460 C CD  . GLN B 1 94  ? 8.150   7.754   23.023  1.00 87.36  ? 94  GLN B CD  1 
ATOM   1461 O OE1 . GLN B 1 94  ? 7.285   7.836   22.143  1.00 91.97  ? 94  GLN B OE1 1 
ATOM   1462 N NE2 . GLN B 1 94  ? 8.129   6.807   23.961  1.00 88.48  ? 94  GLN B NE2 1 
ATOM   1463 N N   . HIS B 1 95  ? 12.502  7.664   22.677  1.00 57.35  ? 95  HIS B N   1 
ATOM   1464 C CA  . HIS B 1 95  ? 13.273  6.837   23.581  1.00 56.35  ? 95  HIS B CA  1 
ATOM   1465 C C   . HIS B 1 95  ? 14.571  7.522   23.958  1.00 56.44  ? 95  HIS B C   1 
ATOM   1466 O O   . HIS B 1 95  ? 14.869  7.668   25.142  1.00 55.53  ? 95  HIS B O   1 
ATOM   1467 C CB  . HIS B 1 95  ? 13.548  5.509   22.876  1.00 57.89  ? 95  HIS B CB  1 
ATOM   1468 C CG  . HIS B 1 95  ? 14.626  4.686   23.505  1.00 58.24  ? 95  HIS B CG  1 
ATOM   1469 N ND1 . HIS B 1 95  ? 15.886  4.574   22.957  1.00 56.92  ? 95  HIS B ND1 1 
ATOM   1470 C CD2 . HIS B 1 95  ? 14.605  3.861   24.580  1.00 56.82  ? 95  HIS B CD2 1 
ATOM   1471 C CE1 . HIS B 1 95  ? 16.593  3.710   23.664  1.00 56.68  ? 95  HIS B CE1 1 
ATOM   1472 N NE2 . HIS B 1 95  ? 15.837  3.262   24.654  1.00 57.19  ? 95  HIS B NE2 1 
ATOM   1473 N N   . LEU B 1 96  ? 15.318  7.961   22.949  1.00 56.19  ? 96  LEU B N   1 
ATOM   1474 C CA  . LEU B 1 96  ? 16.602  8.623   23.150  1.00 58.29  ? 96  LEU B CA  1 
ATOM   1475 C C   . LEU B 1 96  ? 16.514  9.904   23.967  1.00 60.07  ? 96  LEU B C   1 
ATOM   1476 O O   . LEU B 1 96  ? 17.449  10.268  24.667  1.00 60.07  ? 96  LEU B O   1 
ATOM   1477 C CB  . LEU B 1 96  ? 17.274  8.927   21.807  1.00 58.67  ? 96  LEU B CB  1 
ATOM   1478 C CG  . LEU B 1 96  ? 17.789  7.771   20.946  1.00 57.19  ? 96  LEU B CG  1 
ATOM   1479 C CD1 . LEU B 1 96  ? 18.361  8.339   19.662  1.00 56.48  ? 96  LEU B CD1 1 
ATOM   1480 C CD2 . LEU B 1 96  ? 18.842  6.977   21.690  1.00 57.41  ? 96  LEU B CD2 1 
ATOM   1481 N N   . ASN B 1 97  ? 15.399  10.607  23.874  1.00 62.08  ? 97  ASN B N   1 
ATOM   1482 C CA  . ASN B 1 97  ? 15.267  11.826  24.640  1.00 63.42  ? 97  ASN B CA  1 
ATOM   1483 C C   . ASN B 1 97  ? 14.928  11.488  26.073  1.00 63.33  ? 97  ASN B C   1 
ATOM   1484 O O   . ASN B 1 97  ? 15.312  12.195  26.983  1.00 64.65  ? 97  ASN B O   1 
ATOM   1485 C CB  . ASN B 1 97  ? 14.213  12.731  24.020  1.00 67.85  ? 97  ASN B CB  1 
ATOM   1486 C CG  . ASN B 1 97  ? 14.603  13.202  22.625  1.00 74.32  ? 97  ASN B CG  1 
ATOM   1487 O OD1 . ASN B 1 97  ? 13.750  13.639  21.847  1.00 76.46  ? 97  ASN B OD1 1 
ATOM   1488 N ND2 . ASN B 1 97  ? 15.898  13.112  22.297  1.00 77.31  ? 97  ASN B ND2 1 
ATOM   1489 N N   . LYS B 1 98  ? 14.238  10.381  26.275  1.00 63.30  ? 98  LYS B N   1 
ATOM   1490 C CA  . LYS B 1 98  ? 13.866  9.979   27.613  1.00 64.98  ? 98  LYS B CA  1 
ATOM   1491 C C   . LYS B 1 98  ? 15.021  9.417   28.434  1.00 66.03  ? 98  LYS B C   1 
ATOM   1492 O O   . LYS B 1 98  ? 15.250  9.851   29.553  1.00 67.91  ? 98  LYS B O   1 
ATOM   1493 C CB  . LYS B 1 98  ? 12.701  9.003   27.544  1.00 68.00  ? 98  LYS B CB  1 
ATOM   1494 C CG  . LYS B 1 98  ? 11.458  9.671   27.034  1.00 76.05  ? 98  LYS B CG  1 
ATOM   1495 C CD  . LYS B 1 98  ? 10.267  8.745   26.939  1.00 85.12  ? 98  LYS B CD  1 
ATOM   1496 C CE  . LYS B 1 98  ? 9.042   9.530   26.438  1.00 92.17  ? 98  LYS B CE  1 
ATOM   1497 N NZ  . LYS B 1 98  ? 7.763   8.746   26.422  1.00 97.19  ? 98  LYS B NZ  1 
ATOM   1498 N N   . ILE B 1 99  ? 15.771  8.479   27.875  1.00 67.66  ? 99  ILE B N   1 
ATOM   1499 C CA  . ILE B 1 99  ? 16.896  7.871   28.585  1.00 69.30  ? 99  ILE B CA  1 
ATOM   1500 C C   . ILE B 1 99  ? 18.121  8.778   28.673  1.00 76.03  ? 99  ILE B C   1 
ATOM   1501 O O   . ILE B 1 99  ? 19.054  8.511   29.438  1.00 76.50  ? 99  ILE B O   1 
ATOM   1502 C CB  . ILE B 1 99  ? 17.340  6.569   27.909  1.00 63.69  ? 99  ILE B CB  1 
ATOM   1503 C CG1 . ILE B 1 99  ? 17.829  6.857   26.486  1.00 61.54  ? 99  ILE B CG1 1 
ATOM   1504 C CG2 . ILE B 1 99  ? 16.215  5.563   27.929  1.00 60.74  ? 99  ILE B CG2 1 
ATOM   1505 C CD1 . ILE B 1 99  ? 18.479  5.689   25.791  1.00 60.51  ? 99  ILE B CD1 1 
ATOM   1506 N N   . ASN B 1 100 ? 18.115  9.848   27.892  1.00 83.95  ? 100 ASN B N   1 
ATOM   1507 C CA  . ASN B 1 100 ? 19.239  10.772  27.836  1.00 91.38  ? 100 ASN B CA  1 
ATOM   1508 C C   . ASN B 1 100 ? 18.888  12.172  28.395  1.00 94.66  ? 100 ASN B C   1 
ATOM   1509 O O   . ASN B 1 100 ? 18.559  12.262  29.605  1.00 95.76  ? 100 ASN B O   1 
ATOM   1510 C CB  . ASN B 1 100 ? 19.725  10.860  26.384  1.00 96.30  ? 100 ASN B CB  1 
ATOM   1511 C CG  . ASN B 1 100 ? 21.171  11.283  26.258  1.00 101.01 ? 100 ASN B CG  1 
ATOM   1512 O OD1 . ASN B 1 100 ? 21.716  11.313  25.153  1.00 104.19 ? 100 ASN B OD1 1 
ATOM   1513 N ND2 . ASN B 1 100 ? 21.806  11.612  27.380  1.00 104.94 ? 100 ASN B ND2 1 
HETATM 1514 C C1  . TSA C 2 .   ? -10.240 5.313   -10.281 1.00 32.37  ? 500 TSA A C1  1 
HETATM 1515 C C2  . TSA C 2 .   ? -11.054 6.559   -9.881  1.00 32.49  ? 500 TSA A C2  1 
HETATM 1516 C C3  . TSA C 2 .   ? -11.461 7.433   -10.828 1.00 33.06  ? 500 TSA A C3  1 
HETATM 1517 C C4  . TSA C 2 .   ? -10.962 7.441   -12.269 1.00 31.51  ? 500 TSA A C4  1 
HETATM 1518 O O5  . TSA C 2 .   ? -10.042 8.509   -12.380 1.00 32.28  ? 500 TSA A O5  1 
HETATM 1519 C C5  . TSA C 2 .   ? -10.199 6.178   -12.648 1.00 31.33  ? 500 TSA A C5  1 
HETATM 1520 C C6  . TSA C 2 .   ? -9.312  5.727   -11.450 1.00 33.70  ? 500 TSA A C6  1 
HETATM 1521 O O7  . TSA C 2 .   ? -11.071 5.109   -12.993 1.00 32.90  ? 500 TSA A O7  1 
HETATM 1522 C C8  . TSA C 2 .   ? -11.786 4.305   -12.047 1.00 33.66  ? 500 TSA A C8  1 
HETATM 1523 C C9  . TSA C 2 .   ? -10.971 4.072   -10.777 1.00 29.99  ? 500 TSA A C9  1 
HETATM 1524 C C10 . TSA C 2 .   ? -9.510  4.713   -9.069  1.00 32.05  ? 500 TSA A C10 1 
HETATM 1525 O O1  . TSA C 2 .   ? -8.399  4.198   -9.267  1.00 32.04  ? 500 TSA A O1  1 
HETATM 1526 O O2  . TSA C 2 .   ? -10.071 4.683   -7.960  1.00 32.31  ? 500 TSA A O2  1 
HETATM 1527 C C11 . TSA C 2 .   ? -13.145 4.914   -11.705 1.00 36.08  ? 500 TSA A C11 1 
HETATM 1528 O O3  . TSA C 2 .   ? -13.682 4.761   -10.590 1.00 36.14  ? 500 TSA A O3  1 
HETATM 1529 O O4  . TSA C 2 .   ? -13.612 5.671   -12.568 1.00 39.20  ? 500 TSA A O4  1 
HETATM 1530 H H2  . TSA C 2 .   ? -11.281 6.687   -8.829  1.00 15.00  ? 500 TSA A H2  1 
HETATM 1531 H H3  . TSA C 2 .   ? -12.243 8.136   -10.598 1.00 15.00  ? 500 TSA A H3  1 
HETATM 1532 H H4  . TSA C 2 .   ? -11.794 7.612   -12.963 1.00 15.00  ? 500 TSA A H4  1 
HETATM 1533 H HO5 . TSA C 2 .   ? -10.316 9.149   -11.716 1.00 15.00  ? 500 TSA A HO5 1 
HETATM 1534 H H5  . TSA C 2 .   ? -9.599  6.387   -13.531 1.00 15.00  ? 500 TSA A H5  1 
HETATM 1535 H H61 . TSA C 2 .   ? -8.600  4.964   -11.726 1.00 15.00  ? 500 TSA A H61 1 
HETATM 1536 H H62 . TSA C 2 .   ? -8.664  6.530   -11.130 1.00 15.00  ? 500 TSA A H62 1 
HETATM 1537 H H8  . TSA C 2 .   ? -12.024 3.359   -12.526 1.00 15.00  ? 500 TSA A H8  1 
HETATM 1538 H H91 . TSA C 2 .   ? -11.568 3.617   -10.000 1.00 15.00  ? 500 TSA A H91 1 
HETATM 1539 H H92 . TSA C 2 .   ? -10.282 3.252   -10.957 1.00 15.00  ? 500 TSA A H92 1 
HETATM 1540 C C1  . TSA D 2 .   ? 11.159  -2.805  7.384   1.00 27.89  ? 501 TSA B C1  1 
HETATM 1541 C C2  . TSA D 2 .   ? 12.408  -3.569  6.833   1.00 30.44  ? 501 TSA B C2  1 
HETATM 1542 C C3  . TSA D 2 .   ? 13.697  -3.298  7.209   1.00 28.20  ? 501 TSA B C3  1 
HETATM 1543 C C4  . TSA D 2 .   ? 14.086  -2.142  8.126   1.00 26.10  ? 501 TSA B C4  1 
HETATM 1544 O O5  . TSA D 2 .   ? 14.794  -1.222  7.356   1.00 28.11  ? 501 TSA B O5  1 
HETATM 1545 C C5  . TSA D 2 .   ? 12.849  -1.404  8.665   1.00 28.08  ? 501 TSA B C5  1 
HETATM 1546 C C6  . TSA D 2 .   ? 11.658  -1.358  7.638   1.00 26.07  ? 501 TSA B C6  1 
HETATM 1547 O O7  . TSA D 2 .   ? 12.380  -2.026  9.838   1.00 29.00  ? 501 TSA B O7  1 
HETATM 1548 C C8  . TSA D 2 .   ? 11.599  -3.235  9.874   1.00 28.01  ? 501 TSA B C8  1 
HETATM 1549 C C9  . TSA D 2 .   ? 10.556  -3.341  8.719   1.00 26.77  ? 501 TSA B C9  1 
HETATM 1550 C C10 . TSA D 2 .   ? 9.970   -2.912  6.400   1.00 27.53  ? 501 TSA B C10 1 
HETATM 1551 O O1  . TSA D 2 .   ? 9.298   -1.893  6.180   1.00 26.24  ? 501 TSA B O1  1 
HETATM 1552 O O2  . TSA D 2 .   ? 9.665   -4.021  5.922   1.00 28.36  ? 501 TSA B O2  1 
HETATM 1553 C C11 . TSA D 2 .   ? 12.494  -4.505  9.984   1.00 28.38  ? 501 TSA B C11 1 
HETATM 1554 O O3  . TSA D 2 .   ? 11.993  -5.607  9.694   1.00 31.21  ? 501 TSA B O3  1 
HETATM 1555 O O4  . TSA D 2 .   ? 13.692  -4.385  10.306  1.00 28.82  ? 501 TSA B O4  1 
HETATM 1556 H H2  . TSA D 2 .   ? 12.190  -4.365  6.133   1.00 15.00  ? 501 TSA B H2  1 
HETATM 1557 H H3  . TSA D 2 .   ? 14.493  -3.967  6.937   1.00 15.00  ? 501 TSA B H3  1 
HETATM 1558 H H4  . TSA D 2 .   ? 14.734  -2.478  8.940   1.00 15.00  ? 501 TSA B H4  1 
HETATM 1559 H HO5 . TSA D 2 .   ? 14.934  -1.654  6.504   1.00 15.00  ? 501 TSA B HO5 1 
HETATM 1560 H H5  . TSA D 2 .   ? 13.144  -0.398  8.950   1.00 15.00  ? 501 TSA B H5  1 
HETATM 1561 H H61 . TSA D 2 .   ? 10.880  -0.702  7.947   1.00 15.00  ? 501 TSA B H61 1 
HETATM 1562 H H62 . TSA D 2 .   ? 11.963  -0.910  6.694   1.00 15.00  ? 501 TSA B H62 1 
HETATM 1563 H H8  . TSA D 2 .   ? 11.076  -3.236  10.819  1.00 15.00  ? 501 TSA B H8  1 
HETATM 1564 H H91 . TSA D 2 .   ? 10.218  -4.360  8.593   1.00 15.00  ? 501 TSA B H91 1 
HETATM 1565 H H92 . TSA D 2 .   ? 9.624   -2.838  8.969   1.00 15.00  ? 501 TSA B H92 1 
HETATM 1566 O O   . HOH E 3 .   ? -12.616 5.344   -0.380  1.00 44.47  ? 401 HOH A O   1 
HETATM 1567 O O   . HOH E 3 .   ? -1.972  -7.034  -13.004 1.00 57.52  ? 402 HOH A O   1 
HETATM 1568 O O   . HOH E 3 .   ? -6.740  0.245   -9.856  1.00 40.64  ? 403 HOH A O   1 
HETATM 1569 O O   . HOH E 3 .   ? -2.976  10.342  -9.339  1.00 76.73  ? 404 HOH A O   1 
HETATM 1570 O O   . HOH E 3 .   ? 1.975   0.893   6.395   1.00 23.90  ? 406 HOH A O   1 
HETATM 1571 O O   . HOH E 3 .   ? 5.663   7.146   2.953   1.00 44.08  ? 408 HOH A O   1 
HETATM 1572 O O   . HOH E 3 .   ? -15.796 11.266  4.076   1.00 83.74  ? 410 HOH A O   1 
HETATM 1573 O O   . HOH E 3 .   ? 0.067   -14.497 3.338   1.00 37.22  ? 413 HOH A O   1 
HETATM 1574 O O   . HOH E 3 .   ? -3.841  0.063   -9.610  1.00 27.00  ? 414 HOH A O   1 
HETATM 1575 O O   . HOH E 3 .   ? -12.827 4.400   -7.976  1.00 34.40  ? 416 HOH A O   1 
HETATM 1576 O O   . HOH E 3 .   ? -3.191  13.765  9.253   1.00 48.80  ? 417 HOH A O   1 
HETATM 1577 O O   . HOH E 3 .   ? -1.463  0.774   -25.840 1.00 67.23  ? 421 HOH A O   1 
HETATM 1578 O O   . HOH E 3 .   ? -10.695 -8.102  -15.431 1.00 64.17  ? 422 HOH A O   1 
HETATM 1579 O O   . HOH E 3 .   ? -6.060  10.312  7.494   1.00 52.57  ? 425 HOH A O   1 
HETATM 1580 O O   . HOH E 3 .   ? -2.329  -15.011 -3.948  1.00 103.98 ? 426 HOH A O   1 
HETATM 1581 O O   . HOH E 3 .   ? 10.550  -12.926 6.668   1.00 80.61  ? 428 HOH A O   1 
HETATM 1582 O O   . HOH E 3 .   ? -1.131  -12.352 18.271  1.00 79.41  ? 431 HOH A O   1 
HETATM 1583 O O   . HOH E 3 .   ? -7.769  -10.955 -3.506  1.00 69.76  ? 432 HOH A O   1 
HETATM 1584 O O   . HOH E 3 .   ? -4.485  -8.090  -12.323 1.00 53.98  ? 433 HOH A O   1 
HETATM 1585 O O   . HOH E 3 .   ? -4.966  10.098  12.771  1.00 60.78  ? 436 HOH A O   1 
HETATM 1586 O O   . HOH E 3 .   ? 7.404   11.424  4.494   1.00 62.86  ? 437 HOH A O   1 
HETATM 1587 O O   . HOH E 3 .   ? 1.481   -15.103 -2.929  1.00 48.12  ? 438 HOH A O   1 
HETATM 1588 O O   . HOH E 3 .   ? 0.205   -13.119 -2.899  1.00 49.21  ? 439 HOH A O   1 
HETATM 1589 O O   . HOH E 3 .   ? 5.347   -15.742 13.337  1.00 65.20  ? 441 HOH A O   1 
HETATM 1590 O O   . HOH E 3 .   ? 6.006   -15.232 5.791   1.00 45.92  ? 442 HOH A O   1 
HETATM 1591 O O   . HOH E 3 .   ? 9.814   -17.718 6.355   1.00 43.66  ? 449 HOH A O   1 
HETATM 1592 O O   . HOH E 3 .   ? 2.117   -16.246 3.433   1.00 60.90  ? 450 HOH A O   1 
HETATM 1593 O O   . HOH E 3 .   ? 0.021   -11.458 9.131   1.00 53.29  ? 451 HOH A O   1 
HETATM 1594 O O   . HOH E 3 .   ? 15.562  -11.790 8.937   1.00 56.93  ? 453 HOH A O   1 
HETATM 1595 O O   . HOH E 3 .   ? 3.897   -16.687 5.532   1.00 47.73  ? 457 HOH A O   1 
HETATM 1596 O O   . HOH E 3 .   ? -5.833  -11.448 -6.855  1.00 64.91  ? 458 HOH A O   1 
HETATM 1597 O O   . HOH E 3 .   ? -0.017  0.128   -15.684 1.00 62.18  ? 459 HOH A O   1 
HETATM 1598 O O   . HOH E 3 .   ? 2.617   9.509   -4.906  1.00 57.89  ? 460 HOH A O   1 
HETATM 1599 O O   . HOH E 3 .   ? -1.428  2.206   12.927  1.00 83.08  ? 461 HOH A O   1 
HETATM 1600 O O   . HOH E 3 .   ? -5.940  13.607  9.342   1.00 56.89  ? 463 HOH A O   1 
HETATM 1601 O O   . HOH E 3 .   ? -11.974 -8.603  -9.276  1.00 63.38  ? 465 HOH A O   1 
HETATM 1602 O O   . HOH E 3 .   ? -5.431  11.667  -7.799  1.00 66.48  ? 466 HOH A O   1 
HETATM 1603 O O   . HOH E 3 .   ? -16.446 11.782  0.518   1.00 74.43  ? 467 HOH A O   1 
HETATM 1604 O O   . HOH E 3 .   ? 3.026   7.895   -14.590 1.00 35.91  ? 468 HOH A O   1 
HETATM 1605 O O   . HOH E 3 .   ? 7.809   -8.574  3.204   1.00 33.16  ? 471 HOH A O   1 
HETATM 1606 O O   . HOH E 3 .   ? -2.681  9.871   -13.922 1.00 66.61  ? 472 HOH A O   1 
HETATM 1607 O O   . HOH E 3 .   ? -0.468  5.618   -23.985 1.00 69.66  ? 473 HOH A O   1 
HETATM 1608 O O   . HOH F 3 .   ? 10.187  -6.421  7.228   1.00 27.76  ? 405 HOH B O   1 
HETATM 1609 O O   . HOH F 3 .   ? 8.405   -9.880  1.048   1.00 35.89  ? 409 HOH B O   1 
HETATM 1610 O O   . HOH F 3 .   ? 7.189   -8.136  -10.547 1.00 31.94  ? 411 HOH B O   1 
HETATM 1611 O O   . HOH F 3 .   ? -3.151  -1.868  -7.903  1.00 24.09  ? 412 HOH B O   1 
HETATM 1612 O O   . HOH F 3 .   ? 11.063  -7.960  -13.952 1.00 49.70  ? 415 HOH B O   1 
HETATM 1613 O O   . HOH F 3 .   ? 20.259  -8.887  0.815   1.00 52.40  ? 418 HOH B O   1 
HETATM 1614 O O   . HOH F 3 .   ? 8.099   -2.854  -14.539 1.00 34.21  ? 419 HOH B O   1 
HETATM 1615 O O   . HOH F 3 .   ? 8.404   -6.916  -14.213 1.00 61.45  ? 420 HOH B O   1 
HETATM 1616 O O   . HOH F 3 .   ? 14.567  -11.491 5.226   1.00 76.91  ? 423 HOH B O   1 
HETATM 1617 O O   . HOH F 3 .   ? -12.356 0.799   7.819   1.00 69.43  ? 424 HOH B O   1 
HETATM 1618 O O   . HOH F 3 .   ? -12.249 3.859   -2.635  1.00 32.10  ? 427 HOH B O   1 
HETATM 1619 O O   . HOH F 3 .   ? 18.412  -10.124 -2.226  1.00 54.49  ? 429 HOH B O   1 
HETATM 1620 O O   . HOH F 3 .   ? 7.894   6.773   -7.444  1.00 48.62  ? 430 HOH B O   1 
HETATM 1621 O O   . HOH F 3 .   ? 14.732  11.097  9.948   1.00 90.19  ? 434 HOH B O   1 
HETATM 1622 O O   . HOH F 3 .   ? -22.019 -3.146  -2.356  1.00 73.83  ? 435 HOH B O   1 
HETATM 1623 O O   . HOH F 3 .   ? 5.111   8.656   5.692   1.00 54.68  ? 443 HOH B O   1 
HETATM 1624 O O   . HOH F 3 .   ? -7.468  -7.689  7.935   1.00 81.16  ? 444 HOH B O   1 
HETATM 1625 O O   . HOH F 3 .   ? -10.609 -0.202  7.007   1.00 61.39  ? 445 HOH B O   1 
HETATM 1626 O O   . HOH F 3 .   ? 16.852  1.590   17.154  1.00 75.61  ? 446 HOH B O   1 
HETATM 1627 O O   . HOH F 3 .   ? 13.327  0.911   -3.019  1.00 77.09  ? 447 HOH B O   1 
HETATM 1628 O O   . HOH F 3 .   ? 14.038  1.292   17.460  1.00 68.66  ? 448 HOH B O   1 
HETATM 1629 O O   . HOH F 3 .   ? -6.233  -2.451  11.124  1.00 61.09  ? 452 HOH B O   1 
HETATM 1630 O O   . HOH F 3 .   ? 14.289  -12.777 -1.060  1.00 60.36  ? 454 HOH B O   1 
HETATM 1631 O O   . HOH F 3 .   ? 19.594  3.123   11.058  1.00 61.45  ? 455 HOH B O   1 
HETATM 1632 O O   . HOH F 3 .   ? 9.773   7.172   -2.810  1.00 68.65  ? 456 HOH B O   1 
HETATM 1633 O O   . HOH F 3 .   ? 9.795   4.682   22.430  1.00 53.83  ? 462 HOH B O   1 
HETATM 1634 O O   . HOH F 3 .   ? 9.232   1.836   23.053  1.00 82.44  ? 464 HOH B O   1 
HETATM 1635 O O   . HOH F 3 .   ? 7.576   5.896   -4.742  1.00 37.59  ? 469 HOH B O   1 
HETATM 1636 O O   . HOH F 3 .   ? -3.752  0.754   14.282  1.00 72.84  ? 470 HOH B O   1 
HETATM 1637 O O   . HOH F 3 .   ? -19.409 -3.700  -1.539  1.00 53.44  ? 474 HOH B O   1 
HETATM 1638 O O   . HOH F 3 .   ? 4.473   1.389   7.149   1.00 47.51  ? 475 HOH B O   1 
HETATM 1639 O O   . HOH F 3 .   ? -7.661  -6.326  5.384   1.00 53.40  ? 476 HOH B O   1 
HETATM 1640 O O   . HOH F 3 .   ? 18.673  -6.347  12.722  1.00 65.80  ? 477 HOH B O   1 
HETATM 1641 O O   . HOH F 3 .   ? 17.384  -10.334 5.342   1.00 59.13  ? 478 HOH B O   1 
HETATM 1642 O O   . HOH F 3 .   ? 12.348  3.382   1.041   1.00 44.85  ? 479 HOH B O   1 
# 
